data_3ORS
#
_entry.id   3ORS
#
_cell.length_a   81.302
_cell.length_b   78.207
_cell.length_c   93.039
_cell.angle_alpha   90.00
_cell.angle_beta   113.94
_cell.angle_gamma   90.00
#
_symmetry.space_group_name_H-M   'P 1 21 1'
#
loop_
_entity.id
_entity.type
_entity.pdbx_description
1 polymer 'N5-Carboxyaminoimidazole Ribonucleotide Mutase'
2 non-polymer 'SULFATE ION'
3 water water
#
_entity_poly.entity_id   1
_entity_poly.type   'polypeptide(L)'
_entity_poly.pdbx_seq_one_letter_code
;SNAMKVAVIMGSSSDWKIMQESCNMLDYFEIPYEKQVVSAHRTPKMMVQFASEARERGINIIIAGAGGAAHLPGMVASLT
TLPVIGVPIETKSLKGIDSLLSIVQMPGGIPVATTAIGAAGAKNAGILAARMLSIQNPSLVEKLNQYESSLIQKVEDMQN
ELQ
;
_entity_poly.pdbx_strand_id   A,B,C,D,E,F,G,H
#
loop_
_chem_comp.id
_chem_comp.type
_chem_comp.name
_chem_comp.formula
SO4 non-polymer 'SULFATE ION' 'O4 S -2'
#
# COMPACT_ATOMS: atom_id res chain seq x y z
N ALA A 3 -35.80 25.37 -10.46
CA ALA A 3 -35.44 24.12 -11.19
C ALA A 3 -34.16 23.49 -10.67
N MET A 4 -34.15 22.17 -10.59
CA MET A 4 -32.95 21.43 -10.22
C MET A 4 -31.96 21.34 -11.37
N LYS A 5 -30.67 21.39 -11.04
CA LYS A 5 -29.63 21.21 -12.06
C LYS A 5 -28.32 20.72 -11.45
N VAL A 6 -27.75 19.69 -12.07
CA VAL A 6 -26.46 19.13 -11.67
C VAL A 6 -25.49 19.30 -12.83
N ALA A 7 -24.20 19.52 -12.55
CA ALA A 7 -23.18 19.53 -13.60
C ALA A 7 -22.31 18.30 -13.40
N VAL A 8 -22.06 17.54 -14.47
CA VAL A 8 -21.13 16.41 -14.44
C VAL A 8 -19.89 16.74 -15.29
N ILE A 9 -18.73 16.81 -14.65
CA ILE A 9 -17.52 17.27 -15.35
C ILE A 9 -16.36 16.30 -15.18
N MET A 10 -15.39 16.39 -16.10
CA MET A 10 -14.23 15.50 -16.10
C MET A 10 -13.18 16.15 -16.98
N GLY A 11 -11.92 15.80 -16.77
CA GLY A 11 -10.80 16.41 -17.51
C GLY A 11 -10.55 15.87 -18.91
N SER A 12 -11.16 14.74 -19.24
CA SER A 12 -10.92 14.09 -20.54
C SER A 12 -12.15 13.33 -20.99
N SER A 13 -12.41 13.30 -22.30
CA SER A 13 -13.47 12.44 -22.80
C SER A 13 -13.15 10.96 -22.58
N SER A 14 -11.88 10.64 -22.31
CA SER A 14 -11.52 9.25 -21.94
C SER A 14 -12.18 8.83 -20.62
N ASP A 15 -12.63 9.82 -19.83
CA ASP A 15 -13.29 9.54 -18.55
C ASP A 15 -14.79 9.28 -18.70
N TRP A 16 -15.32 9.51 -19.90
CA TRP A 16 -16.75 9.43 -20.12
C TRP A 16 -17.34 8.04 -19.86
N LYS A 17 -16.59 6.99 -20.21
CA LYS A 17 -17.04 5.61 -19.97
C LYS A 17 -17.42 5.41 -18.49
N ILE A 18 -16.69 6.07 -17.58
CA ILE A 18 -16.99 6.03 -16.15
C ILE A 18 -18.07 7.05 -15.76
N MET A 19 -17.85 8.30 -16.15
CA MET A 19 -18.71 9.40 -15.68
C MET A 19 -20.15 9.35 -16.22
N GLN A 20 -20.36 8.64 -17.33
CA GLN A 20 -21.71 8.42 -17.84
C GLN A 20 -22.60 7.71 -16.82
N GLU A 21 -22.01 6.94 -15.90
CA GLU A 21 -22.77 6.29 -14.82
C GLU A 21 -23.50 7.33 -13.94
N SER A 22 -22.86 8.48 -13.72
CA SER A 22 -23.50 9.56 -12.96
C SER A 22 -24.72 10.08 -13.70
N CYS A 23 -24.52 10.34 -14.99
CA CYS A 23 -25.60 10.82 -15.85
C CYS A 23 -26.75 9.80 -15.96
N ASN A 24 -26.41 8.51 -16.01
CA ASN A 24 -27.44 7.47 -16.07
CA ASN A 24 -27.40 7.43 -16.05
C ASN A 24 -28.38 7.52 -14.87
N MET A 25 -27.81 7.70 -13.67
CA MET A 25 -28.64 7.81 -12.47
C MET A 25 -29.39 9.14 -12.37
N LEU A 26 -28.80 10.21 -12.88
CA LEU A 26 -29.53 11.48 -12.91
C LEU A 26 -30.75 11.35 -13.83
N ASP A 27 -30.57 10.66 -14.94
CA ASP A 27 -31.68 10.36 -15.83
C ASP A 27 -32.75 9.53 -15.14
N TYR A 28 -32.34 8.53 -14.38
CA TYR A 28 -33.28 7.69 -13.65
C TYR A 28 -34.16 8.51 -12.71
N PHE A 29 -33.56 9.49 -12.02
CA PHE A 29 -34.29 10.34 -11.09
C PHE A 29 -34.93 11.57 -11.74
N GLU A 30 -34.77 11.67 -13.06
CA GLU A 30 -35.32 12.79 -13.84
C GLU A 30 -34.78 14.16 -13.38
N ILE A 31 -33.49 14.18 -13.02
CA ILE A 31 -32.84 15.40 -12.56
C ILE A 31 -32.09 16.01 -13.75
N PRO A 32 -32.41 17.28 -14.11
CA PRO A 32 -31.71 17.89 -15.24
C PRO A 32 -30.22 18.07 -14.97
N TYR A 33 -29.40 17.95 -16.01
CA TYR A 33 -27.97 18.12 -15.87
C TYR A 33 -27.34 18.61 -17.15
N GLU A 34 -26.14 19.14 -17.00
CA GLU A 34 -25.24 19.42 -18.10
C GLU A 34 -23.98 18.59 -17.87
N LYS A 35 -23.28 18.30 -18.96
CA LYS A 35 -22.00 17.63 -18.88
C LYS A 35 -20.99 18.37 -19.73
N GLN A 36 -19.74 18.38 -19.27
CA GLN A 36 -18.68 19.14 -19.93
C GLN A 36 -17.33 18.61 -19.57
N VAL A 37 -16.37 18.77 -20.49
CA VAL A 37 -14.97 18.54 -20.19
C VAL A 37 -14.41 19.80 -19.53
N VAL A 38 -13.86 19.64 -18.34
CA VAL A 38 -13.19 20.71 -17.62
C VAL A 38 -11.92 20.11 -17.07
N SER A 39 -10.76 20.51 -17.60
CA SER A 39 -9.48 19.95 -17.17
C SER A 39 -8.74 20.87 -16.21
N ALA A 40 -8.43 20.37 -15.02
CA ALA A 40 -7.70 21.18 -14.02
C ALA A 40 -6.32 21.57 -14.54
N HIS A 41 -5.69 20.71 -15.35
CA HIS A 41 -4.33 20.95 -15.81
C HIS A 41 -4.18 21.48 -17.22
N ARG A 42 -5.10 21.10 -18.10
CA ARG A 42 -5.04 21.60 -19.47
C ARG A 42 -5.84 22.87 -19.69
N THR A 43 -6.87 23.08 -18.85
CA THR A 43 -7.69 24.30 -18.95
C THR A 43 -7.92 24.89 -17.56
N PRO A 44 -6.84 25.20 -16.82
CA PRO A 44 -7.06 25.73 -15.47
C PRO A 44 -7.87 27.02 -15.39
N LYS A 45 -7.70 27.92 -16.35
CA LYS A 45 -8.46 29.17 -16.34
C LYS A 45 -9.92 28.92 -16.62
N MET A 46 -10.23 28.01 -17.54
CA MET A 46 -11.62 27.67 -17.80
C MET A 46 -12.27 26.97 -16.61
N MET A 47 -11.49 26.13 -15.92
CA MET A 47 -11.97 25.51 -14.70
C MET A 47 -12.35 26.56 -13.64
N VAL A 48 -11.50 27.56 -13.49
CA VAL A 48 -11.79 28.65 -12.55
C VAL A 48 -13.12 29.33 -12.93
N GLN A 49 -13.29 29.64 -14.22
CA GLN A 49 -14.53 30.29 -14.67
C GLN A 49 -15.76 29.41 -14.43
N PHE A 50 -15.64 28.15 -14.81
CA PHE A 50 -16.73 27.19 -14.66
C PHE A 50 -17.18 27.10 -13.21
N ALA A 51 -16.23 26.90 -12.31
CA ALA A 51 -16.53 26.73 -10.88
C ALA A 51 -17.08 28.01 -10.29
N SER A 52 -16.46 29.13 -10.66
CA SER A 52 -16.82 30.42 -10.09
CA SER A 52 -16.82 30.43 -10.09
C SER A 52 -18.24 30.83 -10.47
N GLU A 53 -18.64 30.48 -11.68
CA GLU A 53 -19.94 30.89 -12.20
C GLU A 53 -21.05 29.91 -11.91
N ALA A 54 -20.72 28.71 -11.42
CA ALA A 54 -21.68 27.62 -11.43
C ALA A 54 -22.97 27.95 -10.68
N ARG A 55 -22.84 28.52 -9.47
CA ARG A 55 -24.03 28.78 -8.69
C ARG A 55 -24.92 29.81 -9.39
N GLU A 56 -24.29 30.85 -9.94
CA GLU A 56 -25.07 31.91 -10.60
C GLU A 56 -25.80 31.36 -11.83
N ARG A 57 -25.20 30.37 -12.48
CA ARG A 57 -25.80 29.74 -13.66
C ARG A 57 -26.91 28.75 -13.28
N GLY A 58 -27.13 28.59 -11.98
CA GLY A 58 -28.21 27.73 -11.50
C GLY A 58 -27.84 26.29 -11.25
N ILE A 59 -26.55 25.96 -11.25
CA ILE A 59 -26.11 24.62 -10.91
CA ILE A 59 -26.09 24.63 -10.91
C ILE A 59 -26.21 24.47 -9.39
N ASN A 60 -26.76 23.34 -8.94
CA ASN A 60 -26.95 23.08 -7.51
C ASN A 60 -25.85 22.21 -6.91
N ILE A 61 -25.33 21.29 -7.73
CA ILE A 61 -24.33 20.32 -7.31
C ILE A 61 -23.39 20.09 -8.48
N ILE A 62 -22.09 20.01 -8.19
CA ILE A 62 -21.11 19.59 -9.21
C ILE A 62 -20.56 18.19 -8.89
N ILE A 63 -20.66 17.27 -9.87
CA ILE A 63 -20.01 15.96 -9.81
C ILE A 63 -18.77 16.04 -10.72
N ALA A 64 -17.60 15.82 -10.13
CA ALA A 64 -16.34 15.94 -10.87
C ALA A 64 -15.53 14.66 -10.75
N GLY A 65 -15.15 14.10 -11.90
CA GLY A 65 -14.29 12.92 -11.91
C GLY A 65 -12.87 13.26 -12.29
N ALA A 66 -11.90 12.59 -11.69
CA ALA A 66 -10.48 12.80 -12.01
C ALA A 66 -9.64 11.62 -11.56
N GLY A 67 -8.55 11.40 -12.28
CA GLY A 67 -7.62 10.31 -11.99
C GLY A 67 -6.19 10.79 -11.84
N GLY A 68 -5.39 9.99 -11.15
CA GLY A 68 -3.96 10.25 -11.01
C GLY A 68 -3.74 11.34 -9.99
N ALA A 69 -3.05 12.39 -10.42
CA ALA A 69 -2.93 13.61 -9.64
C ALA A 69 -4.27 14.31 -9.82
N ALA A 70 -5.25 13.80 -9.08
CA ALA A 70 -6.65 14.12 -9.29
C ALA A 70 -7.05 15.41 -8.57
N HIS A 71 -6.85 16.53 -9.23
CA HIS A 71 -7.00 17.84 -8.61
C HIS A 71 -8.33 18.50 -8.92
N LEU A 72 -9.02 18.05 -9.97
CA LEU A 72 -10.24 18.71 -10.42
C LEU A 72 -11.31 18.89 -9.32
N PRO A 73 -11.70 17.81 -8.61
CA PRO A 73 -12.77 18.02 -7.62
C PRO A 73 -12.40 19.02 -6.51
N GLY A 74 -11.21 18.92 -5.96
CA GLY A 74 -10.77 19.80 -4.87
C GLY A 74 -10.58 21.22 -5.32
N MET A 75 -10.07 21.40 -6.54
CA MET A 75 -9.92 22.76 -7.05
C MET A 75 -11.25 23.43 -7.35
N VAL A 76 -12.17 22.68 -7.95
CA VAL A 76 -13.51 23.18 -8.17
C VAL A 76 -14.16 23.53 -6.83
N ALA A 77 -14.00 22.65 -5.84
CA ALA A 77 -14.58 22.91 -4.51
C ALA A 77 -14.04 24.17 -3.87
N SER A 78 -12.79 24.54 -4.17
CA SER A 78 -12.16 25.74 -3.62
C SER A 78 -12.68 27.02 -4.25
N LEU A 79 -13.41 26.88 -5.36
CA LEU A 79 -13.79 28.01 -6.20
C LEU A 79 -15.31 28.25 -6.23
N THR A 80 -16.05 27.39 -5.54
CA THR A 80 -17.49 27.52 -5.39
C THR A 80 -17.83 27.23 -3.95
N THR A 81 -19.01 27.67 -3.51
CA THR A 81 -19.54 27.17 -2.22
C THR A 81 -20.67 26.17 -2.42
N LEU A 82 -20.90 25.73 -3.66
CA LEU A 82 -21.74 24.57 -3.91
C LEU A 82 -21.10 23.28 -3.39
N PRO A 83 -21.95 22.30 -3.05
CA PRO A 83 -21.38 20.98 -2.75
C PRO A 83 -20.80 20.34 -4.01
N VAL A 84 -19.59 19.78 -3.87
CA VAL A 84 -18.89 19.09 -4.93
C VAL A 84 -18.69 17.64 -4.53
N ILE A 85 -19.10 16.75 -5.43
CA ILE A 85 -18.91 15.30 -5.29
C ILE A 85 -17.74 14.90 -6.20
N GLY A 86 -16.73 14.28 -5.60
CA GLY A 86 -15.53 13.86 -6.34
C GLY A 86 -15.50 12.37 -6.56
N VAL A 87 -15.34 11.99 -7.83
CA VAL A 87 -15.23 10.59 -8.22
C VAL A 87 -13.78 10.25 -8.63
N PRO A 88 -13.09 9.40 -7.85
CA PRO A 88 -11.74 9.00 -8.25
C PRO A 88 -11.81 8.01 -9.41
N ILE A 89 -11.03 8.25 -10.45
CA ILE A 89 -11.02 7.36 -11.63
C ILE A 89 -9.84 6.42 -11.50
N GLU A 90 -10.06 5.15 -11.86
CA GLU A 90 -9.02 4.14 -11.72
C GLU A 90 -7.85 4.44 -12.63
N THR A 91 -6.65 4.24 -12.09
CA THR A 91 -5.41 4.46 -12.81
C THR A 91 -4.67 3.14 -12.99
N LYS A 92 -3.80 3.08 -14.01
CA LYS A 92 -3.16 1.84 -14.48
C LYS A 92 -1.82 1.50 -13.81
N SER A 93 -1.59 2.02 -12.61
CA SER A 93 -0.42 1.69 -11.81
C SER A 93 -0.77 1.66 -10.33
N LEU A 94 -1.51 2.66 -9.88
CA LEU A 94 -1.84 2.76 -8.46
C LEU A 94 -3.29 2.38 -8.18
N LYS A 95 -3.98 1.93 -9.23
CA LYS A 95 -5.32 1.33 -9.14
C LYS A 95 -6.33 2.32 -8.57
N GLY A 96 -6.13 3.60 -8.86
CA GLY A 96 -6.96 4.65 -8.32
C GLY A 96 -6.67 5.06 -6.89
N ILE A 97 -5.62 4.49 -6.27
CA ILE A 97 -5.20 4.91 -4.93
C ILE A 97 -4.69 6.34 -4.97
N ASP A 98 -3.97 6.68 -6.04
CA ASP A 98 -3.54 8.07 -6.26
C ASP A 98 -4.75 8.99 -6.40
N SER A 99 -5.69 8.61 -7.27
CA SER A 99 -6.92 9.38 -7.47
C SER A 99 -7.66 9.59 -6.14
N LEU A 100 -7.83 8.50 -5.39
CA LEU A 100 -8.57 8.56 -4.14
C LEU A 100 -7.95 9.49 -3.12
N LEU A 101 -6.66 9.33 -2.84
CA LEU A 101 -5.99 10.15 -1.83
C LEU A 101 -5.96 11.63 -2.22
N SER A 102 -5.80 11.90 -3.52
CA SER A 102 -5.78 13.26 -4.09
CA SER A 102 -5.75 13.27 -4.01
C SER A 102 -7.10 13.99 -3.91
N ILE A 103 -8.18 13.23 -3.86
CA ILE A 103 -9.52 13.80 -3.74
C ILE A 103 -9.99 13.82 -2.29
N VAL A 104 -9.87 12.70 -1.59
CA VAL A 104 -10.50 12.60 -0.27
C VAL A 104 -9.76 13.38 0.84
N GLN A 105 -8.45 13.54 0.70
CA GLN A 105 -7.64 14.13 1.77
C GLN A 105 -7.64 15.66 1.78
N MET A 106 -8.74 16.26 1.33
CA MET A 106 -8.86 17.72 1.35
C MET A 106 -8.73 18.30 2.74
N PRO A 107 -8.07 19.46 2.85
CA PRO A 107 -7.80 20.11 4.12
C PRO A 107 -9.07 20.63 4.77
N GLY A 108 -9.05 20.74 6.10
CA GLY A 108 -10.15 21.37 6.82
C GLY A 108 -10.41 22.75 6.25
N GLY A 109 -11.66 23.00 5.86
CA GLY A 109 -12.04 24.27 5.27
C GLY A 109 -12.68 24.13 3.91
N ILE A 110 -12.25 23.13 3.13
CA ILE A 110 -12.73 22.96 1.75
C ILE A 110 -13.07 21.50 1.53
N PRO A 111 -14.37 21.15 1.64
CA PRO A 111 -14.77 19.74 1.55
C PRO A 111 -15.01 19.26 0.12
N VAL A 112 -14.71 17.98 -0.11
CA VAL A 112 -15.21 17.25 -1.29
C VAL A 112 -15.90 15.99 -0.78
N ALA A 113 -17.14 15.79 -1.24
CA ALA A 113 -17.86 14.54 -0.94
C ALA A 113 -17.32 13.46 -1.85
N THR A 114 -16.51 12.55 -1.30
CA THR A 114 -15.82 11.55 -2.13
C THR A 114 -16.57 10.23 -2.19
N THR A 115 -16.70 9.68 -3.40
CA THR A 115 -17.28 8.34 -3.54
C THR A 115 -16.22 7.32 -3.98
N ALA A 116 -16.64 6.09 -4.23
CA ALA A 116 -15.73 4.98 -4.49
C ALA A 116 -14.95 5.19 -5.77
N ILE A 117 -13.83 4.48 -5.90
CA ILE A 117 -13.06 4.50 -7.15
C ILE A 117 -13.89 3.91 -8.29
N GLY A 118 -13.90 4.58 -9.43
CA GLY A 118 -14.45 4.00 -10.65
C GLY A 118 -15.95 4.10 -10.86
N ALA A 119 -16.48 3.15 -11.63
CA ALA A 119 -17.88 3.15 -12.00
C ALA A 119 -18.85 3.14 -10.82
N ALA A 120 -18.51 2.39 -9.77
CA ALA A 120 -19.32 2.39 -8.55
C ALA A 120 -19.46 3.80 -8.00
N GLY A 121 -18.36 4.55 -7.99
CA GLY A 121 -18.37 5.90 -7.44
C GLY A 121 -19.11 6.87 -8.32
N ALA A 122 -19.01 6.70 -9.64
CA ALA A 122 -19.76 7.56 -10.54
C ALA A 122 -21.27 7.30 -10.43
N LYS A 123 -21.66 6.04 -10.38
CA LYS A 123 -23.07 5.72 -10.18
C LYS A 123 -23.57 6.32 -8.85
N ASN A 124 -22.76 6.16 -7.81
CA ASN A 124 -23.14 6.64 -6.49
C ASN A 124 -23.16 8.15 -6.38
N ALA A 125 -22.35 8.84 -7.19
CA ALA A 125 -22.40 10.29 -7.22
C ALA A 125 -23.76 10.80 -7.72
N GLY A 126 -24.32 10.13 -8.73
CA GLY A 126 -25.65 10.47 -9.21
C GLY A 126 -26.74 10.26 -8.17
N ILE A 127 -26.66 9.11 -7.49
CA ILE A 127 -27.64 8.78 -6.45
C ILE A 127 -27.49 9.75 -5.27
N LEU A 128 -26.26 10.04 -4.90
CA LEU A 128 -25.99 10.98 -3.81
C LEU A 128 -26.55 12.38 -4.14
N ALA A 129 -26.37 12.82 -5.38
CA ALA A 129 -26.97 14.08 -5.82
C ALA A 129 -28.49 14.09 -5.66
N ALA A 130 -29.14 12.99 -6.03
CA ALA A 130 -30.58 12.85 -5.81
C ALA A 130 -30.94 12.98 -4.32
N ARG A 131 -30.21 12.29 -3.45
CA ARG A 131 -30.46 12.39 -2.00
C ARG A 131 -30.28 13.84 -1.50
N MET A 132 -29.21 14.48 -1.93
CA MET A 132 -28.97 15.88 -1.59
C MET A 132 -30.07 16.81 -2.06
N LEU A 133 -30.52 16.63 -3.28
CA LEU A 133 -31.58 17.50 -3.81
C LEU A 133 -32.93 17.22 -3.18
N SER A 134 -33.12 16.02 -2.62
CA SER A 134 -34.40 15.67 -2.00
C SER A 134 -34.72 16.50 -0.75
N ILE A 135 -33.69 17.10 -0.13
CA ILE A 135 -33.89 17.95 1.04
C ILE A 135 -34.85 19.10 0.75
N GLN A 136 -34.66 19.75 -0.39
CA GLN A 136 -35.48 20.92 -0.75
C GLN A 136 -36.40 20.64 -1.92
N ASN A 137 -36.31 19.44 -2.50
CA ASN A 137 -37.22 19.01 -3.55
C ASN A 137 -37.95 17.73 -3.14
N PRO A 138 -39.07 17.86 -2.40
CA PRO A 138 -39.73 16.69 -1.81
C PRO A 138 -40.23 15.65 -2.81
N SER A 139 -40.44 16.02 -4.08
CA SER A 139 -40.86 15.06 -5.10
C SER A 139 -39.86 13.91 -5.27
N LEU A 140 -38.59 14.18 -4.96
CA LEU A 140 -37.55 13.17 -5.07
C LEU A 140 -37.65 12.07 -4.02
N VAL A 141 -38.31 12.34 -2.90
CA VAL A 141 -38.38 11.35 -1.80
C VAL A 141 -39.11 10.09 -2.27
N GLU A 142 -40.24 10.27 -2.95
CA GLU A 142 -40.97 9.13 -3.53
C GLU A 142 -40.06 8.32 -4.47
N LYS A 143 -39.30 9.01 -5.31
CA LYS A 143 -38.40 8.36 -6.26
C LYS A 143 -37.29 7.60 -5.53
N LEU A 144 -36.81 8.17 -4.44
CA LEU A 144 -35.79 7.48 -3.64
C LEU A 144 -36.34 6.23 -2.92
N ASN A 145 -37.58 6.31 -2.43
CA ASN A 145 -38.26 5.15 -1.86
C ASN A 145 -38.41 4.06 -2.91
N GLN A 146 -38.82 4.43 -4.13
CA GLN A 146 -38.97 3.46 -5.23
C GLN A 146 -37.64 2.83 -5.64
N TYR A 147 -36.57 3.61 -5.58
CA TYR A 147 -35.25 3.06 -5.86
C TYR A 147 -34.86 2.00 -4.83
N GLU A 148 -35.13 2.24 -3.55
CA GLU A 148 -34.95 1.21 -2.51
C GLU A 148 -35.63 -0.09 -2.92
N SER A 149 -36.90 0.00 -3.33
CA SER A 149 -37.64 -1.19 -3.75
C SER A 149 -37.00 -1.87 -4.94
N SER A 150 -36.46 -1.09 -5.87
CA SER A 150 -35.80 -1.67 -7.02
C SER A 150 -34.51 -2.43 -6.62
N LEU A 151 -33.79 -1.92 -5.62
CA LEU A 151 -32.58 -2.59 -5.12
C LEU A 151 -32.93 -3.93 -4.49
N ILE A 152 -34.00 -3.95 -3.69
CA ILE A 152 -34.49 -5.17 -3.06
C ILE A 152 -34.90 -6.19 -4.13
N GLN A 153 -35.59 -5.72 -5.18
CA GLN A 153 -35.98 -6.59 -6.28
C GLN A 153 -34.78 -7.14 -7.04
N LYS A 154 -33.74 -6.32 -7.21
CA LYS A 154 -32.54 -6.76 -7.92
C LYS A 154 -31.86 -7.93 -7.21
N VAL A 155 -31.85 -7.89 -5.87
CA VAL A 155 -31.37 -9.02 -5.08
C VAL A 155 -32.24 -10.25 -5.27
N GLU A 156 -33.56 -10.08 -5.27
CA GLU A 156 -34.44 -11.22 -5.52
C GLU A 156 -34.17 -11.85 -6.88
N ASP A 157 -33.94 -10.99 -7.88
CA ASP A 157 -33.71 -11.47 -9.25
C ASP A 157 -32.39 -12.24 -9.39
N MET A 158 -31.48 -12.04 -8.43
CA MET A 158 -30.18 -12.70 -8.42
C MET A 158 -30.18 -14.07 -7.77
N GLN A 159 -31.25 -14.41 -7.05
CA GLN A 159 -31.26 -15.63 -6.24
C GLN A 159 -31.06 -16.89 -7.08
N ASN A 160 -31.63 -16.92 -8.28
CA ASN A 160 -31.51 -18.13 -9.11
C ASN A 160 -30.17 -18.27 -9.84
N GLU A 161 -29.24 -17.36 -9.58
CA GLU A 161 -27.96 -17.36 -10.30
C GLU A 161 -26.85 -18.10 -9.57
N LEU A 162 -27.15 -18.63 -8.39
CA LEU A 162 -26.12 -19.31 -7.57
C LEU A 162 -26.01 -20.78 -7.95
N GLN A 163 -25.54 -21.04 -9.16
CA GLN A 163 -25.54 -22.41 -9.70
C GLN A 163 -24.19 -23.10 -9.61
N ALA B 3 -14.44 -32.30 28.79
CA ALA B 3 -14.48 -30.83 29.03
C ALA B 3 -14.05 -30.06 27.77
N MET B 4 -14.53 -28.83 27.65
CA MET B 4 -14.01 -27.88 26.67
C MET B 4 -12.58 -27.48 27.01
N LYS B 5 -11.74 -27.27 25.99
CA LYS B 5 -10.40 -26.73 26.22
C LYS B 5 -9.84 -26.02 25.00
N VAL B 6 -9.32 -24.82 25.24
CA VAL B 6 -8.67 -24.03 24.19
C VAL B 6 -7.17 -23.90 24.53
N ALA B 7 -6.31 -23.88 23.51
CA ALA B 7 -4.90 -23.58 23.72
C ALA B 7 -4.61 -22.20 23.15
N VAL B 8 -3.94 -21.36 23.94
CA VAL B 8 -3.52 -20.03 23.49
C VAL B 8 -2.00 -20.04 23.39
N ILE B 9 -1.46 -19.84 22.19
CA ILE B 9 -0.01 -19.93 21.98
C ILE B 9 0.55 -18.71 21.27
N MET B 10 1.86 -18.51 21.39
CA MET B 10 2.54 -17.33 20.83
C MET B 10 4.05 -17.60 20.82
N GLY B 11 4.76 -16.93 19.92
CA GLY B 11 6.20 -17.19 19.73
C GLY B 11 7.11 -16.62 20.80
N SER B 12 6.60 -15.65 21.54
CA SER B 12 7.43 -14.93 22.50
C SER B 12 6.57 -14.41 23.63
N SER B 13 7.18 -14.30 24.81
CA SER B 13 6.51 -13.66 25.93
C SER B 13 6.29 -12.17 25.68
N SER B 14 7.02 -11.60 24.71
CA SER B 14 6.76 -10.22 24.28
C SER B 14 5.34 -10.06 23.72
N ASP B 15 4.73 -11.18 23.29
CA ASP B 15 3.36 -11.17 22.73
C ASP B 15 2.28 -11.30 23.79
N TRP B 16 2.67 -11.53 25.03
CA TRP B 16 1.71 -11.86 26.10
C TRP B 16 0.76 -10.73 26.51
N LYS B 17 1.26 -9.49 26.57
CA LYS B 17 0.40 -8.33 26.87
C LYS B 17 -0.82 -8.28 25.94
N ILE B 18 -0.59 -8.64 24.67
CA ILE B 18 -1.66 -8.70 23.69
C ILE B 18 -2.49 -9.97 23.82
N MET B 19 -1.82 -11.12 23.81
CA MET B 19 -2.52 -12.42 23.78
C MET B 19 -3.32 -12.71 25.04
N GLN B 20 -2.95 -12.09 26.16
CA GLN B 20 -3.76 -12.26 27.37
C GLN B 20 -5.20 -11.79 27.18
N GLU B 21 -5.45 -10.88 26.22
CA GLU B 21 -6.83 -10.49 25.93
C GLU B 21 -7.70 -11.68 25.50
N SER B 22 -7.11 -12.66 24.80
CA SER B 22 -7.83 -13.87 24.44
C SER B 22 -8.22 -14.65 25.68
N CYS B 23 -7.25 -14.81 26.57
CA CYS B 23 -7.45 -15.51 27.84
C CYS B 23 -8.47 -14.81 28.73
N ASN B 24 -8.46 -13.47 28.73
CA ASN B 24 -9.45 -12.71 29.48
C ASN B 24 -10.86 -13.06 29.05
N MET B 25 -11.08 -13.18 27.74
CA MET B 25 -12.41 -13.51 27.23
C MET B 25 -12.79 -14.96 27.47
N LEU B 26 -11.82 -15.87 27.36
CA LEU B 26 -12.07 -17.25 27.73
C LEU B 26 -12.51 -17.36 29.19
N ASP B 27 -11.83 -16.63 30.07
CA ASP B 27 -12.23 -16.58 31.48
C ASP B 27 -13.61 -16.00 31.69
N TYR B 28 -13.95 -14.95 30.93
CA TYR B 28 -15.29 -14.36 30.98
C TYR B 28 -16.39 -15.40 30.68
N PHE B 29 -16.10 -16.33 29.76
CA PHE B 29 -17.06 -17.36 29.37
C PHE B 29 -16.89 -18.68 30.13
N GLU B 30 -15.96 -18.68 31.08
CA GLU B 30 -15.57 -19.89 31.86
C GLU B 30 -15.16 -21.06 30.97
N ILE B 31 -14.41 -20.75 29.90
CA ILE B 31 -13.88 -21.78 29.02
C ILE B 31 -12.47 -22.10 29.48
N PRO B 32 -12.18 -23.36 29.84
CA PRO B 32 -10.83 -23.70 30.27
C PRO B 32 -9.82 -23.56 29.14
N TYR B 33 -8.59 -23.21 29.50
CA TYR B 33 -7.53 -23.11 28.51
C TYR B 33 -6.17 -23.40 29.10
N GLU B 34 -5.23 -23.66 28.18
CA GLU B 34 -3.81 -23.68 28.53
C GLU B 34 -3.11 -22.64 27.67
N LYS B 35 -1.96 -22.18 28.12
CA LYS B 35 -1.16 -21.24 27.36
C LYS B 35 0.29 -21.68 27.31
N GLN B 36 0.94 -21.40 26.19
CA GLN B 36 2.32 -21.84 26.00
C GLN B 36 3.04 -20.94 25.01
N VAL B 37 4.35 -20.82 25.17
CA VAL B 37 5.18 -20.19 24.15
C VAL B 37 5.56 -21.30 23.17
N VAL B 38 5.24 -21.07 21.91
CA VAL B 38 5.55 -21.98 20.79
C VAL B 38 6.06 -21.11 19.65
N SER B 39 7.34 -21.24 19.29
CA SER B 39 7.93 -20.42 18.25
C SER B 39 8.06 -21.21 16.95
N ALA B 40 7.46 -20.70 15.89
CA ALA B 40 7.54 -21.39 14.59
C ALA B 40 8.98 -21.46 14.07
N HIS B 41 9.76 -20.43 14.34
CA HIS B 41 11.09 -20.34 13.77
C HIS B 41 12.22 -20.75 14.70
N ARG B 42 12.06 -20.49 16.01
CA ARG B 42 13.08 -20.88 16.97
C ARG B 42 12.88 -22.29 17.55
N THR B 43 11.63 -22.75 17.59
CA THR B 43 11.34 -24.11 18.04
C THR B 43 10.41 -24.83 17.07
N PRO B 44 10.84 -24.97 15.80
CA PRO B 44 9.92 -25.55 14.81
C PRO B 44 9.47 -26.98 15.14
N LYS B 45 10.36 -27.80 15.71
CA LYS B 45 9.98 -29.18 16.04
C LYS B 45 8.99 -29.24 17.19
N MET B 46 9.13 -28.34 18.17
CA MET B 46 8.14 -28.27 19.23
C MET B 46 6.79 -27.81 18.66
N MET B 47 6.81 -26.89 17.70
CA MET B 47 5.59 -26.44 17.05
CA MET B 47 5.57 -26.46 17.05
C MET B 47 4.87 -27.62 16.36
N VAL B 48 5.62 -28.41 15.59
CA VAL B 48 5.06 -29.56 14.89
C VAL B 48 4.41 -30.53 15.88
N GLN B 49 5.12 -30.81 16.98
CA GLN B 49 4.62 -31.74 17.98
C GLN B 49 3.35 -31.19 18.63
N PHE B 50 3.40 -29.92 19.05
CA PHE B 50 2.26 -29.30 19.70
C PHE B 50 1.01 -29.35 18.82
N ALA B 51 1.16 -28.91 17.58
CA ALA B 51 0.03 -28.91 16.65
C ALA B 51 -0.53 -30.31 16.39
N SER B 52 0.37 -31.28 16.14
CA SER B 52 -0.01 -32.64 15.76
C SER B 52 -0.72 -33.37 16.88
N GLU B 53 -0.33 -33.08 18.12
CA GLU B 53 -0.84 -33.80 19.28
C GLU B 53 -1.95 -33.10 20.05
N ALA B 54 -2.30 -31.88 19.66
CA ALA B 54 -3.25 -31.08 20.43
C ALA B 54 -4.62 -31.76 20.54
N ARG B 55 -5.15 -32.26 19.42
CA ARG B 55 -6.51 -32.80 19.44
C ARG B 55 -6.65 -34.06 20.28
N GLU B 56 -5.68 -34.97 20.17
CA GLU B 56 -5.76 -36.23 20.94
C GLU B 56 -5.68 -36.00 22.46
N ARG B 57 -5.06 -34.90 22.86
CA ARG B 57 -4.90 -34.49 24.26
C ARG B 57 -6.15 -33.82 24.81
N GLY B 58 -7.11 -33.49 23.93
CA GLY B 58 -8.33 -32.82 24.39
C GLY B 58 -8.50 -31.34 24.04
N ILE B 59 -7.57 -30.77 23.28
CA ILE B 59 -7.74 -29.39 22.79
C ILE B 59 -8.78 -29.33 21.67
N ASN B 60 -9.67 -28.33 21.75
CA ASN B 60 -10.75 -28.16 20.76
C ASN B 60 -10.46 -27.07 19.72
N ILE B 61 -9.73 -26.05 20.14
CA ILE B 61 -9.41 -24.86 19.31
C ILE B 61 -8.03 -24.38 19.71
N ILE B 62 -7.24 -23.94 18.74
CA ILE B 62 -5.95 -23.28 19.01
C ILE B 62 -6.05 -21.82 18.58
N ILE B 63 -5.72 -20.92 19.50
CA ILE B 63 -5.54 -19.50 19.21
C ILE B 63 -4.04 -19.27 19.17
N ALA B 64 -3.55 -18.74 18.07
CA ALA B 64 -2.12 -18.50 17.88
C ALA B 64 -1.85 -17.09 17.42
N GLY B 65 -0.99 -16.40 18.17
CA GLY B 65 -0.53 -15.05 17.81
C GLY B 65 0.87 -15.02 17.25
N ALA B 66 1.09 -14.18 16.24
CA ALA B 66 2.40 -14.06 15.63
C ALA B 66 2.54 -12.74 14.88
N GLY B 67 3.76 -12.21 14.84
CA GLY B 67 4.03 -10.99 14.10
C GLY B 67 5.11 -11.12 13.05
N GLY B 68 5.15 -10.14 12.17
CA GLY B 68 6.19 -10.07 11.14
C GLY B 68 5.96 -11.11 10.07
N ALA B 69 6.96 -11.96 9.85
CA ALA B 69 6.77 -13.15 9.04
C ALA B 69 6.07 -14.15 9.96
N ALA B 70 4.75 -13.96 10.06
CA ALA B 70 3.94 -14.58 11.06
C ALA B 70 3.44 -15.93 10.54
N HIS B 71 4.25 -16.96 10.77
CA HIS B 71 4.01 -18.29 10.19
C HIS B 71 3.34 -19.25 11.16
N LEU B 72 3.35 -18.91 12.45
CA LEU B 72 2.85 -19.83 13.48
C LEU B 72 1.40 -20.30 13.26
N PRO B 73 0.45 -19.37 13.04
CA PRO B 73 -0.92 -19.89 12.88
C PRO B 73 -1.09 -20.81 11.68
N GLY B 74 -0.47 -20.48 10.55
CA GLY B 74 -0.68 -21.26 9.33
C GLY B 74 0.00 -22.62 9.39
N MET B 75 1.18 -22.66 9.99
CA MET B 75 1.89 -23.93 10.13
C MET B 75 1.19 -24.83 11.16
N VAL B 76 0.71 -24.25 12.26
CA VAL B 76 -0.09 -25.02 13.21
C VAL B 76 -1.34 -25.58 12.50
N ALA B 77 -2.05 -24.74 11.73
CA ALA B 77 -3.25 -25.18 11.02
C ALA B 77 -3.00 -26.34 10.06
N SER B 78 -1.83 -26.34 9.43
CA SER B 78 -1.45 -27.38 8.46
CA SER B 78 -1.47 -27.37 8.45
C SER B 78 -1.25 -28.73 9.13
N LEU B 79 -1.11 -28.71 10.46
CA LEU B 79 -0.74 -29.93 11.19
C LEU B 79 -1.80 -30.45 12.15
N THR B 80 -2.98 -29.87 12.08
CA THR B 80 -4.09 -30.24 12.94
C THR B 80 -5.39 -30.27 12.15
N THR B 81 -6.37 -31.03 12.65
CA THR B 81 -7.72 -30.98 12.10
C THR B 81 -8.60 -30.01 12.88
N LEU B 82 -8.01 -29.39 13.92
CA LEU B 82 -8.73 -28.41 14.73
C LEU B 82 -8.83 -27.05 14.05
N PRO B 83 -9.89 -26.28 14.37
CA PRO B 83 -9.89 -24.87 13.92
C PRO B 83 -8.76 -24.10 14.59
N VAL B 84 -8.09 -23.28 13.80
CA VAL B 84 -7.00 -22.43 14.31
C VAL B 84 -7.36 -20.97 14.04
N ILE B 85 -7.29 -20.16 15.10
CA ILE B 85 -7.55 -18.73 15.03
C ILE B 85 -6.20 -18.02 15.13
N GLY B 86 -5.90 -17.18 14.14
CA GLY B 86 -4.63 -16.48 14.08
C GLY B 86 -4.78 -15.00 14.37
N VAL B 87 -3.97 -14.51 15.31
CA VAL B 87 -3.98 -13.10 15.70
C VAL B 87 -2.71 -12.42 15.18
N PRO B 88 -2.87 -11.44 14.26
CA PRO B 88 -1.68 -10.71 13.79
C PRO B 88 -1.21 -9.74 14.87
N ILE B 89 0.06 -9.85 15.26
CA ILE B 89 0.65 -8.97 16.28
C ILE B 89 1.25 -7.75 15.58
N GLU B 90 0.99 -6.56 16.12
CA GLU B 90 1.48 -5.33 15.51
C GLU B 90 3.00 -5.34 15.51
N THR B 91 3.57 -4.90 14.41
CA THR B 91 5.01 -4.81 14.25
C THR B 91 5.42 -3.35 14.23
N LYS B 92 6.65 -3.09 14.69
CA LYS B 92 7.21 -1.73 14.79
C LYS B 92 7.24 -1.00 13.44
N SER B 93 7.84 -1.62 12.42
CA SER B 93 7.95 -0.94 11.13
C SER B 93 6.64 -0.93 10.37
N LEU B 94 6.07 -2.11 10.15
CA LEU B 94 4.96 -2.23 9.20
C LEU B 94 3.56 -2.27 9.81
N LYS B 95 3.47 -2.02 11.12
CA LYS B 95 2.19 -1.79 11.81
C LYS B 95 1.27 -3.01 11.76
N GLY B 96 1.89 -4.19 11.67
CA GLY B 96 1.15 -5.45 11.60
C GLY B 96 0.62 -5.80 10.22
N ILE B 97 0.97 -5.04 9.18
CA ILE B 97 0.53 -5.39 7.82
C ILE B 97 1.24 -6.65 7.33
N ASP B 98 2.55 -6.76 7.62
CA ASP B 98 3.24 -8.01 7.36
C ASP B 98 2.61 -9.17 8.13
N SER B 99 2.32 -8.96 9.41
CA SER B 99 1.68 -9.98 10.24
C SER B 99 0.37 -10.43 9.64
N LEU B 100 -0.46 -9.45 9.25
CA LEU B 100 -1.78 -9.75 8.71
C LEU B 100 -1.72 -10.56 7.43
N LEU B 101 -0.92 -10.10 6.46
CA LEU B 101 -0.89 -10.78 5.18
C LEU B 101 -0.28 -12.18 5.31
N SER B 102 0.72 -12.33 6.18
CA SER B 102 1.38 -13.62 6.46
CA SER B 102 1.34 -13.64 6.34
CA SER B 102 1.37 -13.62 6.42
C SER B 102 0.44 -14.64 7.07
N ILE B 103 -0.63 -14.16 7.71
CA ILE B 103 -1.59 -15.03 8.38
C ILE B 103 -2.83 -15.27 7.53
N VAL B 104 -3.45 -14.21 7.03
CA VAL B 104 -4.77 -14.34 6.38
C VAL B 104 -4.70 -14.97 5.00
N GLN B 105 -3.60 -14.74 4.27
CA GLN B 105 -3.55 -15.11 2.86
C GLN B 105 -3.22 -16.58 2.57
N MET B 106 -3.74 -17.49 3.39
CA MET B 106 -3.50 -18.91 3.21
C MET B 106 -4.09 -19.37 1.89
N PRO B 107 -3.30 -20.07 1.05
CA PRO B 107 -3.88 -20.65 -0.15
C PRO B 107 -4.95 -21.71 0.17
N GLY B 108 -5.83 -21.95 -0.80
CA GLY B 108 -6.93 -22.92 -0.63
C GLY B 108 -6.44 -24.29 -0.21
N GLY B 109 -7.03 -24.82 0.86
CA GLY B 109 -6.64 -26.13 1.37
C GLY B 109 -6.44 -26.19 2.87
N ILE B 110 -5.76 -25.18 3.43
CA ILE B 110 -5.50 -25.10 4.87
C ILE B 110 -5.99 -23.72 5.38
N PRO B 111 -7.03 -23.69 6.22
CA PRO B 111 -7.60 -22.41 6.66
C PRO B 111 -6.99 -21.88 7.96
N VAL B 112 -6.93 -20.56 8.09
CA VAL B 112 -6.74 -19.92 9.40
C VAL B 112 -7.83 -18.85 9.55
N ALA B 113 -8.54 -18.88 10.68
CA ALA B 113 -9.53 -17.86 11.02
C ALA B 113 -8.79 -16.66 11.55
N THR B 114 -8.73 -15.59 10.75
CA THR B 114 -7.90 -14.44 11.12
C THR B 114 -8.73 -13.31 11.73
N THR B 115 -8.22 -12.74 12.80
CA THR B 115 -8.89 -11.58 13.39
C THR B 115 -8.05 -10.31 13.25
N ALA B 116 -8.51 -9.21 13.84
CA ALA B 116 -7.87 -7.90 13.67
C ALA B 116 -6.45 -7.86 14.22
N ILE B 117 -5.68 -6.88 13.74
CA ILE B 117 -4.34 -6.67 14.26
C ILE B 117 -4.38 -6.28 15.73
N GLY B 118 -3.53 -6.90 16.54
CA GLY B 118 -3.31 -6.46 17.93
C GLY B 118 -4.37 -6.86 18.94
N ALA B 119 -4.55 -6.02 19.96
CA ALA B 119 -5.42 -6.31 21.08
C ALA B 119 -6.87 -6.62 20.69
N ALA B 120 -7.41 -5.88 19.74
CA ALA B 120 -8.78 -6.17 19.27
C ALA B 120 -8.90 -7.58 18.75
N GLY B 121 -7.91 -8.01 17.97
CA GLY B 121 -7.90 -9.36 17.42
C GLY B 121 -7.74 -10.43 18.49
N ALA B 122 -6.90 -10.17 19.48
CA ALA B 122 -6.75 -11.15 20.56
C ALA B 122 -8.04 -11.30 21.37
N LYS B 123 -8.65 -10.17 21.72
CA LYS B 123 -9.94 -10.18 22.39
C LYS B 123 -10.95 -10.95 21.54
N ASN B 124 -11.01 -10.62 20.25
CA ASN B 124 -11.94 -11.31 19.36
C ASN B 124 -11.64 -12.81 19.17
N ALA B 125 -10.38 -13.23 19.28
CA ALA B 125 -10.09 -14.67 19.19
C ALA B 125 -10.77 -15.44 20.31
N GLY B 126 -10.73 -14.89 21.52
CA GLY B 126 -11.42 -15.53 22.64
C GLY B 126 -12.92 -15.60 22.45
N ILE B 127 -13.52 -14.50 21.99
CA ILE B 127 -14.95 -14.48 21.75
C ILE B 127 -15.33 -15.45 20.62
N LEU B 128 -14.53 -15.46 19.57
CA LEU B 128 -14.76 -16.34 18.44
C LEU B 128 -14.67 -17.80 18.90
N ALA B 129 -13.68 -18.12 19.73
CA ALA B 129 -13.55 -19.47 20.29
C ALA B 129 -14.84 -19.86 21.02
N ALA B 130 -15.38 -18.93 21.82
CA ALA B 130 -16.65 -19.16 22.49
C ALA B 130 -17.81 -19.42 21.53
N ARG B 131 -17.91 -18.63 20.46
CA ARG B 131 -18.95 -18.86 19.47
C ARG B 131 -18.78 -20.22 18.80
N MET B 132 -17.53 -20.59 18.48
CA MET B 132 -17.27 -21.90 17.88
C MET B 132 -17.69 -23.03 18.81
N LEU B 133 -17.33 -22.89 20.09
CA LEU B 133 -17.67 -23.91 21.07
C LEU B 133 -19.17 -23.96 21.40
N SER B 134 -19.92 -22.90 21.09
CA SER B 134 -21.35 -22.86 21.41
C SER B 134 -22.19 -23.80 20.53
N ILE B 135 -21.61 -24.29 19.43
CA ILE B 135 -22.30 -25.26 18.59
C ILE B 135 -22.51 -26.55 19.38
N GLN B 136 -21.43 -27.01 20.03
CA GLN B 136 -21.31 -28.28 20.75
C GLN B 136 -21.68 -28.17 22.23
N ASN B 137 -21.58 -26.96 22.75
CA ASN B 137 -21.77 -26.72 24.16
C ASN B 137 -22.83 -25.63 24.36
N PRO B 138 -24.11 -26.04 24.45
CA PRO B 138 -25.25 -25.10 24.46
C PRO B 138 -25.36 -24.13 25.65
N SER B 139 -24.67 -24.40 26.76
CA SER B 139 -24.65 -23.45 27.89
C SER B 139 -23.97 -22.13 27.49
N LEU B 140 -23.16 -22.19 26.45
CA LEU B 140 -22.47 -21.01 25.95
C LEU B 140 -23.38 -20.04 25.24
N VAL B 141 -24.45 -20.53 24.62
CA VAL B 141 -25.38 -19.66 23.91
C VAL B 141 -25.95 -18.61 24.86
N GLU B 142 -26.37 -19.06 26.03
CA GLU B 142 -26.88 -18.15 27.05
C GLU B 142 -25.85 -17.08 27.43
N LYS B 143 -24.60 -17.49 27.60
CA LYS B 143 -23.53 -16.55 27.96
C LYS B 143 -23.26 -15.56 26.83
N LEU B 144 -23.35 -16.05 25.58
CA LEU B 144 -23.17 -15.18 24.43
C LEU B 144 -24.32 -14.18 24.29
N ASN B 145 -25.54 -14.61 24.61
CA ASN B 145 -26.69 -13.68 24.69
C ASN B 145 -26.46 -12.62 25.76
N GLN B 146 -25.97 -13.05 26.93
CA GLN B 146 -25.61 -12.10 27.99
C GLN B 146 -24.54 -11.09 27.54
N TYR B 147 -23.56 -11.57 26.78
CA TYR B 147 -22.50 -10.70 26.29
C TYR B 147 -23.06 -9.65 25.33
N GLU B 148 -23.94 -10.06 24.41
CA GLU B 148 -24.66 -9.12 23.53
C GLU B 148 -25.29 -7.97 24.32
N SER B 149 -26.00 -8.34 25.38
CA SER B 149 -26.68 -7.37 26.23
C SER B 149 -25.69 -6.43 26.90
N SER B 150 -24.54 -6.99 27.32
CA SER B 150 -23.49 -6.17 27.93
C SER B 150 -22.92 -5.12 26.98
N LEU B 151 -22.84 -5.48 25.69
CA LEU B 151 -22.32 -4.54 24.68
C LEU B 151 -23.28 -3.37 24.48
N ILE B 152 -24.58 -3.67 24.50
CA ILE B 152 -25.61 -2.63 24.41
C ILE B 152 -25.50 -1.69 25.63
N GLN B 153 -25.32 -2.26 26.81
CA GLN B 153 -25.21 -1.45 28.02
C GLN B 153 -24.00 -0.51 28.01
N LYS B 154 -22.88 -1.00 27.47
CA LYS B 154 -21.67 -0.20 27.33
C LYS B 154 -21.94 1.04 26.46
N VAL B 155 -22.71 0.87 25.39
CA VAL B 155 -23.04 2.00 24.52
C VAL B 155 -24.01 2.96 25.23
N GLU B 156 -25.03 2.40 25.90
CA GLU B 156 -25.94 3.22 26.70
C GLU B 156 -25.20 4.04 27.76
N ASP B 157 -24.20 3.44 28.38
CA ASP B 157 -23.35 4.13 29.36
C ASP B 157 -22.65 5.34 28.74
N MET B 158 -22.15 5.19 27.52
CA MET B 158 -21.50 6.30 26.80
C MET B 158 -22.51 7.38 26.41
N GLN B 159 -23.70 6.98 26.02
CA GLN B 159 -24.77 7.94 25.71
C GLN B 159 -25.08 8.75 26.96
N ASN B 160 -25.23 8.06 28.09
CA ASN B 160 -25.60 8.70 29.36
C ASN B 160 -24.52 9.60 29.94
N GLU B 161 -23.26 9.20 29.79
CA GLU B 161 -22.11 10.00 30.23
C GLU B 161 -21.96 11.30 29.42
N LEU B 162 -22.43 11.27 28.17
CA LEU B 162 -22.30 12.43 27.28
C LEU B 162 -23.52 13.35 27.26
N GLN B 163 -24.58 12.94 27.99
CA GLN B 163 -25.77 13.78 28.17
C GLN B 163 -25.37 15.13 28.74
N ALA C 3 -28.31 -32.38 13.73
CA ALA C 3 -28.06 -32.20 12.27
C ALA C 3 -27.25 -30.92 12.00
N MET C 4 -26.25 -31.05 11.14
CA MET C 4 -25.38 -29.93 10.81
C MET C 4 -25.94 -29.10 9.66
N LYS C 5 -25.75 -27.79 9.75
N LYS C 5 -25.81 -27.77 9.75
CA LYS C 5 -26.17 -26.88 8.69
CA LYS C 5 -26.16 -26.91 8.61
C LYS C 5 -25.29 -25.64 8.66
C LYS C 5 -25.40 -25.60 8.63
N VAL C 6 -24.89 -25.23 7.46
CA VAL C 6 -24.13 -24.00 7.24
C VAL C 6 -24.91 -23.14 6.27
N ALA C 7 -24.89 -21.82 6.45
CA ALA C 7 -25.45 -20.90 5.46
C ALA C 7 -24.31 -20.17 4.76
N VAL C 8 -24.37 -20.08 3.43
CA VAL C 8 -23.37 -19.37 2.64
C VAL C 8 -24.08 -18.22 1.94
N ILE C 9 -23.67 -17.00 2.27
CA ILE C 9 -24.35 -15.80 1.81
C ILE C 9 -23.38 -14.78 1.23
N MET C 10 -23.93 -13.89 0.40
CA MET C 10 -23.16 -12.89 -0.30
C MET C 10 -24.09 -11.82 -0.82
N GLY C 11 -23.58 -10.61 -1.04
CA GLY C 11 -24.42 -9.49 -1.43
C GLY C 11 -24.85 -9.45 -2.89
N SER C 12 -24.10 -10.13 -3.74
CA SER C 12 -24.38 -10.12 -5.17
C SER C 12 -24.11 -11.48 -5.78
N SER C 13 -24.85 -11.82 -6.83
CA SER C 13 -24.51 -13.04 -7.58
C SER C 13 -23.14 -12.94 -8.25
N SER C 14 -22.60 -11.74 -8.43
CA SER C 14 -21.23 -11.58 -8.94
C SER C 14 -20.21 -12.21 -7.99
N ASP C 15 -20.60 -12.35 -6.72
CA ASP C 15 -19.72 -12.97 -5.73
C ASP C 15 -19.75 -14.49 -5.78
N TRP C 16 -20.76 -15.04 -6.47
CA TRP C 16 -20.96 -16.49 -6.48
C TRP C 16 -19.78 -17.26 -7.11
N LYS C 17 -19.17 -16.72 -8.14
N LYS C 17 -19.17 -16.71 -8.14
CA LYS C 17 -18.04 -17.41 -8.76
CA LYS C 17 -18.03 -17.37 -8.78
C LYS C 17 -16.90 -17.64 -7.78
C LYS C 17 -16.86 -17.58 -7.81
N ILE C 18 -16.88 -16.86 -6.70
CA ILE C 18 -15.93 -17.04 -5.61
C ILE C 18 -16.53 -17.93 -4.52
N MET C 19 -17.70 -17.56 -4.01
CA MET C 19 -18.33 -18.27 -2.88
C MET C 19 -18.73 -19.69 -3.17
N GLN C 20 -18.87 -20.04 -4.46
CA GLN C 20 -19.13 -21.43 -4.83
C GLN C 20 -18.11 -22.41 -4.24
N GLU C 21 -16.86 -21.95 -4.01
CA GLU C 21 -15.85 -22.82 -3.42
C GLU C 21 -16.17 -23.23 -1.99
N SER C 22 -16.89 -22.37 -1.27
CA SER C 22 -17.34 -22.74 0.08
C SER C 22 -18.30 -23.90 -0.01
N CYS C 23 -19.30 -23.77 -0.90
CA CYS C 23 -20.29 -24.82 -1.11
C CYS C 23 -19.66 -26.10 -1.65
N ASN C 24 -18.70 -25.95 -2.55
CA ASN C 24 -18.02 -27.14 -3.09
C ASN C 24 -17.33 -27.95 -1.98
N MET C 25 -16.67 -27.27 -1.04
CA MET C 25 -16.03 -27.99 0.04
C MET C 25 -17.03 -28.56 1.03
N LEU C 26 -18.11 -27.84 1.31
CA LEU C 26 -19.17 -28.38 2.15
C LEU C 26 -19.77 -29.67 1.55
N ASP C 27 -19.99 -29.69 0.24
CA ASP C 27 -20.45 -30.91 -0.43
C ASP C 27 -19.43 -32.02 -0.31
N TYR C 28 -18.15 -31.70 -0.48
CA TYR C 28 -17.11 -32.72 -0.35
C TYR C 28 -17.15 -33.39 1.04
N PHE C 29 -17.38 -32.60 2.08
CA PHE C 29 -17.51 -33.10 3.45
C PHE C 29 -18.90 -33.59 3.84
N GLU C 30 -19.83 -33.52 2.88
CA GLU C 30 -21.21 -33.99 3.08
C GLU C 30 -21.92 -33.21 4.19
N ILE C 31 -21.59 -31.93 4.31
CA ILE C 31 -22.21 -31.04 5.28
C ILE C 31 -23.35 -30.29 4.60
N PRO C 32 -24.58 -30.41 5.14
CA PRO C 32 -25.71 -29.71 4.52
C PRO C 32 -25.55 -28.20 4.59
N TYR C 33 -25.99 -27.52 3.54
CA TYR C 33 -25.96 -26.07 3.53
C TYR C 33 -27.13 -25.48 2.78
N GLU C 34 -27.35 -24.20 3.04
CA GLU C 34 -28.17 -23.36 2.17
C GLU C 34 -27.33 -22.21 1.67
N LYS C 35 -27.71 -21.68 0.51
CA LYS C 35 -26.99 -20.57 -0.10
C LYS C 35 -28.00 -19.50 -0.54
N GLN C 36 -27.63 -18.22 -0.39
CA GLN C 36 -28.56 -17.13 -0.68
C GLN C 36 -27.80 -15.84 -0.93
N VAL C 37 -28.41 -14.96 -1.72
CA VAL C 37 -27.94 -13.58 -1.82
C VAL C 37 -28.57 -12.79 -0.68
N VAL C 38 -27.73 -12.15 0.14
CA VAL C 38 -28.16 -11.30 1.25
C VAL C 38 -27.22 -10.10 1.17
N SER C 39 -27.76 -8.95 0.79
CA SER C 39 -26.93 -7.72 0.70
C SER C 39 -27.07 -6.81 1.92
N ALA C 40 -25.94 -6.52 2.55
CA ALA C 40 -25.95 -5.59 3.69
C ALA C 40 -26.45 -4.20 3.26
N HIS C 41 -26.23 -3.84 1.99
CA HIS C 41 -26.56 -2.48 1.55
C HIS C 41 -27.89 -2.40 0.80
N ARG C 42 -28.15 -3.39 -0.06
CA ARG C 42 -29.40 -3.37 -0.84
C ARG C 42 -30.58 -3.99 -0.11
N THR C 43 -30.32 -4.90 0.82
CA THR C 43 -31.40 -5.57 1.56
C THR C 43 -31.06 -5.58 3.05
N PRO C 44 -30.83 -4.38 3.64
CA PRO C 44 -30.35 -4.35 5.02
C PRO C 44 -31.32 -4.99 6.02
N LYS C 45 -32.62 -4.78 5.83
CA LYS C 45 -33.59 -5.34 6.75
C LYS C 45 -33.67 -6.88 6.64
N MET C 46 -33.53 -7.41 5.43
N MET C 46 -33.50 -7.40 5.43
CA MET C 46 -33.51 -8.86 5.27
CA MET C 46 -33.42 -8.85 5.22
C MET C 46 -32.21 -9.43 5.81
C MET C 46 -32.16 -9.39 5.89
N MET C 47 -31.12 -8.67 5.73
N MET C 47 -31.05 -8.69 5.73
CA MET C 47 -29.88 -9.07 6.39
CA MET C 47 -29.83 -9.09 6.42
C MET C 47 -30.07 -9.21 7.90
C MET C 47 -30.06 -9.22 7.92
N VAL C 48 -30.71 -8.21 8.51
CA VAL C 48 -30.96 -8.22 9.94
C VAL C 48 -31.79 -9.45 10.32
N GLN C 49 -32.82 -9.73 9.53
CA GLN C 49 -33.69 -10.85 9.76
C GLN C 49 -32.93 -12.16 9.63
N PHE C 50 -32.15 -12.28 8.56
CA PHE C 50 -31.42 -13.51 8.31
C PHE C 50 -30.46 -13.83 9.46
N ALA C 51 -29.69 -12.83 9.86
CA ALA C 51 -28.71 -13.02 10.91
C ALA C 51 -29.38 -13.33 12.25
N SER C 52 -30.45 -12.61 12.55
CA SER C 52 -31.17 -12.77 13.81
C SER C 52 -31.80 -14.15 13.95
N GLU C 53 -32.34 -14.67 12.84
CA GLU C 53 -33.08 -15.93 12.87
C GLU C 53 -32.20 -17.19 12.69
N ALA C 54 -30.93 -17.00 12.31
CA ALA C 54 -30.15 -18.13 11.83
C ALA C 54 -30.00 -19.25 12.87
N ARG C 55 -29.63 -18.89 14.09
CA ARG C 55 -29.38 -19.92 15.10
C ARG C 55 -30.62 -20.73 15.45
N GLU C 56 -31.76 -20.05 15.63
CA GLU C 56 -32.99 -20.75 16.02
C GLU C 56 -33.48 -21.69 14.90
N ARG C 57 -33.14 -21.36 13.65
CA ARG C 57 -33.45 -22.18 12.47
C ARG C 57 -32.58 -23.43 12.30
N GLY C 58 -31.54 -23.55 13.13
CA GLY C 58 -30.62 -24.68 13.08
C GLY C 58 -29.37 -24.46 12.24
N ILE C 59 -29.14 -23.21 11.81
CA ILE C 59 -27.86 -22.87 11.21
C ILE C 59 -26.77 -22.88 12.29
N ASN C 60 -25.66 -23.54 12.00
CA ASN C 60 -24.53 -23.62 12.93
C ASN C 60 -23.43 -22.60 12.70
N ILE C 61 -23.23 -22.24 11.44
CA ILE C 61 -22.15 -21.35 11.03
C ILE C 61 -22.65 -20.56 9.83
N ILE C 62 -22.28 -19.28 9.75
CA ILE C 62 -22.56 -18.49 8.57
C ILE C 62 -21.24 -18.13 7.90
N ILE C 63 -21.17 -18.42 6.60
CA ILE C 63 -20.07 -17.97 5.76
C ILE C 63 -20.61 -16.84 4.89
N ALA C 64 -19.98 -15.68 4.97
CA ALA C 64 -20.46 -14.50 4.27
C ALA C 64 -19.32 -13.88 3.45
N GLY C 65 -19.58 -13.66 2.16
CA GLY C 65 -18.63 -12.97 1.30
C GLY C 65 -19.05 -11.54 1.03
N ALA C 66 -18.08 -10.64 0.91
CA ALA C 66 -18.38 -9.25 0.56
C ALA C 66 -17.16 -8.56 -0.06
N GLY C 67 -17.45 -7.60 -0.95
CA GLY C 67 -16.40 -6.79 -1.58
C GLY C 67 -16.49 -5.30 -1.34
N GLY C 68 -15.34 -4.62 -1.43
CA GLY C 68 -15.27 -3.17 -1.33
C GLY C 68 -15.40 -2.73 0.11
N ALA C 69 -16.35 -1.82 0.37
CA ALA C 69 -16.78 -1.49 1.72
C ALA C 69 -17.61 -2.68 2.21
N ALA C 70 -16.88 -3.71 2.61
CA ALA C 70 -17.42 -5.04 2.80
C ALA C 70 -17.96 -5.18 4.21
N HIS C 71 -19.25 -4.94 4.36
CA HIS C 71 -19.89 -4.86 5.67
C HIS C 71 -20.69 -6.08 6.07
N LEU C 72 -21.02 -6.94 5.10
CA LEU C 72 -21.91 -8.07 5.37
C LEU C 72 -21.42 -9.00 6.50
N PRO C 73 -20.15 -9.47 6.47
CA PRO C 73 -19.75 -10.37 7.55
C PRO C 73 -19.82 -9.73 8.93
N GLY C 74 -19.36 -8.50 9.05
CA GLY C 74 -19.30 -7.86 10.36
C GLY C 74 -20.69 -7.53 10.90
N MET C 75 -21.59 -7.11 10.01
CA MET C 75 -22.95 -6.80 10.46
C MET C 75 -23.71 -8.07 10.84
N VAL C 76 -23.54 -9.13 10.04
CA VAL C 76 -24.14 -10.41 10.41
C VAL C 76 -23.59 -10.87 11.76
N ALA C 77 -22.27 -10.81 11.95
CA ALA C 77 -21.68 -11.20 13.24
C ALA C 77 -22.23 -10.44 14.43
N SER C 78 -22.59 -9.19 14.23
CA SER C 78 -23.14 -8.34 15.27
C SER C 78 -24.56 -8.73 15.69
N LEU C 79 -25.21 -9.56 14.88
CA LEU C 79 -26.63 -9.85 15.01
C LEU C 79 -26.92 -11.33 15.30
N THR C 80 -25.86 -12.10 15.51
CA THR C 80 -26.00 -13.54 15.83
C THR C 80 -24.96 -13.93 16.87
N THR C 81 -25.24 -15.00 17.60
CA THR C 81 -24.22 -15.58 18.48
C THR C 81 -23.43 -16.68 17.77
N LEU C 82 -23.83 -17.01 16.54
CA LEU C 82 -23.10 -17.99 15.73
C LEU C 82 -21.75 -17.48 15.28
N PRO C 83 -20.79 -18.40 15.08
CA PRO C 83 -19.55 -17.96 14.46
C PRO C 83 -19.77 -17.60 12.99
N VAL C 84 -19.16 -16.50 12.58
CA VAL C 84 -19.26 -15.98 11.20
C VAL C 84 -17.88 -15.99 10.57
N ILE C 85 -17.81 -16.61 9.40
CA ILE C 85 -16.59 -16.63 8.60
C ILE C 85 -16.76 -15.63 7.47
N GLY C 86 -15.83 -14.68 7.36
CA GLY C 86 -15.89 -13.62 6.35
C GLY C 86 -14.88 -13.83 5.24
N VAL C 87 -15.37 -13.83 4.00
CA VAL C 87 -14.51 -13.99 2.82
C VAL C 87 -14.42 -12.66 2.06
N PRO C 88 -13.22 -12.04 2.03
CA PRO C 88 -13.07 -10.83 1.21
C PRO C 88 -13.07 -11.15 -0.29
N ILE C 89 -13.85 -10.40 -1.06
CA ILE C 89 -13.95 -10.57 -2.51
C ILE C 89 -13.08 -9.54 -3.18
N GLU C 90 -12.27 -10.00 -4.15
CA GLU C 90 -11.40 -9.13 -4.88
C GLU C 90 -12.21 -8.11 -5.64
N THR C 91 -11.74 -6.87 -5.57
CA THR C 91 -12.41 -5.75 -6.19
C THR C 91 -11.61 -5.35 -7.43
N LYS C 92 -12.31 -4.79 -8.42
CA LYS C 92 -11.67 -4.37 -9.69
C LYS C 92 -10.45 -3.47 -9.47
N SER C 93 -10.58 -2.47 -8.61
CA SER C 93 -9.50 -1.51 -8.42
C SER C 93 -8.47 -1.92 -7.38
N LEU C 94 -8.92 -2.07 -6.12
CA LEU C 94 -8.00 -2.26 -5.01
C LEU C 94 -7.65 -3.72 -4.70
N LYS C 95 -8.08 -4.62 -5.58
CA LYS C 95 -7.68 -6.04 -5.54
C LYS C 95 -8.02 -6.72 -4.21
N GLY C 96 -9.08 -6.22 -3.59
CA GLY C 96 -9.56 -6.79 -2.33
C GLY C 96 -8.89 -6.33 -1.04
N ILE C 97 -7.98 -5.36 -1.12
N ILE C 97 -7.97 -5.36 -1.13
CA ILE C 97 -7.40 -4.82 0.11
CA ILE C 97 -7.38 -4.76 0.06
C ILE C 97 -8.44 -4.01 0.89
C ILE C 97 -8.46 -4.04 0.87
N ASP C 98 -9.34 -3.34 0.18
CA ASP C 98 -10.49 -2.70 0.80
C ASP C 98 -11.39 -3.76 1.46
N SER C 99 -11.71 -4.83 0.72
CA SER C 99 -12.54 -5.91 1.26
C SER C 99 -11.90 -6.51 2.51
N LEU C 100 -10.61 -6.83 2.40
CA LEU C 100 -9.91 -7.43 3.52
C LEU C 100 -9.91 -6.58 4.80
N LEU C 101 -9.57 -5.30 4.68
CA LEU C 101 -9.49 -4.44 5.86
C LEU C 101 -10.88 -4.20 6.47
N SER C 102 -11.89 -4.09 5.61
CA SER C 102 -13.29 -3.87 6.03
CA SER C 102 -13.25 -3.84 6.07
C SER C 102 -13.82 -5.04 6.83
N ILE C 103 -13.31 -6.23 6.54
CA ILE C 103 -13.76 -7.45 7.22
C ILE C 103 -12.92 -7.81 8.44
N VAL C 104 -11.59 -7.80 8.29
CA VAL C 104 -10.73 -8.31 9.33
C VAL C 104 -10.61 -7.38 10.55
N GLN C 105 -10.71 -6.07 10.33
CA GLN C 105 -10.38 -5.08 11.38
C GLN C 105 -11.52 -4.80 12.34
N MET C 106 -12.33 -5.81 12.60
CA MET C 106 -13.45 -5.70 13.52
C MET C 106 -12.98 -5.30 14.90
N PRO C 107 -13.75 -4.46 15.60
CA PRO C 107 -13.33 -3.97 16.91
C PRO C 107 -13.45 -5.09 17.94
N GLY C 108 -12.68 -4.99 19.02
CA GLY C 108 -12.81 -5.97 20.10
C GLY C 108 -14.24 -6.01 20.61
N GLY C 109 -14.84 -7.19 20.57
CA GLY C 109 -16.21 -7.37 21.04
C GLY C 109 -17.05 -8.14 20.05
N ILE C 110 -16.81 -7.94 18.76
CA ILE C 110 -17.58 -8.65 17.73
C ILE C 110 -16.61 -9.24 16.71
N PRO C 111 -16.40 -10.57 16.77
CA PRO C 111 -15.41 -11.21 15.91
C PRO C 111 -15.96 -11.65 14.55
N VAL C 112 -15.09 -11.61 13.55
CA VAL C 112 -15.30 -12.32 12.27
C VAL C 112 -14.06 -13.16 11.99
N ALA C 113 -14.27 -14.44 11.67
CA ALA C 113 -13.18 -15.34 11.27
C ALA C 113 -12.86 -15.03 9.82
N THR C 114 -11.76 -14.34 9.54
CA THR C 114 -11.50 -13.86 8.18
C THR C 114 -10.56 -14.82 7.45
N THR C 115 -10.89 -15.14 6.20
CA THR C 115 -9.99 -15.93 5.37
C THR C 115 -9.42 -15.08 4.22
N ALA C 116 -8.65 -15.73 3.35
CA ALA C 116 -7.92 -15.04 2.27
C ALA C 116 -8.82 -14.36 1.27
N ILE C 117 -8.31 -13.34 0.60
CA ILE C 117 -9.02 -12.73 -0.53
C ILE C 117 -9.32 -13.77 -1.62
N GLY C 118 -10.56 -13.81 -2.05
CA GLY C 118 -10.95 -14.56 -3.24
C GLY C 118 -11.20 -16.04 -3.04
N ALA C 119 -11.01 -16.80 -4.13
CA ALA C 119 -11.33 -18.22 -4.15
C ALA C 119 -10.65 -19.01 -3.04
N ALA C 120 -9.39 -18.69 -2.72
CA ALA C 120 -8.68 -19.37 -1.65
C ALA C 120 -9.43 -19.22 -0.33
N GLY C 121 -9.91 -18.02 -0.08
CA GLY C 121 -10.64 -17.74 1.16
C GLY C 121 -12.00 -18.44 1.21
N ALA C 122 -12.68 -18.51 0.08
CA ALA C 122 -13.96 -19.21 0.02
C ALA C 122 -13.81 -20.73 0.23
N LYS C 123 -12.81 -21.32 -0.44
CA LYS C 123 -12.52 -22.73 -0.26
C LYS C 123 -12.19 -22.98 1.22
N ASN C 124 -11.33 -22.13 1.78
CA ASN C 124 -10.94 -22.27 3.17
C ASN C 124 -12.05 -22.03 4.18
N ALA C 125 -13.02 -21.17 3.85
CA ALA C 125 -14.17 -21.02 4.71
C ALA C 125 -14.96 -22.33 4.84
N GLY C 126 -15.10 -23.06 3.73
CA GLY C 126 -15.80 -24.36 3.78
C GLY C 126 -15.02 -25.38 4.59
N ILE C 127 -13.69 -25.39 4.41
CA ILE C 127 -12.85 -26.32 5.16
C ILE C 127 -12.85 -25.95 6.65
N LEU C 128 -12.77 -24.66 6.95
CA LEU C 128 -12.80 -24.19 8.34
C LEU C 128 -14.13 -24.57 9.00
N ALA C 129 -15.23 -24.43 8.25
CA ALA C 129 -16.53 -24.80 8.79
C ALA C 129 -16.55 -26.29 9.16
N ALA C 130 -15.98 -27.13 8.30
CA ALA C 130 -15.88 -28.55 8.61
C ALA C 130 -15.05 -28.80 9.87
N ARG C 131 -13.92 -28.11 10.01
CA ARG C 131 -13.12 -28.26 11.23
C ARG C 131 -13.92 -27.84 12.47
N MET C 132 -14.65 -26.73 12.40
CA MET C 132 -15.47 -26.25 13.51
C MET C 132 -16.55 -27.25 13.88
N LEU C 133 -17.21 -27.81 12.87
CA LEU C 133 -18.28 -28.76 13.09
C LEU C 133 -17.78 -30.11 13.57
N SER C 134 -16.49 -30.38 13.37
CA SER C 134 -15.90 -31.66 13.77
C SER C 134 -15.78 -31.81 15.28
N ILE C 135 -15.85 -30.71 16.01
CA ILE C 135 -15.79 -30.76 17.48
C ILE C 135 -16.96 -31.58 18.04
N GLN C 136 -18.19 -31.24 17.64
CA GLN C 136 -19.43 -31.90 18.10
C GLN C 136 -19.91 -32.99 17.17
N ASN C 137 -19.32 -33.05 15.99
CA ASN C 137 -19.63 -34.09 15.02
C ASN C 137 -18.38 -34.88 14.72
N PRO C 138 -18.06 -35.88 15.57
CA PRO C 138 -16.85 -36.72 15.50
C PRO C 138 -16.57 -37.47 14.18
N SER C 139 -17.62 -37.85 13.44
CA SER C 139 -17.44 -38.58 12.17
C SER C 139 -16.76 -37.73 11.09
N LEU C 140 -16.81 -36.42 11.29
CA LEU C 140 -16.11 -35.48 10.43
C LEU C 140 -14.61 -35.57 10.61
N VAL C 141 -14.13 -35.96 11.78
CA VAL C 141 -12.68 -36.07 11.98
C VAL C 141 -12.05 -37.03 10.96
N GLU C 142 -12.68 -38.19 10.75
CA GLU C 142 -12.20 -39.13 9.73
C GLU C 142 -12.15 -38.51 8.33
N LYS C 143 -13.20 -37.77 7.99
CA LYS C 143 -13.22 -37.11 6.66
C LYS C 143 -12.13 -36.04 6.57
N LEU C 144 -11.86 -35.36 7.69
CA LEU C 144 -10.80 -34.36 7.69
C LEU C 144 -9.43 -35.02 7.53
N ASN C 145 -9.26 -36.19 8.14
CA ASN C 145 -8.02 -36.96 7.96
C ASN C 145 -7.86 -37.42 6.53
N GLN C 146 -8.97 -37.85 5.91
CA GLN C 146 -8.95 -38.24 4.51
C GLN C 146 -8.66 -37.06 3.58
N TYR C 147 -9.15 -35.88 3.95
CA TYR C 147 -8.86 -34.70 3.15
C TYR C 147 -7.36 -34.39 3.22
N GLU C 148 -6.80 -34.45 4.41
CA GLU C 148 -5.36 -34.27 4.55
C GLU C 148 -4.58 -35.27 3.67
N SER C 149 -5.01 -36.53 3.64
CA SER C 149 -4.35 -37.52 2.79
C SER C 149 -4.43 -37.10 1.33
N SER C 150 -5.55 -36.51 0.95
CA SER C 150 -5.75 -36.07 -0.43
C SER C 150 -4.82 -34.91 -0.80
N LEU C 151 -4.53 -34.04 0.17
CA LEU C 151 -3.59 -32.95 -0.03
C LEU C 151 -2.17 -33.46 -0.27
N ILE C 152 -1.78 -34.50 0.47
CA ILE C 152 -0.47 -35.11 0.29
C ILE C 152 -0.40 -35.77 -1.09
N GLN C 153 -1.48 -36.45 -1.48
CA GLN C 153 -1.54 -37.06 -2.80
C GLN C 153 -1.48 -36.02 -3.93
N LYS C 154 -2.13 -34.88 -3.74
CA LYS C 154 -2.12 -33.82 -4.76
C LYS C 154 -0.68 -33.36 -5.03
N VAL C 155 0.10 -33.18 -3.96
CA VAL C 155 1.49 -32.80 -4.13
C VAL C 155 2.30 -33.90 -4.82
N GLU C 156 2.07 -35.16 -4.44
CA GLU C 156 2.73 -36.28 -5.14
C GLU C 156 2.42 -36.27 -6.64
N ASP C 157 1.16 -35.98 -7.00
CA ASP C 157 0.73 -35.95 -8.40
C ASP C 157 1.40 -34.83 -9.19
N MET C 158 1.86 -33.81 -8.48
CA MET C 158 2.51 -32.65 -9.11
C MET C 158 3.98 -32.87 -9.43
N GLN C 159 4.56 -33.94 -8.89
CA GLN C 159 6.00 -34.15 -8.97
C GLN C 159 6.49 -34.34 -10.40
N ASN C 160 5.66 -34.92 -11.27
CA ASN C 160 6.07 -35.12 -12.66
C ASN C 160 5.64 -33.99 -13.59
N GLU C 161 5.27 -32.85 -13.00
CA GLU C 161 4.77 -31.69 -13.77
C GLU C 161 5.81 -30.56 -13.86
N LEU C 162 7.02 -30.86 -13.43
CA LEU C 162 8.11 -29.88 -13.52
C LEU C 162 8.90 -30.12 -14.80
N GLN C 163 8.17 -30.11 -15.92
CA GLN C 163 8.72 -30.48 -17.22
C GLN C 163 9.80 -29.50 -17.70
N ALA D 3 31.18 -32.61 -4.53
CA ALA D 3 30.33 -32.08 -5.65
C ALA D 3 29.35 -31.02 -5.14
N MET D 4 29.15 -29.97 -5.93
CA MET D 4 28.13 -28.96 -5.62
C MET D 4 26.72 -29.51 -5.85
N LYS D 5 25.77 -29.03 -5.05
CA LYS D 5 24.36 -29.38 -5.27
C LYS D 5 23.43 -28.34 -4.66
N VAL D 6 22.45 -27.91 -5.46
CA VAL D 6 21.39 -27.02 -5.03
C VAL D 6 20.06 -27.78 -5.08
N ALA D 7 19.11 -27.37 -4.25
CA ALA D 7 17.75 -27.87 -4.33
C ALA D 7 16.84 -26.70 -4.70
N VAL D 8 15.94 -26.93 -5.67
CA VAL D 8 14.95 -25.92 -6.05
C VAL D 8 13.59 -26.50 -5.73
N ILE D 9 12.89 -25.89 -4.79
CA ILE D 9 11.61 -26.41 -4.31
C ILE D 9 10.51 -25.34 -4.39
N MET D 10 9.26 -25.79 -4.42
CA MET D 10 8.10 -24.89 -4.54
C MET D 10 6.87 -25.64 -4.06
N GLY D 11 5.89 -24.89 -3.55
CA GLY D 11 4.68 -25.52 -3.01
C GLY D 11 3.74 -26.16 -4.01
N SER D 12 3.82 -25.73 -5.28
CA SER D 12 2.90 -26.21 -6.31
C SER D 12 3.59 -26.22 -7.64
N SER D 13 3.20 -27.16 -8.51
CA SER D 13 3.68 -27.12 -9.88
C SER D 13 3.18 -25.89 -10.66
N SER D 14 2.15 -25.22 -10.14
N SER D 14 2.16 -25.22 -10.14
CA SER D 14 1.71 -23.96 -10.70
CA SER D 14 1.71 -23.96 -10.70
C SER D 14 2.84 -22.94 -10.69
C SER D 14 2.78 -22.87 -10.60
N ASP D 15 3.75 -23.09 -9.72
CA ASP D 15 4.91 -22.19 -9.57
C ASP D 15 6.05 -22.48 -10.55
N TRP D 16 5.94 -23.58 -11.29
CA TRP D 16 7.05 -24.04 -12.13
C TRP D 16 7.44 -23.09 -13.26
N LYS D 17 6.47 -22.45 -13.90
N LYS D 17 6.46 -22.46 -13.90
CA LYS D 17 6.79 -21.56 -15.03
CA LYS D 17 6.78 -21.55 -15.00
C LYS D 17 7.67 -20.38 -14.58
C LYS D 17 7.77 -20.51 -14.52
N ILE D 18 7.55 -20.02 -13.30
CA ILE D 18 8.46 -19.05 -12.67
C ILE D 18 9.74 -19.72 -12.16
N MET D 19 9.62 -20.76 -11.33
CA MET D 19 10.78 -21.32 -10.66
C MET D 19 11.76 -22.01 -11.59
N GLN D 20 11.30 -22.43 -12.76
CA GLN D 20 12.22 -23.01 -13.76
C GLN D 20 13.36 -22.03 -14.13
N GLU D 21 13.15 -20.73 -13.94
CA GLU D 21 14.23 -19.77 -14.22
C GLU D 21 15.43 -19.98 -13.28
N SER D 22 15.19 -20.45 -12.06
CA SER D 22 16.29 -20.77 -11.14
C SER D 22 17.09 -21.91 -11.72
N CYS D 23 16.39 -22.96 -12.12
CA CYS D 23 17.03 -24.13 -12.72
C CYS D 23 17.78 -23.79 -14.01
N ASN D 24 17.21 -22.91 -14.83
CA ASN D 24 17.88 -22.47 -16.08
C ASN D 24 19.24 -21.85 -15.79
N MET D 25 19.31 -20.99 -14.76
CA MET D 25 20.58 -20.39 -14.39
C MET D 25 21.57 -21.38 -13.75
N LEU D 26 21.07 -22.29 -12.92
CA LEU D 26 21.94 -23.33 -12.37
C LEU D 26 22.54 -24.15 -13.51
N ASP D 27 21.73 -24.50 -14.52
CA ASP D 27 22.26 -25.18 -15.70
C ASP D 27 23.29 -24.36 -16.46
N TYR D 28 23.03 -23.07 -16.59
CA TYR D 28 23.98 -22.14 -17.21
C TYR D 28 25.37 -22.20 -16.54
N PHE D 29 25.37 -22.30 -15.21
CA PHE D 29 26.61 -22.33 -14.44
C PHE D 29 27.14 -23.76 -14.17
N GLU D 30 26.44 -24.75 -14.74
N GLU D 30 26.49 -24.75 -14.79
CA GLU D 30 26.80 -26.17 -14.59
CA GLU D 30 26.80 -26.18 -14.57
C GLU D 30 26.77 -26.65 -13.14
C GLU D 30 26.87 -26.53 -13.08
N ILE D 31 25.86 -26.08 -12.35
CA ILE D 31 25.71 -26.45 -10.96
C ILE D 31 24.64 -27.53 -10.89
N PRO D 32 25.00 -28.73 -10.40
CA PRO D 32 23.99 -29.78 -10.27
C PRO D 32 22.86 -29.39 -9.32
N TYR D 33 21.66 -29.84 -9.64
CA TYR D 33 20.52 -29.58 -8.79
C TYR D 33 19.48 -30.67 -8.84
N GLU D 34 18.63 -30.63 -7.82
CA GLU D 34 17.39 -31.40 -7.79
C GLU D 34 16.23 -30.42 -7.69
N LYS D 35 15.08 -30.81 -8.22
CA LYS D 35 13.87 -30.01 -8.13
C LYS D 35 12.72 -30.87 -7.60
N GLN D 36 11.87 -30.27 -6.78
CA GLN D 36 10.82 -31.03 -6.10
C GLN D 36 9.69 -30.10 -5.72
N VAL D 37 8.46 -30.60 -5.74
CA VAL D 37 7.35 -29.92 -5.12
C VAL D 37 7.33 -30.28 -3.63
N VAL D 38 7.39 -29.24 -2.79
CA VAL D 38 7.38 -29.38 -1.34
C VAL D 38 6.48 -28.26 -0.83
N SER D 39 5.33 -28.61 -0.28
CA SER D 39 4.37 -27.63 0.21
C SER D 39 4.44 -27.49 1.71
N ALA D 40 4.64 -26.27 2.20
CA ALA D 40 4.65 -26.03 3.64
C ALA D 40 3.30 -26.39 4.27
N HIS D 41 2.23 -26.25 3.51
CA HIS D 41 0.89 -26.41 4.08
C HIS D 41 0.23 -27.74 3.74
N ARG D 42 0.44 -28.23 2.52
CA ARG D 42 -0.14 -29.50 2.12
C ARG D 42 0.72 -30.68 2.52
N THR D 43 2.04 -30.48 2.62
CA THR D 43 2.95 -31.55 3.02
C THR D 43 3.93 -31.08 4.10
N PRO D 44 3.40 -30.63 5.25
CA PRO D 44 4.29 -30.06 6.26
C PRO D 44 5.30 -31.08 6.79
N LYS D 45 4.89 -32.33 6.98
CA LYS D 45 5.84 -33.31 7.50
C LYS D 45 6.96 -33.61 6.51
N MET D 46 6.60 -33.71 5.24
N MET D 46 6.62 -33.69 5.23
CA MET D 46 7.59 -33.94 4.19
CA MET D 46 7.63 -33.91 4.21
C MET D 46 8.52 -32.74 4.05
C MET D 46 8.57 -32.71 4.11
N MET D 47 7.99 -31.52 4.24
N MET D 47 8.02 -31.52 4.28
CA MET D 47 8.82 -30.33 4.27
CA MET D 47 8.81 -30.30 4.29
C MET D 47 9.86 -30.43 5.39
C MET D 47 9.83 -30.28 5.43
N VAL D 48 9.40 -30.74 6.60
CA VAL D 48 10.28 -30.83 7.76
C VAL D 48 11.40 -31.84 7.50
N GLN D 49 11.05 -33.01 6.94
CA GLN D 49 12.06 -34.02 6.64
C GLN D 49 13.04 -33.54 5.59
N PHE D 50 12.52 -32.94 4.52
CA PHE D 50 13.36 -32.41 3.45
C PHE D 50 14.39 -31.40 3.98
N ALA D 51 13.92 -30.41 4.73
CA ALA D 51 14.79 -29.40 5.30
C ALA D 51 15.80 -30.00 6.26
N SER D 52 15.32 -30.89 7.14
CA SER D 52 16.17 -31.49 8.17
C SER D 52 17.32 -32.31 7.60
N GLU D 53 17.05 -33.03 6.51
CA GLU D 53 18.02 -33.94 5.89
C GLU D 53 18.87 -33.31 4.80
N ALA D 54 18.52 -32.09 4.36
CA ALA D 54 19.16 -31.52 3.17
C ALA D 54 20.69 -31.52 3.24
N ARG D 55 21.25 -31.02 4.35
CA ARG D 55 22.70 -30.94 4.47
C ARG D 55 23.36 -32.34 4.45
N GLU D 56 22.77 -33.27 5.19
CA GLU D 56 23.27 -34.66 5.25
C GLU D 56 23.31 -35.26 3.84
N ARG D 57 22.29 -34.93 3.03
CA ARG D 57 22.16 -35.44 1.67
C ARG D 57 23.09 -34.73 0.67
N GLY D 58 23.85 -33.75 1.11
CA GLY D 58 24.80 -33.08 0.22
C GLY D 58 24.33 -31.81 -0.46
N ILE D 59 23.13 -31.34 -0.09
N ILE D 59 23.13 -31.34 -0.10
CA ILE D 59 22.62 -30.09 -0.64
CA ILE D 59 22.60 -30.09 -0.63
C ILE D 59 23.36 -28.94 0.03
C ILE D 59 23.36 -28.95 0.03
N ASN D 60 23.79 -27.98 -0.78
CA ASN D 60 24.55 -26.82 -0.28
C ASN D 60 23.68 -25.60 -0.03
N ILE D 61 22.66 -25.44 -0.86
CA ILE D 61 21.79 -24.25 -0.85
C ILE D 61 20.39 -24.71 -1.23
N ILE D 62 19.38 -24.15 -0.59
CA ILE D 62 17.99 -24.40 -0.94
C ILE D 62 17.37 -23.13 -1.50
N ILE D 63 16.81 -23.21 -2.71
CA ILE D 63 16.00 -22.13 -3.28
C ILE D 63 14.55 -22.58 -3.15
N ALA D 64 13.71 -21.75 -2.51
CA ALA D 64 12.32 -22.13 -2.25
C ALA D 64 11.42 -21.00 -2.70
N GLY D 65 10.44 -21.32 -3.54
CA GLY D 65 9.44 -20.35 -3.99
C GLY D 65 8.11 -20.57 -3.30
N ALA D 66 7.42 -19.48 -2.97
CA ALA D 66 6.12 -19.57 -2.28
C ALA D 66 5.30 -18.30 -2.49
N GLY D 67 3.98 -18.47 -2.43
CA GLY D 67 3.06 -17.36 -2.68
C GLY D 67 2.03 -17.20 -1.59
N GLY D 68 1.50 -15.97 -1.47
CA GLY D 68 0.45 -15.69 -0.51
C GLY D 68 1.00 -15.59 0.90
N ALA D 69 0.41 -16.36 1.81
CA ALA D 69 0.96 -16.58 3.13
C ALA D 69 2.11 -17.55 2.91
N ALA D 70 3.23 -16.98 2.49
CA ALA D 70 4.34 -17.73 1.92
C ALA D 70 5.27 -18.15 3.05
N HIS D 71 5.16 -19.41 3.48
CA HIS D 71 5.85 -19.90 4.65
C HIS D 71 6.98 -20.87 4.33
N LEU D 72 7.00 -21.39 3.10
CA LEU D 72 7.98 -22.42 2.75
C LEU D 72 9.45 -22.00 3.00
N PRO D 73 9.89 -20.83 2.47
CA PRO D 73 11.31 -20.50 2.69
C PRO D 73 11.67 -20.33 4.16
N GLY D 74 10.84 -19.66 4.94
CA GLY D 74 11.13 -19.37 6.35
C GLY D 74 11.10 -20.63 7.20
N MET D 75 10.16 -21.53 6.90
CA MET D 75 10.10 -22.78 7.65
C MET D 75 11.28 -23.71 7.32
N VAL D 76 11.62 -23.82 6.03
CA VAL D 76 12.79 -24.59 5.64
C VAL D 76 14.05 -24.01 6.32
N ALA D 77 14.18 -22.68 6.29
CA ALA D 77 15.33 -22.03 6.92
C ALA D 77 15.43 -22.31 8.43
N SER D 78 14.29 -22.53 9.08
CA SER D 78 14.26 -22.78 10.52
C SER D 78 14.71 -24.20 10.87
N LEU D 79 14.81 -25.05 9.85
CA LEU D 79 15.03 -26.49 10.03
C LEU D 79 16.33 -26.99 9.40
N THR D 80 17.12 -26.06 8.87
CA THR D 80 18.42 -26.34 8.31
C THR D 80 19.36 -25.23 8.74
N THR D 81 20.66 -25.49 8.69
CA THR D 81 21.62 -24.40 8.87
C THR D 81 22.25 -24.02 7.53
N LEU D 82 21.72 -24.61 6.46
CA LEU D 82 22.10 -24.21 5.08
C LEU D 82 21.53 -22.83 4.74
N PRO D 83 22.19 -22.11 3.82
CA PRO D 83 21.54 -20.88 3.32
C PRO D 83 20.29 -21.23 2.52
N VAL D 84 19.22 -20.47 2.76
CA VAL D 84 17.96 -20.60 2.06
C VAL D 84 17.65 -19.32 1.31
N ILE D 85 17.38 -19.46 0.03
CA ILE D 85 16.97 -18.33 -0.81
C ILE D 85 15.47 -18.45 -1.05
N GLY D 86 14.74 -17.38 -0.73
CA GLY D 86 13.28 -17.35 -0.91
C GLY D 86 12.84 -16.48 -2.07
N VAL D 87 12.02 -17.06 -2.94
CA VAL D 87 11.50 -16.35 -4.10
C VAL D 87 10.00 -16.11 -3.90
N PRO D 88 9.57 -14.84 -3.78
CA PRO D 88 8.14 -14.56 -3.64
C PRO D 88 7.44 -14.76 -4.97
N ILE D 89 6.35 -15.54 -4.97
CA ILE D 89 5.60 -15.79 -6.19
C ILE D 89 4.49 -14.76 -6.30
N GLU D 90 4.29 -14.21 -7.49
CA GLU D 90 3.22 -13.25 -7.72
C GLU D 90 1.86 -13.90 -7.52
N THR D 91 1.05 -13.26 -6.69
CA THR D 91 -0.28 -13.73 -6.37
C THR D 91 -1.30 -12.96 -7.19
N LYS D 92 -2.46 -13.58 -7.39
CA LYS D 92 -3.54 -13.03 -8.23
C LYS D 92 -3.97 -11.65 -7.76
N SER D 93 -4.27 -11.52 -6.46
CA SER D 93 -4.82 -10.28 -5.93
C SER D 93 -3.76 -9.26 -5.59
N LEU D 94 -2.85 -9.62 -4.70
CA LEU D 94 -1.92 -8.66 -4.12
C LEU D 94 -0.56 -8.56 -4.82
N LYS D 95 -0.46 -9.23 -5.98
CA LYS D 95 0.67 -9.09 -6.90
C LYS D 95 2.01 -9.46 -6.25
N GLY D 96 1.95 -10.38 -5.29
CA GLY D 96 3.14 -10.81 -4.57
C GLY D 96 3.60 -9.96 -3.40
N ILE D 97 2.86 -8.90 -3.06
CA ILE D 97 3.20 -8.13 -1.85
C ILE D 97 3.05 -8.97 -0.57
N ASP D 98 2.00 -9.80 -0.54
CA ASP D 98 1.81 -10.76 0.53
C ASP D 98 2.98 -11.75 0.56
N SER D 99 3.35 -12.29 -0.60
CA SER D 99 4.45 -13.25 -0.68
C SER D 99 5.73 -12.62 -0.18
N LEU D 100 6.01 -11.41 -0.64
CA LEU D 100 7.24 -10.74 -0.30
C LEU D 100 7.36 -10.50 1.22
N LEU D 101 6.31 -9.96 1.82
CA LEU D 101 6.39 -9.62 3.24
C LEU D 101 6.50 -10.87 4.10
N SER D 102 5.79 -11.92 3.70
CA SER D 102 5.78 -13.20 4.41
CA SER D 102 5.79 -13.17 4.46
C SER D 102 7.15 -13.87 4.41
N ILE D 103 7.93 -13.61 3.35
CA ILE D 103 9.24 -14.22 3.20
C ILE D 103 10.35 -13.35 3.78
N VAL D 104 10.35 -12.06 3.42
CA VAL D 104 11.49 -11.21 3.78
C VAL D 104 11.53 -10.83 5.27
N GLN D 105 10.36 -10.70 5.93
CA GLN D 105 10.30 -10.15 7.28
C GLN D 105 10.62 -11.14 8.40
N MET D 106 11.52 -12.07 8.12
CA MET D 106 11.95 -13.05 9.11
C MET D 106 12.56 -12.41 10.34
N PRO D 107 12.28 -12.97 11.53
CA PRO D 107 12.78 -12.41 12.78
C PRO D 107 14.29 -12.60 12.90
N GLY D 108 14.94 -11.73 13.67
CA GLY D 108 16.37 -11.94 13.96
C GLY D 108 16.59 -13.33 14.55
N GLY D 109 17.51 -14.08 13.96
CA GLY D 109 17.80 -15.46 14.40
C GLY D 109 17.76 -16.46 13.26
N ILE D 110 16.80 -16.29 12.35
CA ILE D 110 16.63 -17.24 11.24
C ILE D 110 16.52 -16.46 9.93
N PRO D 111 17.60 -16.47 9.12
CA PRO D 111 17.60 -15.67 7.88
C PRO D 111 16.99 -16.36 6.67
N VAL D 112 16.39 -15.57 5.79
CA VAL D 112 16.07 -16.00 4.43
C VAL D 112 16.62 -14.92 3.48
N ALA D 113 17.43 -15.36 2.51
CA ALA D 113 17.90 -14.48 1.44
C ALA D 113 16.80 -14.29 0.41
N THR D 114 16.17 -13.12 0.40
CA THR D 114 15.00 -12.91 -0.45
C THR D 114 15.34 -12.21 -1.76
N THR D 115 14.78 -12.71 -2.84
CA THR D 115 14.93 -12.04 -4.14
C THR D 115 13.61 -11.44 -4.60
N ALA D 116 13.60 -10.87 -5.81
CA ALA D 116 12.47 -10.10 -6.32
C ALA D 116 11.23 -10.97 -6.54
N ILE D 117 10.07 -10.34 -6.59
CA ILE D 117 8.84 -11.05 -6.93
C ILE D 117 8.91 -11.64 -8.34
N GLY D 118 8.55 -12.90 -8.47
CA GLY D 118 8.34 -13.49 -9.80
C GLY D 118 9.58 -13.96 -10.53
N ALA D 119 9.52 -13.90 -11.86
CA ALA D 119 10.58 -14.45 -12.69
C ALA D 119 11.95 -13.83 -12.42
N ALA D 120 11.99 -12.52 -12.18
CA ALA D 120 13.25 -11.85 -11.87
C ALA D 120 13.90 -12.48 -10.64
N GLY D 121 13.09 -12.75 -9.61
CA GLY D 121 13.61 -13.32 -8.36
C GLY D 121 14.04 -14.78 -8.50
N ALA D 122 13.36 -15.52 -9.36
CA ALA D 122 13.72 -16.91 -9.60
C ALA D 122 15.04 -16.99 -10.38
N LYS D 123 15.16 -16.19 -11.43
CA LYS D 123 16.41 -16.14 -12.16
C LYS D 123 17.55 -15.71 -11.24
N ASN D 124 17.30 -14.66 -10.46
CA ASN D 124 18.30 -14.17 -9.53
C ASN D 124 18.65 -15.13 -8.41
N ALA D 125 17.72 -16.02 -8.04
CA ALA D 125 18.04 -17.02 -7.02
C ALA D 125 19.10 -17.99 -7.51
N GLY D 126 19.00 -18.39 -8.79
CA GLY D 126 20.02 -19.25 -9.38
C GLY D 126 21.37 -18.57 -9.49
N ILE D 127 21.37 -17.31 -9.91
CA ILE D 127 22.62 -16.56 -10.00
C ILE D 127 23.22 -16.34 -8.61
N LEU D 128 22.38 -16.00 -7.64
CA LEU D 128 22.83 -15.80 -6.27
C LEU D 128 23.43 -17.09 -5.68
N ALA D 129 22.82 -18.24 -6.01
CA ALA D 129 23.38 -19.51 -5.53
C ALA D 129 24.77 -19.74 -6.13
N ALA D 130 24.95 -19.39 -7.41
CA ALA D 130 26.27 -19.47 -8.06
C ALA D 130 27.29 -18.59 -7.35
N ARG D 131 26.88 -17.35 -7.02
CA ARG D 131 27.80 -16.47 -6.28
C ARG D 131 28.17 -17.02 -4.89
N MET D 132 27.17 -17.55 -4.18
CA MET D 132 27.42 -18.19 -2.89
C MET D 132 28.41 -19.35 -3.00
N LEU D 133 28.19 -20.21 -4.00
CA LEU D 133 29.04 -21.39 -4.19
C LEU D 133 30.45 -21.02 -4.66
N SER D 134 30.60 -19.84 -5.22
CA SER D 134 31.92 -19.40 -5.74
C SER D 134 32.93 -19.14 -4.62
N ILE D 135 32.45 -19.00 -3.39
CA ILE D 135 33.34 -18.78 -2.27
C ILE D 135 34.31 -19.96 -2.12
N GLN D 136 33.76 -21.18 -2.10
CA GLN D 136 34.56 -22.39 -1.88
C GLN D 136 34.72 -23.25 -3.14
N ASN D 137 34.07 -22.85 -4.23
CA ASN D 137 34.28 -23.46 -5.54
C ASN D 137 34.84 -22.43 -6.53
N PRO D 138 36.18 -22.27 -6.55
CA PRO D 138 36.85 -21.24 -7.37
C PRO D 138 36.55 -21.28 -8.88
N SER D 139 36.29 -22.45 -9.44
CA SER D 139 35.96 -22.55 -10.87
C SER D 139 34.75 -21.69 -11.26
N LEU D 140 33.88 -21.42 -10.29
CA LEU D 140 32.71 -20.59 -10.56
C LEU D 140 33.04 -19.11 -10.72
N VAL D 141 34.16 -18.66 -10.17
CA VAL D 141 34.53 -17.24 -10.32
C VAL D 141 34.68 -16.89 -11.80
N GLU D 142 35.41 -17.75 -12.51
CA GLU D 142 35.55 -17.60 -13.96
C GLU D 142 34.22 -17.55 -14.70
N LYS D 143 33.30 -18.44 -14.33
CA LYS D 143 31.98 -18.48 -14.99
C LYS D 143 31.17 -17.21 -14.68
N LEU D 144 31.30 -16.71 -13.46
CA LEU D 144 30.66 -15.45 -13.07
C LEU D 144 31.24 -14.26 -13.82
N ASN D 145 32.56 -14.25 -14.03
CA ASN D 145 33.22 -13.27 -14.88
C ASN D 145 32.67 -13.32 -16.31
N GLN D 146 32.53 -14.53 -16.85
CA GLN D 146 31.93 -14.73 -18.17
C GLN D 146 30.50 -14.19 -18.25
N TYR D 147 29.72 -14.44 -17.20
CA TYR D 147 28.34 -13.97 -17.20
C TYR D 147 28.29 -12.45 -17.22
N GLU D 148 29.12 -11.82 -16.39
CA GLU D 148 29.26 -10.36 -16.34
C GLU D 148 29.54 -9.81 -17.75
N SER D 149 30.51 -10.39 -18.45
CA SER D 149 30.85 -9.95 -19.80
C SER D 149 29.69 -10.13 -20.79
N SER D 150 28.95 -11.22 -20.64
N SER D 150 28.95 -11.21 -20.65
CA SER D 150 27.79 -11.48 -21.49
CA SER D 150 27.81 -11.45 -21.53
C SER D 150 26.70 -10.41 -21.31
C SER D 150 26.67 -10.45 -21.30
N LEU D 151 26.52 -9.96 -20.07
CA LEU D 151 25.52 -8.93 -19.77
C LEU D 151 25.87 -7.63 -20.47
N ILE D 152 27.16 -7.28 -20.45
CA ILE D 152 27.64 -6.10 -21.15
C ILE D 152 27.38 -6.23 -22.66
N GLN D 153 27.70 -7.39 -23.22
CA GLN D 153 27.47 -7.61 -24.66
C GLN D 153 25.99 -7.53 -25.05
N LYS D 154 25.11 -8.01 -24.18
CA LYS D 154 23.66 -7.92 -24.41
C LYS D 154 23.17 -6.47 -24.50
N VAL D 155 23.69 -5.62 -23.63
CA VAL D 155 23.36 -4.19 -23.69
C VAL D 155 23.84 -3.58 -25.00
N GLU D 156 25.08 -3.89 -25.40
N GLU D 156 25.08 -3.89 -25.40
CA GLU D 156 25.63 -3.41 -26.67
CA GLU D 156 25.63 -3.40 -26.67
C GLU D 156 24.78 -3.83 -27.87
C GLU D 156 24.76 -3.82 -27.86
N ASP D 157 24.21 -5.04 -27.79
CA ASP D 157 23.35 -5.56 -28.86
C ASP D 157 21.99 -4.85 -28.93
N MET D 158 21.62 -4.14 -27.87
CA MET D 158 20.33 -3.45 -27.78
C MET D 158 20.36 -2.02 -28.33
N GLN D 159 21.56 -1.49 -28.57
CA GLN D 159 21.71 -0.10 -29.01
C GLN D 159 20.97 0.25 -30.29
N ASN D 160 20.92 -0.69 -31.23
CA ASN D 160 20.20 -0.46 -32.49
C ASN D 160 18.70 -0.79 -32.46
N GLU D 161 18.15 -0.96 -31.25
CA GLU D 161 16.74 -1.34 -31.10
C GLU D 161 15.85 -0.20 -30.59
N LEU D 162 16.35 1.03 -30.67
CA LEU D 162 15.57 2.21 -30.26
C LEU D 162 14.92 2.88 -31.48
N GLN D 163 14.19 2.09 -32.27
CA GLN D 163 13.63 2.57 -33.53
C GLN D 163 12.11 2.59 -33.53
N ALA E 3 41.27 -18.31 4.82
CA ALA E 3 40.89 -17.20 5.76
C ALA E 3 39.70 -16.38 5.26
N MET E 4 38.51 -16.69 5.76
N MET E 4 38.52 -16.68 5.79
CA MET E 4 37.31 -15.99 5.29
CA MET E 4 37.28 -16.00 5.41
C MET E 4 37.18 -14.58 5.88
C MET E 4 37.26 -14.54 5.87
N LYS E 5 36.55 -13.69 5.12
CA LYS E 5 36.43 -12.28 5.47
C LYS E 5 35.12 -11.72 4.89
N VAL E 6 34.41 -10.96 5.71
CA VAL E 6 33.16 -10.35 5.29
C VAL E 6 33.34 -8.84 5.37
N ALA E 7 32.74 -8.11 4.43
CA ALA E 7 32.71 -6.65 4.52
C ALA E 7 31.30 -6.19 4.90
N VAL E 8 31.21 -5.32 5.89
CA VAL E 8 29.94 -4.72 6.31
C VAL E 8 30.01 -3.24 5.96
N ILE E 9 29.14 -2.81 5.05
CA ILE E 9 29.20 -1.42 4.56
C ILE E 9 27.84 -0.73 4.66
N MET E 10 27.86 0.60 4.66
CA MET E 10 26.66 1.43 4.79
C MET E 10 27.00 2.84 4.35
N GLY E 11 26.01 3.61 3.91
CA GLY E 11 26.27 4.94 3.34
C GLY E 11 26.52 6.03 4.36
N SER E 12 26.15 5.78 5.62
CA SER E 12 26.29 6.75 6.70
C SER E 12 26.59 6.05 8.03
N SER E 13 27.34 6.71 8.90
CA SER E 13 27.52 6.22 10.27
C SER E 13 26.23 6.22 11.09
N SER E 14 25.22 6.96 10.60
N SER E 14 25.21 6.95 10.63
CA SER E 14 23.88 6.94 11.20
CA SER E 14 23.90 6.90 11.27
C SER E 14 23.14 5.62 10.93
C SER E 14 23.29 5.52 11.10
N ASP E 15 23.72 4.79 10.06
CA ASP E 15 23.20 3.44 9.78
C ASP E 15 23.81 2.41 10.73
N TRP E 16 24.89 2.80 11.43
CA TRP E 16 25.61 1.91 12.33
C TRP E 16 24.72 1.34 13.43
N LYS E 17 23.75 2.15 13.85
CA LYS E 17 22.72 1.75 14.80
C LYS E 17 22.15 0.35 14.47
N ILE E 18 21.92 0.13 13.17
CA ILE E 18 21.39 -1.10 12.64
C ILE E 18 22.49 -2.09 12.26
N MET E 19 23.46 -1.62 11.46
CA MET E 19 24.47 -2.51 10.89
C MET E 19 25.43 -3.17 11.90
N GLN E 20 25.58 -2.56 13.08
CA GLN E 20 26.40 -3.16 14.14
C GLN E 20 25.91 -4.58 14.49
N GLU E 21 24.61 -4.82 14.30
CA GLU E 21 24.01 -6.14 14.56
C GLU E 21 24.60 -7.21 13.66
N SER E 22 24.97 -6.84 12.42
CA SER E 22 25.65 -7.77 11.52
C SER E 22 27.01 -8.13 12.09
N CYS E 23 27.75 -7.09 12.51
CA CYS E 23 29.09 -7.29 13.05
C CYS E 23 29.04 -8.11 14.33
N ASN E 24 28.04 -7.84 15.16
CA ASN E 24 27.86 -8.62 16.39
C ASN E 24 27.72 -10.11 16.13
N MET E 25 26.93 -10.50 15.12
CA MET E 25 26.77 -11.90 14.79
C MET E 25 28.02 -12.49 14.19
N LEU E 26 28.73 -11.73 13.36
CA LEU E 26 30.00 -12.19 12.82
C LEU E 26 31.01 -12.45 13.95
N ASP E 27 31.10 -11.54 14.91
CA ASP E 27 31.94 -11.79 16.08
C ASP E 27 31.50 -13.04 16.84
N TYR E 28 30.19 -13.23 17.01
CA TYR E 28 29.66 -14.43 17.67
C TYR E 28 30.16 -15.74 17.02
N PHE E 29 30.23 -15.75 15.68
CA PHE E 29 30.70 -16.92 14.94
C PHE E 29 32.20 -16.90 14.66
N GLU E 30 32.89 -15.89 15.20
CA GLU E 30 34.34 -15.72 15.02
C GLU E 30 34.72 -15.63 13.54
N ILE E 31 33.90 -14.91 12.78
CA ILE E 31 34.15 -14.69 11.36
C ILE E 31 34.79 -13.32 11.20
N PRO E 32 36.02 -13.27 10.65
CA PRO E 32 36.69 -11.99 10.44
C PRO E 32 35.91 -11.07 9.50
N TYR E 33 35.96 -9.79 9.81
CA TYR E 33 35.29 -8.81 8.97
C TYR E 33 35.98 -7.46 9.01
N GLU E 34 35.65 -6.64 8.02
CA GLU E 34 35.97 -5.22 8.00
C GLU E 34 34.66 -4.46 7.88
N LYS E 35 34.65 -3.23 8.37
CA LYS E 35 33.47 -2.36 8.23
C LYS E 35 33.92 -1.01 7.67
N GLN E 36 33.08 -0.41 6.84
CA GLN E 36 33.42 0.86 6.17
C GLN E 36 32.16 1.63 5.81
N VAL E 37 32.28 2.95 5.79
CA VAL E 37 31.23 3.80 5.23
C VAL E 37 31.50 3.96 3.73
N VAL E 38 30.52 3.54 2.92
CA VAL E 38 30.56 3.62 1.45
C VAL E 38 29.20 4.10 1.02
N SER E 39 29.13 5.32 0.48
CA SER E 39 27.87 5.91 0.07
C SER E 39 27.67 5.85 -1.44
N ALA E 40 26.57 5.24 -1.87
CA ALA E 40 26.29 5.14 -3.32
C ALA E 40 26.10 6.51 -3.95
N HIS E 41 25.55 7.47 -3.19
CA HIS E 41 25.20 8.75 -3.79
C HIS E 41 26.19 9.84 -3.49
N ARG E 42 26.78 9.82 -2.29
CA ARG E 42 27.78 10.82 -1.90
C ARG E 42 29.21 10.45 -2.32
N THR E 43 29.52 9.17 -2.40
CA THR E 43 30.84 8.72 -2.84
C THR E 43 30.73 7.64 -3.91
N PRO E 44 30.03 7.94 -5.01
CA PRO E 44 29.82 6.90 -6.02
C PRO E 44 31.12 6.31 -6.59
N LYS E 45 32.14 7.14 -6.79
CA LYS E 45 33.40 6.65 -7.35
C LYS E 45 34.12 5.71 -6.38
N MET E 46 34.08 6.02 -5.09
N MET E 46 34.10 6.07 -5.10
CA MET E 46 34.64 5.12 -4.07
CA MET E 46 34.69 5.25 -4.02
C MET E 46 33.86 3.80 -4.05
C MET E 46 33.91 3.95 -3.82
N MET E 47 32.53 3.88 -4.04
N MET E 47 32.63 3.98 -4.18
CA MET E 47 31.72 2.68 -4.16
CA MET E 47 31.81 2.78 -4.13
C MET E 47 32.20 1.80 -5.30
C MET E 47 32.16 1.84 -5.28
N VAL E 48 32.41 2.39 -6.47
CA VAL E 48 32.85 1.62 -7.62
C VAL E 48 34.18 0.92 -7.32
N GLN E 49 35.12 1.65 -6.73
CA GLN E 49 36.41 1.04 -6.40
C GLN E 49 36.24 -0.09 -5.38
N PHE E 50 35.45 0.17 -4.34
CA PHE E 50 35.25 -0.80 -3.28
C PHE E 50 34.65 -2.09 -3.85
N ALA E 51 33.55 -1.94 -4.57
CA ALA E 51 32.85 -3.11 -5.12
C ALA E 51 33.65 -3.89 -6.16
N SER E 52 34.25 -3.19 -7.12
CA SER E 52 34.96 -3.87 -8.20
C SER E 52 36.22 -4.60 -7.69
N GLU E 53 36.82 -4.07 -6.64
CA GLU E 53 38.06 -4.63 -6.08
C GLU E 53 37.84 -5.55 -4.88
N ALA E 54 36.59 -5.68 -4.42
CA ALA E 54 36.31 -6.46 -3.22
C ALA E 54 36.93 -7.86 -3.22
N ARG E 55 36.73 -8.60 -4.30
CA ARG E 55 37.23 -9.95 -4.33
C ARG E 55 38.75 -10.02 -4.30
N GLU E 56 39.42 -9.17 -5.08
CA GLU E 56 40.89 -9.14 -5.05
C GLU E 56 41.42 -8.63 -3.70
N ARG E 57 40.59 -7.88 -2.99
CA ARG E 57 40.91 -7.45 -1.63
C ARG E 57 40.71 -8.53 -0.55
N GLY E 58 40.30 -9.73 -0.96
CA GLY E 58 40.12 -10.84 -0.01
C GLY E 58 38.76 -10.95 0.67
N ILE E 59 37.80 -10.14 0.21
N ILE E 59 37.81 -10.14 0.23
CA ILE E 59 36.45 -10.18 0.73
CA ILE E 59 36.46 -10.19 0.79
C ILE E 59 35.71 -11.37 0.13
C ILE E 59 35.70 -11.34 0.14
N ASN E 60 34.95 -12.09 0.95
CA ASN E 60 34.17 -13.24 0.48
C ASN E 60 32.67 -12.96 0.31
N ILE E 61 32.16 -12.07 1.14
CA ILE E 61 30.73 -11.71 1.20
C ILE E 61 30.64 -10.25 1.56
N ILE E 62 29.71 -9.52 0.95
CA ILE E 62 29.46 -8.12 1.31
C ILE E 62 28.06 -8.01 1.88
N ILE E 63 27.96 -7.41 3.07
CA ILE E 63 26.68 -7.04 3.66
C ILE E 63 26.59 -5.52 3.54
N ALA E 64 25.53 -5.04 2.91
CA ALA E 64 25.36 -3.61 2.66
C ALA E 64 24.01 -3.16 3.17
N GLY E 65 23.98 -2.12 3.99
CA GLY E 65 22.72 -1.55 4.48
C GLY E 65 22.44 -0.23 3.79
N ALA E 66 21.16 0.04 3.51
CA ALA E 66 20.78 1.31 2.88
C ALA E 66 19.30 1.59 3.08
N GLY E 67 18.95 2.87 3.10
CA GLY E 67 17.58 3.31 3.27
C GLY E 67 17.11 4.25 2.19
N GLY E 68 15.79 4.34 2.05
CA GLY E 68 15.16 5.32 1.15
C GLY E 68 15.29 4.84 -0.28
N ALA E 69 15.88 5.69 -1.12
CA ALA E 69 16.32 5.26 -2.45
C ALA E 69 17.61 4.45 -2.21
N ALA E 70 17.41 3.19 -1.83
CA ALA E 70 18.47 2.37 -1.28
C ALA E 70 19.21 1.64 -2.41
N HIS E 71 20.21 2.31 -2.98
CA HIS E 71 20.86 1.81 -4.17
C HIS E 71 22.16 1.09 -3.90
N LEU E 72 22.71 1.26 -2.69
CA LEU E 72 24.04 0.71 -2.40
C LEU E 72 24.14 -0.81 -2.60
N PRO E 73 23.22 -1.60 -2.04
CA PRO E 73 23.45 -3.05 -2.23
C PRO E 73 23.40 -3.50 -3.69
N GLY E 74 22.43 -3.00 -4.46
CA GLY E 74 22.28 -3.39 -5.84
C GLY E 74 23.40 -2.93 -6.75
N MET E 75 23.88 -1.72 -6.51
CA MET E 75 25.00 -1.20 -7.30
C MET E 75 26.30 -1.92 -6.98
N VAL E 76 26.50 -2.20 -5.69
CA VAL E 76 27.66 -3.01 -5.29
C VAL E 76 27.59 -4.39 -5.96
N ALA E 77 26.41 -5.01 -5.94
CA ALA E 77 26.24 -6.33 -6.54
C ALA E 77 26.54 -6.33 -8.03
N SER E 78 26.26 -5.21 -8.70
CA SER E 78 26.46 -5.10 -10.15
C SER E 78 27.92 -5.04 -10.53
N LEU E 79 28.76 -4.73 -9.55
CA LEU E 79 30.17 -4.47 -9.77
C LEU E 79 31.09 -5.58 -9.24
N THR E 80 30.52 -6.64 -8.70
CA THR E 80 31.30 -7.74 -8.10
C THR E 80 30.71 -9.09 -8.48
N THR E 81 31.53 -10.14 -8.38
CA THR E 81 31.01 -11.51 -8.51
C THR E 81 30.69 -12.11 -7.14
N LEU E 82 30.99 -11.37 -6.08
CA LEU E 82 30.71 -11.84 -4.73
C LEU E 82 29.23 -11.78 -4.42
N PRO E 83 28.75 -12.66 -3.54
CA PRO E 83 27.36 -12.55 -3.10
C PRO E 83 27.20 -11.31 -2.21
N VAL E 84 26.13 -10.55 -2.45
CA VAL E 84 25.83 -9.34 -1.69
C VAL E 84 24.51 -9.52 -0.93
N ILE E 85 24.55 -9.26 0.38
CA ILE E 85 23.37 -9.28 1.24
C ILE E 85 22.98 -7.82 1.52
N GLY E 86 21.74 -7.47 1.19
CA GLY E 86 21.23 -6.10 1.34
C GLY E 86 20.27 -5.99 2.51
N VAL E 87 20.55 -5.04 3.41
CA VAL E 87 19.70 -4.80 4.58
C VAL E 87 18.93 -3.49 4.39
N PRO E 88 17.59 -3.55 4.28
CA PRO E 88 16.81 -2.32 4.17
C PRO E 88 16.73 -1.63 5.52
N ILE E 89 17.05 -0.34 5.51
CA ILE E 89 17.03 0.47 6.73
C ILE E 89 15.71 1.20 6.82
N GLU E 90 15.05 1.08 7.98
CA GLU E 90 13.76 1.72 8.22
C GLU E 90 13.83 3.21 7.97
N THR E 91 12.84 3.73 7.26
CA THR E 91 12.78 5.15 7.00
C THR E 91 11.64 5.78 7.80
N LYS E 92 11.88 7.02 8.25
CA LYS E 92 10.95 7.70 9.15
C LYS E 92 9.56 7.88 8.54
N SER E 93 9.52 8.19 7.25
CA SER E 93 8.26 8.35 6.55
C SER E 93 7.65 7.02 6.13
N LEU E 94 8.34 6.28 5.27
CA LEU E 94 7.75 5.12 4.60
C LEU E 94 8.04 3.78 5.27
N LYS E 95 8.57 3.83 6.50
CA LYS E 95 8.75 2.66 7.36
C LYS E 95 9.64 1.58 6.75
N GLY E 96 10.54 2.00 5.87
CA GLY E 96 11.42 1.07 5.16
C GLY E 96 10.85 0.36 3.94
N ILE E 97 9.62 0.70 3.53
CA ILE E 97 9.06 0.08 2.32
C ILE E 97 9.79 0.55 1.05
N ASP E 98 10.15 1.84 1.02
CA ASP E 98 11.02 2.34 -0.05
C ASP E 98 12.37 1.61 -0.05
N SER E 99 12.96 1.46 1.13
CA SER E 99 14.25 0.75 1.27
C SER E 99 14.11 -0.69 0.78
N LEU E 100 13.05 -1.37 1.21
CA LEU E 100 12.85 -2.77 0.85
C LEU E 100 12.70 -2.94 -0.65
N LEU E 101 11.82 -2.16 -1.27
CA LEU E 101 11.54 -2.32 -2.70
C LEU E 101 12.74 -1.94 -3.56
N SER E 102 13.47 -0.91 -3.14
CA SER E 102 14.66 -0.46 -3.89
C SER E 102 15.82 -1.48 -3.80
N ILE E 103 15.78 -2.37 -2.80
CA ILE E 103 16.79 -3.42 -2.67
C ILE E 103 16.36 -4.75 -3.28
N VAL E 104 15.17 -5.23 -2.91
CA VAL E 104 14.75 -6.57 -3.30
C VAL E 104 14.39 -6.73 -4.78
N GLN E 105 13.85 -5.68 -5.39
CA GLN E 105 13.25 -5.77 -6.72
C GLN E 105 14.27 -5.69 -7.86
N MET E 106 15.46 -6.23 -7.66
CA MET E 106 16.45 -6.24 -8.73
C MET E 106 15.94 -7.04 -9.93
N PRO E 107 16.00 -6.45 -11.14
CA PRO E 107 15.62 -7.26 -12.30
C PRO E 107 16.55 -8.47 -12.49
N GLY E 108 16.09 -9.45 -13.27
CA GLY E 108 16.86 -10.67 -13.51
C GLY E 108 18.21 -10.36 -14.11
N GLY E 109 19.25 -10.92 -13.52
CA GLY E 109 20.63 -10.73 -13.99
C GLY E 109 21.62 -10.37 -12.88
N ILE E 110 21.22 -9.48 -11.97
CA ILE E 110 22.07 -9.10 -10.83
C ILE E 110 21.28 -9.29 -9.55
N PRO E 111 21.68 -10.27 -8.71
CA PRO E 111 20.92 -10.55 -7.50
C PRO E 111 21.39 -9.80 -6.25
N VAL E 112 20.46 -9.53 -5.33
CA VAL E 112 20.82 -9.15 -3.97
C VAL E 112 20.04 -10.05 -3.02
N ALA E 113 20.74 -10.64 -2.05
CA ALA E 113 20.10 -11.41 -0.98
C ALA E 113 19.50 -10.44 0.03
N THR E 114 18.18 -10.28 0.06
CA THR E 114 17.58 -9.23 0.89
C THR E 114 17.05 -9.80 2.19
N THR E 115 17.32 -9.12 3.29
CA THR E 115 16.75 -9.53 4.59
C THR E 115 15.72 -8.54 5.09
N ALA E 116 15.21 -8.77 6.29
CA ALA E 116 14.15 -7.94 6.86
C ALA E 116 14.55 -6.50 7.06
N ILE E 117 13.56 -5.62 7.09
CA ILE E 117 13.81 -4.22 7.42
C ILE E 117 14.41 -4.09 8.82
N GLY E 118 15.48 -3.30 8.93
CA GLY E 118 16.01 -2.89 10.23
C GLY E 118 16.87 -3.91 10.93
N ALA E 119 16.88 -3.83 12.27
CA ALA E 119 17.80 -4.61 13.10
C ALA E 119 17.71 -6.11 12.90
N ALA E 120 16.49 -6.61 12.73
CA ALA E 120 16.27 -8.04 12.44
C ALA E 120 17.04 -8.46 11.19
N GLY E 121 16.92 -7.66 10.13
CA GLY E 121 17.63 -7.91 8.88
C GLY E 121 19.14 -7.84 9.04
N ALA E 122 19.66 -6.89 9.82
CA ALA E 122 21.09 -6.78 10.02
C ALA E 122 21.63 -7.98 10.80
N LYS E 123 20.91 -8.39 11.85
CA LYS E 123 21.30 -9.59 12.59
C LYS E 123 21.31 -10.78 11.63
N ASN E 124 20.25 -10.89 10.84
CA ASN E 124 20.14 -11.99 9.89
C ASN E 124 21.16 -12.00 8.76
N ALA E 125 21.63 -10.83 8.34
CA ALA E 125 22.70 -10.78 7.36
C ALA E 125 23.98 -11.43 7.90
N GLY E 126 24.31 -11.16 9.17
CA GLY E 126 25.45 -11.81 9.80
C GLY E 126 25.29 -13.32 9.91
N ILE E 127 24.11 -13.75 10.35
CA ILE E 127 23.83 -15.17 10.43
C ILE E 127 23.85 -15.85 9.05
N LEU E 128 23.25 -15.20 8.04
CA LEU E 128 23.25 -15.74 6.68
C LEU E 128 24.69 -15.90 6.15
N ALA E 129 25.55 -14.91 6.42
CA ALA E 129 26.94 -15.01 6.01
C ALA E 129 27.59 -16.24 6.65
N ALA E 130 27.29 -16.49 7.93
CA ALA E 130 27.80 -17.69 8.60
C ALA E 130 27.31 -18.95 7.91
N ARG E 131 26.01 -18.98 7.57
CA ARG E 131 25.46 -20.13 6.87
C ARG E 131 26.16 -20.36 5.53
N MET E 132 26.44 -19.27 4.82
CA MET E 132 27.11 -19.36 3.53
C MET E 132 28.52 -19.92 3.65
N LEU E 133 29.24 -19.46 4.68
CA LEU E 133 30.61 -19.91 4.90
C LEU E 133 30.68 -21.32 5.48
N SER E 134 29.55 -21.83 5.97
CA SER E 134 29.47 -23.15 6.60
C SER E 134 29.39 -24.31 5.62
N ILE E 135 29.25 -24.02 4.33
CA ILE E 135 29.07 -25.09 3.35
C ILE E 135 30.29 -26.01 3.39
N GLN E 136 30.05 -27.26 3.76
CA GLN E 136 31.13 -28.25 3.91
C GLN E 136 32.25 -27.82 4.89
N ASN E 137 31.84 -27.12 5.96
CA ASN E 137 32.76 -26.63 6.99
C ASN E 137 32.27 -27.03 8.38
N PRO E 138 32.68 -28.21 8.86
CA PRO E 138 32.09 -28.77 10.07
C PRO E 138 32.24 -27.91 11.32
N SER E 139 33.34 -27.16 11.44
CA SER E 139 33.52 -26.29 12.61
C SER E 139 32.44 -25.19 12.67
N LEU E 140 32.12 -24.58 11.52
CA LEU E 140 31.04 -23.58 11.48
C LEU E 140 29.66 -24.23 11.60
N VAL E 141 29.47 -25.41 10.99
CA VAL E 141 28.26 -26.19 11.22
C VAL E 141 28.02 -26.45 12.71
N GLU E 142 29.07 -26.84 13.42
CA GLU E 142 28.94 -27.05 14.86
C GLU E 142 28.49 -25.77 15.56
N LYS E 143 29.11 -24.64 15.21
CA LYS E 143 28.73 -23.35 15.78
C LYS E 143 27.28 -22.99 15.48
N LEU E 144 26.83 -23.27 14.26
CA LEU E 144 25.44 -23.00 13.90
C LEU E 144 24.48 -23.89 14.68
N ASN E 145 24.89 -25.13 14.92
CA ASN E 145 24.10 -26.05 15.76
C ASN E 145 24.00 -25.58 17.20
N GLN E 146 25.09 -25.08 17.74
CA GLN E 146 25.06 -24.52 19.09
C GLN E 146 24.17 -23.27 19.14
N TYR E 147 24.19 -22.47 18.08
CA TYR E 147 23.32 -21.30 17.98
C TYR E 147 21.85 -21.69 17.98
N GLU E 148 21.51 -22.73 17.23
CA GLU E 148 20.16 -23.32 17.22
C GLU E 148 19.71 -23.70 18.63
N SER E 149 20.62 -24.32 19.36
CA SER E 149 20.32 -24.72 20.74
C SER E 149 20.08 -23.52 21.66
N SER E 150 20.81 -22.43 21.44
CA SER E 150 20.59 -21.19 22.20
C SER E 150 19.20 -20.60 21.91
N LEU E 151 18.70 -20.75 20.68
CA LEU E 151 17.40 -20.23 20.32
C LEU E 151 16.29 -21.02 21.01
N ILE E 152 16.45 -22.34 21.02
CA ILE E 152 15.54 -23.23 21.73
C ILE E 152 15.52 -22.89 23.23
N GLN E 153 16.69 -22.65 23.80
CA GLN E 153 16.79 -22.30 25.21
C GLN E 153 16.08 -20.98 25.52
N LYS E 154 16.21 -20.01 24.62
CA LYS E 154 15.58 -18.70 24.78
C LYS E 154 14.06 -18.86 24.91
N VAL E 155 13.49 -19.74 24.08
CA VAL E 155 12.07 -20.04 24.14
C VAL E 155 11.68 -20.78 25.42
N GLU E 156 12.48 -21.77 25.81
CA GLU E 156 12.24 -22.44 27.09
C GLU E 156 12.23 -21.45 28.25
N ASP E 157 13.14 -20.48 28.22
CA ASP E 157 13.26 -19.46 29.27
C ASP E 157 12.04 -18.56 29.38
N MET E 158 11.25 -18.49 28.31
CA MET E 158 10.07 -17.63 28.28
C MET E 158 8.79 -18.30 28.75
N GLN E 159 8.81 -19.62 28.92
CA GLN E 159 7.60 -20.37 29.28
C GLN E 159 6.93 -19.94 30.59
N ASN E 160 7.72 -19.55 31.59
CA ASN E 160 7.19 -19.12 32.88
C ASN E 160 6.73 -17.66 32.89
N GLU E 161 6.70 -17.03 31.72
CA GLU E 161 6.41 -15.60 31.62
C GLU E 161 5.02 -15.30 31.03
N LEU E 162 4.13 -16.29 31.10
N LEU E 162 4.12 -16.28 31.13
CA LEU E 162 2.75 -16.11 30.66
CA LEU E 162 2.75 -16.11 30.65
C LEU E 162 1.79 -16.20 31.84
C LEU E 162 1.74 -16.08 31.79
N ALA F 3 19.76 38.09 -14.47
CA ALA F 3 19.83 37.81 -13.01
C ALA F 3 18.91 36.66 -12.63
N MET F 4 19.46 35.70 -11.88
CA MET F 4 18.75 34.49 -11.47
C MET F 4 17.76 34.77 -10.34
N LYS F 5 16.60 34.12 -10.40
CA LYS F 5 15.65 34.22 -9.27
C LYS F 5 14.73 33.01 -9.18
N VAL F 6 14.57 32.52 -7.96
CA VAL F 6 13.73 31.37 -7.67
C VAL F 6 12.65 31.81 -6.69
N ALA F 7 11.42 31.31 -6.89
CA ALA F 7 10.35 31.54 -5.92
C ALA F 7 10.14 30.25 -5.12
N VAL F 8 10.09 30.36 -3.79
CA VAL F 8 9.84 29.22 -2.91
C VAL F 8 8.49 29.44 -2.25
N ILE F 9 7.52 28.58 -2.57
CA ILE F 9 6.15 28.79 -2.10
C ILE F 9 5.59 27.56 -1.40
N MET F 10 4.56 27.78 -0.60
CA MET F 10 3.94 26.73 0.20
C MET F 10 2.55 27.20 0.59
N GLY F 11 1.66 26.26 0.91
CA GLY F 11 0.28 26.59 1.23
C GLY F 11 0.07 27.14 2.64
N SER F 12 0.99 26.81 3.54
CA SER F 12 0.88 27.16 4.95
C SER F 12 2.22 27.54 5.55
N SER F 13 2.18 28.37 6.59
CA SER F 13 3.40 28.73 7.34
C SER F 13 3.96 27.54 8.09
N SER F 14 3.10 26.58 8.43
CA SER F 14 3.54 25.35 9.08
C SER F 14 4.44 24.48 8.17
N ASP F 15 4.45 24.78 6.87
CA ASP F 15 5.35 24.11 5.94
C ASP F 15 6.74 24.74 5.89
N TRP F 16 6.90 25.88 6.58
CA TRP F 16 8.15 26.63 6.52
C TRP F 16 9.36 25.89 7.12
N LYS F 17 9.13 25.16 8.21
CA LYS F 17 10.19 24.35 8.82
C LYS F 17 10.82 23.37 7.84
N ILE F 18 10.05 22.95 6.84
CA ILE F 18 10.53 22.06 5.81
C ILE F 18 11.11 22.87 4.65
N MET F 19 10.32 23.81 4.12
CA MET F 19 10.69 24.58 2.93
C MET F 19 11.90 25.51 3.14
N GLN F 20 12.18 25.84 4.40
CA GLN F 20 13.40 26.61 4.70
C GLN F 20 14.66 25.92 4.18
N GLU F 21 14.66 24.59 4.12
CA GLU F 21 15.78 23.81 3.54
C GLU F 21 16.07 24.18 2.08
N SER F 22 15.02 24.45 1.30
CA SER F 22 15.21 24.89 -0.08
C SER F 22 15.94 26.23 -0.10
N CYS F 23 15.47 27.14 0.74
CA CYS F 23 16.06 28.45 0.86
C CYS F 23 17.51 28.37 1.31
N ASN F 24 17.76 27.48 2.27
CA ASN F 24 19.12 27.25 2.77
C ASN F 24 20.09 26.88 1.64
N MET F 25 19.68 25.96 0.77
CA MET F 25 20.52 25.55 -0.33
C MET F 25 20.64 26.63 -1.41
N LEU F 26 19.56 27.37 -1.67
CA LEU F 26 19.66 28.49 -2.61
C LEU F 26 20.70 29.52 -2.13
N ASP F 27 20.68 29.82 -0.83
CA ASP F 27 21.72 30.67 -0.20
C ASP F 27 23.13 30.12 -0.39
N TYR F 28 23.30 28.81 -0.18
CA TYR F 28 24.58 28.15 -0.41
C TYR F 28 25.14 28.37 -1.84
N PHE F 29 24.26 28.36 -2.84
CA PHE F 29 24.68 28.54 -4.22
C PHE F 29 24.63 29.99 -4.67
N GLU F 30 24.31 30.88 -3.71
CA GLU F 30 24.17 32.33 -3.95
C GLU F 30 23.14 32.65 -5.04
N ILE F 31 22.03 31.90 -5.01
CA ILE F 31 20.93 32.12 -5.93
C ILE F 31 19.84 32.94 -5.24
N PRO F 32 19.53 34.14 -5.78
CA PRO F 32 18.49 34.94 -5.15
C PRO F 32 17.12 34.26 -5.17
N TYR F 33 16.33 34.49 -4.13
CA TYR F 33 15.00 33.90 -4.06
C TYR F 33 14.00 34.84 -3.41
N GLU F 34 12.73 34.58 -3.66
CA GLU F 34 11.65 35.12 -2.85
C GLU F 34 10.86 33.95 -2.24
N LYS F 35 10.17 34.23 -1.14
CA LYS F 35 9.34 33.21 -0.53
C LYS F 35 7.98 33.77 -0.22
N GLN F 36 6.97 32.90 -0.31
CA GLN F 36 5.68 33.28 0.24
C GLN F 36 4.70 32.14 0.39
N VAL F 37 3.59 32.45 1.03
CA VAL F 37 2.53 31.49 1.25
C VAL F 37 1.50 31.68 0.14
N VAL F 38 1.23 30.58 -0.56
CA VAL F 38 0.26 30.55 -1.66
C VAL F 38 -0.53 29.27 -1.46
N SER F 39 -1.81 29.39 -1.13
CA SER F 39 -2.65 28.22 -0.86
C SER F 39 -3.53 27.87 -2.06
N ALA F 40 -3.41 26.63 -2.54
CA ALA F 40 -4.22 26.20 -3.67
C ALA F 40 -5.70 26.18 -3.32
N HIS F 41 -6.02 25.88 -2.07
CA HIS F 41 -7.43 25.68 -1.71
C HIS F 41 -8.05 26.84 -0.96
N ARG F 42 -7.25 27.56 -0.18
CA ARG F 42 -7.76 28.74 0.54
C ARG F 42 -7.64 30.04 -0.23
N THR F 43 -6.65 30.12 -1.12
CA THR F 43 -6.49 31.29 -1.98
C THR F 43 -6.27 30.89 -3.45
N PRO F 44 -7.22 30.14 -4.03
CA PRO F 44 -6.98 29.63 -5.39
C PRO F 44 -6.77 30.73 -6.46
N LYS F 45 -7.49 31.84 -6.34
CA LYS F 45 -7.31 32.95 -7.27
C LYS F 45 -5.94 33.62 -7.14
N MET F 46 -5.44 33.75 -5.92
CA MET F 46 -4.09 34.28 -5.71
C MET F 46 -3.05 33.31 -6.28
N MET F 47 -3.31 32.01 -6.14
N MET F 47 -3.33 32.02 -6.15
CA MET F 47 -2.43 31.02 -6.75
CA MET F 47 -2.47 30.98 -6.72
C MET F 47 -2.35 31.21 -8.25
C MET F 47 -2.38 31.10 -8.24
N VAL F 48 -3.52 31.33 -8.88
CA VAL F 48 -3.60 31.54 -10.33
C VAL F 48 -2.80 32.78 -10.75
N GLN F 49 -2.99 33.89 -10.04
CA GLN F 49 -2.24 35.11 -10.36
C GLN F 49 -0.73 34.93 -10.15
N PHE F 50 -0.34 34.33 -9.02
CA PHE F 50 1.09 34.13 -8.74
C PHE F 50 1.78 33.31 -9.82
N ALA F 51 1.17 32.19 -10.17
CA ALA F 51 1.76 31.30 -11.16
C ALA F 51 1.83 31.95 -12.54
N SER F 52 0.76 32.63 -12.93
CA SER F 52 0.64 33.19 -14.28
C SER F 52 1.62 34.33 -14.50
N GLU F 53 1.89 35.09 -13.44
CA GLU F 53 2.69 36.31 -13.55
C GLU F 53 4.16 36.11 -13.19
N ALA F 54 4.51 34.92 -12.70
CA ALA F 54 5.86 34.70 -12.17
C ALA F 54 6.95 34.98 -13.21
N ARG F 55 6.78 34.44 -14.42
CA ARG F 55 7.81 34.54 -15.45
C ARG F 55 8.10 36.00 -15.83
N GLU F 56 7.05 36.79 -16.07
CA GLU F 56 7.20 38.16 -16.55
C GLU F 56 7.88 39.04 -15.51
N ARG F 57 7.76 38.66 -14.24
CA ARG F 57 8.36 39.37 -13.09
C ARG F 57 9.83 39.02 -12.88
N GLY F 58 10.32 38.01 -13.60
CA GLY F 58 11.72 37.61 -13.50
C GLY F 58 12.02 36.32 -12.76
N ILE F 59 10.98 35.59 -12.33
CA ILE F 59 11.18 34.28 -11.70
C ILE F 59 11.58 33.25 -12.76
N ASN F 60 12.59 32.42 -12.44
CA ASN F 60 13.10 31.40 -13.38
C ASN F 60 12.59 30.01 -13.07
N ILE F 61 12.38 29.73 -11.78
CA ILE F 61 11.98 28.41 -11.29
C ILE F 61 11.09 28.65 -10.08
N ILE F 62 10.03 27.85 -9.95
CA ILE F 62 9.21 27.82 -8.75
C ILE F 62 9.39 26.50 -8.01
N ILE F 63 9.72 26.60 -6.71
CA ILE F 63 9.73 25.46 -5.82
C ILE F 63 8.47 25.56 -4.98
N ALA F 64 7.63 24.53 -5.05
CA ALA F 64 6.34 24.53 -4.34
C ALA F 64 6.21 23.31 -3.43
N GLY F 65 5.98 23.56 -2.15
CA GLY F 65 5.76 22.49 -1.16
C GLY F 65 4.30 22.37 -0.75
N ALA F 66 3.83 21.14 -0.61
CA ALA F 66 2.44 20.90 -0.19
C ALA F 66 2.23 19.49 0.34
N GLY F 67 1.29 19.36 1.27
CA GLY F 67 0.97 18.08 1.86
C GLY F 67 -0.48 17.70 1.74
N GLY F 68 -0.75 16.41 1.88
CA GLY F 68 -2.11 15.89 1.90
C GLY F 68 -2.65 15.79 0.50
N ALA F 69 -3.78 16.45 0.25
CA ALA F 69 -4.28 16.65 -1.11
C ALA F 69 -3.45 17.80 -1.70
N ALA F 70 -2.23 17.43 -2.10
CA ALA F 70 -1.16 18.35 -2.43
C ALA F 70 -1.24 18.80 -3.88
N HIS F 71 -2.15 19.75 -4.13
CA HIS F 71 -2.47 20.22 -5.47
C HIS F 71 -1.65 21.40 -5.90
N LEU F 72 -1.01 22.09 -4.95
CA LEU F 72 -0.28 23.32 -5.26
C LEU F 72 0.77 23.19 -6.40
N PRO F 73 1.71 22.22 -6.31
CA PRO F 73 2.74 22.19 -7.36
C PRO F 73 2.17 21.96 -8.76
N GLY F 74 1.21 21.04 -8.87
CA GLY F 74 0.66 20.67 -10.17
C GLY F 74 -0.22 21.77 -10.75
N MET F 75 -0.98 22.45 -9.89
CA MET F 75 -1.78 23.57 -10.36
C MET F 75 -0.92 24.75 -10.79
N VAL F 76 0.09 25.09 -9.98
CA VAL F 76 1.08 26.08 -10.39
C VAL F 76 1.74 25.72 -11.73
N ALA F 77 2.14 24.46 -11.89
CA ALA F 77 2.75 24.02 -13.17
C ALA F 77 1.85 24.22 -14.36
N SER F 78 0.55 24.04 -14.15
N SER F 78 0.54 24.03 -14.15
CA SER F 78 -0.44 24.17 -15.22
CA SER F 78 -0.45 24.16 -15.23
C SER F 78 -0.62 25.60 -15.67
C SER F 78 -0.62 25.60 -15.67
N LEU F 79 -0.13 26.54 -14.86
CA LEU F 79 -0.36 27.95 -15.09
C LEU F 79 0.89 28.75 -15.41
N THR F 80 2.02 28.08 -15.65
CA THR F 80 3.29 28.75 -15.98
C THR F 80 4.05 27.93 -17.02
N THR F 81 4.93 28.59 -17.76
CA THR F 81 5.86 27.90 -18.64
C THR F 81 7.18 27.62 -17.95
N LEU F 82 7.32 28.09 -16.70
CA LEU F 82 8.51 27.84 -15.91
C LEU F 82 8.55 26.39 -15.41
N PRO F 83 9.77 25.85 -15.20
CA PRO F 83 9.84 24.58 -14.48
C PRO F 83 9.40 24.74 -13.02
N VAL F 84 8.62 23.76 -12.55
CA VAL F 84 8.12 23.74 -11.19
C VAL F 84 8.62 22.48 -10.51
N ILE F 85 9.24 22.67 -9.35
CA ILE F 85 9.74 21.57 -8.51
C ILE F 85 8.76 21.40 -7.35
N GLY F 86 8.25 20.18 -7.17
CA GLY F 86 7.20 19.92 -6.17
C GLY F 86 7.75 19.08 -5.04
N VAL F 87 7.62 19.61 -3.83
CA VAL F 87 8.09 18.93 -2.59
C VAL F 87 6.89 18.40 -1.81
N PRO F 88 6.77 17.06 -1.72
CA PRO F 88 5.68 16.48 -0.92
C PRO F 88 5.98 16.59 0.57
N ILE F 89 5.10 17.25 1.32
CA ILE F 89 5.24 17.38 2.78
C ILE F 89 4.68 16.15 3.50
N GLU F 90 5.40 15.66 4.52
CA GLU F 90 4.95 14.51 5.28
C GLU F 90 3.63 14.83 5.97
N THR F 91 2.73 13.84 6.00
CA THR F 91 1.44 14.03 6.64
C THR F 91 1.35 13.17 7.89
N LYS F 92 0.76 13.75 8.94
CA LYS F 92 0.67 13.07 10.25
C LYS F 92 0.03 11.71 10.16
N SER F 93 -1.04 11.59 9.37
CA SER F 93 -1.70 10.32 9.16
C SER F 93 -0.93 9.43 8.20
N LEU F 94 -0.84 9.86 6.94
CA LEU F 94 -0.40 8.99 5.86
C LEU F 94 1.08 9.10 5.46
N LYS F 95 1.85 9.83 6.25
CA LYS F 95 3.32 9.86 6.15
C LYS F 95 3.85 10.54 4.88
N GLY F 96 2.99 11.29 4.21
CA GLY F 96 3.37 11.97 2.97
C GLY F 96 3.11 11.13 1.73
N ILE F 97 2.49 9.97 1.89
CA ILE F 97 2.14 9.14 0.74
C ILE F 97 1.03 9.82 -0.08
N ASP F 98 0.05 10.41 0.61
CA ASP F 98 -0.96 11.19 -0.08
C ASP F 98 -0.32 12.39 -0.79
N SER F 99 0.58 13.08 -0.09
CA SER F 99 1.33 14.20 -0.69
C SER F 99 2.07 13.79 -1.95
N LEU F 100 2.84 12.71 -1.86
CA LEU F 100 3.62 12.22 -2.99
C LEU F 100 2.77 11.89 -4.23
N LEU F 101 1.73 11.09 -4.03
N LEU F 101 1.74 11.10 -3.98
CA LEU F 101 0.94 10.63 -5.17
CA LEU F 101 0.91 10.63 -5.09
C LEU F 101 0.19 11.79 -5.83
C LEU F 101 0.11 11.75 -5.73
N SER F 102 -0.28 12.74 -5.00
N SER F 102 -0.19 12.79 -4.95
CA SER F 102 -0.97 13.95 -5.45
CA SER F 102 -0.95 13.92 -5.45
C SER F 102 -0.08 14.83 -6.30
C SER F 102 -0.07 14.90 -6.22
N ILE F 103 1.22 14.73 -6.10
CA ILE F 103 2.19 15.55 -6.82
C ILE F 103 2.81 14.85 -8.01
N VAL F 104 3.30 13.62 -7.81
CA VAL F 104 4.11 12.99 -8.85
C VAL F 104 3.28 12.51 -10.06
N GLN F 105 2.03 12.10 -9.83
CA GLN F 105 1.24 11.44 -10.87
C GLN F 105 0.53 12.37 -11.87
N MET F 106 1.20 13.45 -12.23
CA MET F 106 0.66 14.40 -13.19
C MET F 106 0.43 13.77 -14.55
N PRO F 107 -0.62 14.22 -15.24
CA PRO F 107 -0.97 13.73 -16.57
C PRO F 107 0.10 14.12 -17.56
N GLY F 108 0.25 13.32 -18.62
CA GLY F 108 1.06 13.71 -19.76
C GLY F 108 0.57 15.06 -20.26
N GLY F 109 1.50 16.01 -20.34
CA GLY F 109 1.18 17.35 -20.81
C GLY F 109 1.64 18.43 -19.86
N ILE F 110 1.55 18.20 -18.55
CA ILE F 110 1.95 19.19 -17.54
C ILE F 110 2.87 18.53 -16.50
N PRO F 111 4.18 18.83 -16.57
CA PRO F 111 5.15 18.17 -15.66
C PRO F 111 5.35 18.88 -14.33
N VAL F 112 5.62 18.09 -13.29
CA VAL F 112 6.20 18.59 -12.06
C VAL F 112 7.44 17.77 -11.75
N ALA F 113 8.53 18.46 -11.44
CA ALA F 113 9.77 17.82 -11.01
C ALA F 113 9.63 17.46 -9.53
N THR F 114 9.34 16.20 -9.23
CA THR F 114 9.01 15.80 -7.86
C THR F 114 10.25 15.32 -7.08
N THR F 115 10.38 15.87 -5.87
CA THR F 115 11.46 15.52 -4.94
C THR F 115 11.00 14.48 -3.92
N ALA F 116 11.94 14.02 -3.09
CA ALA F 116 11.60 13.13 -1.96
C ALA F 116 10.64 13.77 -0.97
N ILE F 117 9.95 12.94 -0.20
CA ILE F 117 9.10 13.43 0.85
C ILE F 117 9.91 14.21 1.89
N GLY F 118 9.39 15.37 2.29
CA GLY F 118 9.89 16.03 3.51
C GLY F 118 11.15 16.85 3.34
N ALA F 119 11.91 16.97 4.42
CA ALA F 119 13.10 17.82 4.46
C ALA F 119 14.14 17.47 3.38
N ALA F 120 14.34 16.17 3.14
CA ALA F 120 15.24 15.71 2.08
C ALA F 120 14.82 16.29 0.73
N GLY F 121 13.53 16.27 0.46
CA GLY F 121 12.99 16.81 -0.78
C GLY F 121 13.14 18.30 -0.90
N ALA F 122 12.96 19.01 0.22
CA ALA F 122 13.13 20.46 0.22
C ALA F 122 14.59 20.84 -0.05
N LYS F 123 15.51 20.16 0.62
CA LYS F 123 16.93 20.37 0.38
C LYS F 123 17.22 20.09 -1.11
N ASN F 124 16.70 18.97 -1.59
CA ASN F 124 16.94 18.59 -2.98
C ASN F 124 16.35 19.54 -4.01
N ALA F 125 15.24 20.19 -3.65
CA ALA F 125 14.63 21.19 -4.53
C ALA F 125 15.59 22.36 -4.75
N GLY F 126 16.25 22.82 -3.68
CA GLY F 126 17.25 23.88 -3.83
C GLY F 126 18.44 23.49 -4.70
N ILE F 127 18.97 22.30 -4.48
CA ILE F 127 20.10 21.78 -5.25
C ILE F 127 19.72 21.58 -6.71
N LEU F 128 18.53 21.00 -6.92
CA LEU F 128 18.02 20.80 -8.28
C LEU F 128 17.88 22.14 -9.04
N ALA F 129 17.34 23.15 -8.36
CA ALA F 129 17.24 24.50 -8.95
C ALA F 129 18.63 25.01 -9.38
N ALA F 130 19.64 24.77 -8.55
CA ALA F 130 21.01 25.16 -8.91
C ALA F 130 21.51 24.42 -10.16
N ARG F 131 21.26 23.11 -10.23
CA ARG F 131 21.64 22.34 -11.40
C ARG F 131 20.94 22.86 -12.67
N MET F 132 19.65 23.16 -12.54
CA MET F 132 18.88 23.75 -13.64
C MET F 132 19.48 25.07 -14.10
N LEU F 133 19.79 25.94 -13.14
CA LEU F 133 20.34 27.25 -13.45
C LEU F 133 21.79 27.22 -13.94
N SER F 134 22.48 26.09 -13.71
CA SER F 134 23.87 25.93 -14.15
C SER F 134 24.04 25.79 -15.66
N ILE F 135 22.97 25.47 -16.38
CA ILE F 135 22.99 25.46 -17.84
C ILE F 135 23.17 26.88 -18.33
N GLN F 136 22.32 27.78 -17.82
CA GLN F 136 22.23 29.19 -18.21
C GLN F 136 23.31 30.05 -17.59
N ASN F 137 23.68 29.72 -16.36
CA ASN F 137 24.65 30.48 -15.58
C ASN F 137 25.83 29.58 -15.22
N PRO F 138 26.84 29.51 -16.10
CA PRO F 138 27.99 28.60 -16.04
C PRO F 138 28.86 28.69 -14.79
N SER F 139 28.84 29.83 -14.09
CA SER F 139 29.63 29.98 -12.85
C SER F 139 29.15 29.07 -11.71
N LEU F 140 27.90 28.61 -11.82
CA LEU F 140 27.33 27.68 -10.84
C LEU F 140 27.95 26.29 -10.88
N VAL F 141 28.47 25.89 -12.04
CA VAL F 141 29.11 24.58 -12.20
C VAL F 141 30.26 24.37 -11.21
N GLU F 142 31.12 25.39 -11.06
CA GLU F 142 32.21 25.32 -10.07
C GLU F 142 31.69 25.12 -8.63
N LYS F 143 30.63 25.86 -8.27
CA LYS F 143 29.99 25.71 -6.97
C LYS F 143 29.39 24.31 -6.79
N LEU F 144 28.84 23.74 -7.87
CA LEU F 144 28.25 22.41 -7.82
C LEU F 144 29.33 21.34 -7.67
N ASN F 145 30.46 21.56 -8.33
CA ASN F 145 31.64 20.71 -8.15
C ASN F 145 32.20 20.78 -6.73
N GLN F 146 32.23 21.97 -6.15
CA GLN F 146 32.65 22.15 -4.75
C GLN F 146 31.70 21.42 -3.81
N TYR F 147 30.41 21.44 -4.15
CA TYR F 147 29.42 20.78 -3.32
C TYR F 147 29.68 19.27 -3.28
N GLU F 148 29.99 18.69 -4.44
CA GLU F 148 30.35 17.28 -4.55
C GLU F 148 31.49 16.93 -3.62
N SER F 149 32.52 17.78 -3.63
CA SER F 149 33.69 17.59 -2.79
C SER F 149 33.33 17.55 -1.31
N SER F 150 32.40 18.42 -0.90
CA SER F 150 31.93 18.48 0.48
C SER F 150 31.15 17.23 0.90
N LEU F 151 30.43 16.64 -0.06
CA LEU F 151 29.73 15.37 0.17
C LEU F 151 30.72 14.24 0.44
N ILE F 152 31.78 14.20 -0.37
CA ILE F 152 32.85 13.23 -0.20
C ILE F 152 33.52 13.39 1.18
N GLN F 153 33.78 14.63 1.58
CA GLN F 153 34.40 14.89 2.88
C GLN F 153 33.52 14.45 4.04
N LYS F 154 32.20 14.64 3.91
CA LYS F 154 31.25 14.26 4.94
C LYS F 154 31.37 12.74 5.24
N VAL F 155 31.49 11.95 4.17
CA VAL F 155 31.64 10.51 4.30
C VAL F 155 33.01 10.12 4.89
N GLU F 156 34.07 10.81 4.48
CA GLU F 156 35.41 10.58 5.05
C GLU F 156 35.40 10.80 6.57
N ASP F 157 34.72 11.86 7.01
CA ASP F 157 34.58 12.20 8.43
C ASP F 157 33.84 11.13 9.25
N MET F 158 33.05 10.31 8.56
CA MET F 158 32.26 9.27 9.23
C MET F 158 33.00 7.95 9.40
N GLN F 159 34.16 7.81 8.78
CA GLN F 159 34.87 6.53 8.72
C GLN F 159 35.22 5.95 10.08
N ASN F 160 35.59 6.81 11.03
CA ASN F 160 35.95 6.30 12.36
C ASN F 160 34.81 6.30 13.38
N GLU F 161 33.58 6.46 12.89
CA GLU F 161 32.42 6.53 13.78
C GLU F 161 31.69 5.20 13.93
N LEU F 162 32.28 4.13 13.40
CA LEU F 162 31.70 2.78 13.52
C LEU F 162 32.28 2.06 14.75
N GLN F 163 32.09 2.69 15.91
CA GLN F 163 32.69 2.21 17.17
C GLN F 163 31.85 1.17 17.87
N ALA G 3 24.75 25.25 -28.04
CA ALA G 3 23.56 24.55 -28.62
C ALA G 3 22.90 23.70 -27.55
N MET G 4 21.59 23.49 -27.69
CA MET G 4 20.85 22.66 -26.74
C MET G 4 21.03 21.18 -27.03
N LYS G 5 21.14 20.37 -25.98
CA LYS G 5 21.22 18.93 -26.16
C LYS G 5 20.76 18.20 -24.91
N VAL G 6 19.90 17.20 -25.09
CA VAL G 6 19.41 16.37 -24.00
C VAL G 6 19.86 14.93 -24.28
N ALA G 7 20.14 14.15 -23.24
CA ALA G 7 20.37 12.71 -23.42
C ALA G 7 19.16 11.94 -22.87
N VAL G 8 18.67 10.98 -23.64
CA VAL G 8 17.56 10.12 -23.18
C VAL G 8 18.08 8.71 -23.04
N ILE G 9 18.11 8.18 -21.82
CA ILE G 9 18.75 6.88 -21.55
C ILE G 9 17.82 5.94 -20.79
N MET G 10 18.09 4.65 -20.90
CA MET G 10 17.25 3.59 -20.32
C MET G 10 18.06 2.32 -20.30
N GLY G 11 17.72 1.40 -19.39
CA GLY G 11 18.51 0.17 -19.23
C GLY G 11 18.29 -0.93 -20.25
N SER G 12 17.17 -0.88 -20.96
CA SER G 12 16.82 -1.92 -21.92
C SER G 12 16.06 -1.36 -23.10
N SER G 13 16.21 -1.99 -24.26
CA SER G 13 15.42 -1.61 -25.41
C SER G 13 13.94 -1.88 -25.18
N SER G 14 13.61 -2.72 -24.20
CA SER G 14 12.21 -2.97 -23.86
C SER G 14 11.56 -1.73 -23.25
N ASP G 15 12.39 -0.80 -22.75
CA ASP G 15 11.92 0.48 -22.19
C ASP G 15 11.56 1.49 -23.28
N TRP G 16 11.89 1.19 -24.54
CA TRP G 16 11.79 2.18 -25.62
C TRP G 16 10.36 2.63 -25.96
N LYS G 17 9.39 1.72 -25.97
CA LYS G 17 8.00 2.11 -26.26
C LYS G 17 7.53 3.24 -25.33
N ILE G 18 7.99 3.21 -24.09
CA ILE G 18 7.72 4.26 -23.12
C ILE G 18 8.62 5.48 -23.34
N MET G 19 9.93 5.25 -23.35
CA MET G 19 10.87 6.39 -23.37
C MET G 19 10.84 7.21 -24.66
N GLN G 20 10.36 6.61 -25.75
CA GLN G 20 10.21 7.33 -27.02
CA GLN G 20 10.18 7.31 -27.03
C GLN G 20 9.29 8.54 -26.85
N GLU G 21 8.42 8.52 -25.85
CA GLU G 21 7.53 9.65 -25.59
C GLU G 21 8.33 10.90 -25.21
N SER G 22 9.46 10.73 -24.52
CA SER G 22 10.31 11.86 -24.21
C SER G 22 10.87 12.44 -25.51
N CYS G 23 11.34 11.54 -26.38
CA CYS G 23 11.97 11.95 -27.63
C CYS G 23 10.95 12.63 -28.54
N ASN G 24 9.71 12.13 -28.53
CA ASN G 24 8.64 12.77 -29.30
C ASN G 24 8.43 14.22 -28.89
N MET G 25 8.45 14.49 -27.58
CA MET G 25 8.26 15.87 -27.12
C MET G 25 9.47 16.74 -27.42
N LEU G 26 10.66 16.17 -27.30
CA LEU G 26 11.87 16.93 -27.64
C LEU G 26 11.85 17.33 -29.11
N ASP G 27 11.45 16.41 -29.98
CA ASP G 27 11.29 16.72 -31.40
C ASP G 27 10.25 17.81 -31.65
N TYR G 28 9.13 17.73 -30.92
CA TYR G 28 8.10 18.76 -31.01
C TYR G 28 8.64 20.17 -30.71
N PHE G 29 9.50 20.27 -29.70
CA PHE G 29 10.11 21.54 -29.30
C PHE G 29 11.41 21.85 -30.05
N GLU G 30 11.79 20.98 -30.99
CA GLU G 30 13.03 21.11 -31.77
C GLU G 30 14.27 21.21 -30.86
N ILE G 31 14.30 20.36 -29.83
CA ILE G 31 15.44 20.27 -28.94
C ILE G 31 16.24 19.03 -29.32
N PRO G 32 17.50 19.20 -29.73
CA PRO G 32 18.30 18.02 -30.09
C PRO G 32 18.50 17.05 -28.93
N TYR G 33 18.51 15.76 -29.24
CA TYR G 33 18.78 14.74 -28.23
C TYR G 33 19.58 13.58 -28.79
N GLU G 34 20.29 12.91 -27.89
CA GLU G 34 20.86 11.60 -28.16
C GLU G 34 20.07 10.59 -27.34
N LYS G 35 19.99 9.36 -27.81
CA LYS G 35 19.36 8.30 -27.05
C LYS G 35 20.28 7.10 -27.00
N GLN G 36 20.31 6.44 -25.85
CA GLN G 36 21.03 5.17 -25.75
C GLN G 36 20.65 4.31 -24.56
N VAL G 37 20.93 3.02 -24.73
CA VAL G 37 20.73 2.05 -23.68
C VAL G 37 21.95 2.11 -22.75
N VAL G 38 21.67 2.39 -21.49
CA VAL G 38 22.68 2.44 -20.44
C VAL G 38 22.05 1.74 -19.24
N SER G 39 22.58 0.58 -18.85
CA SER G 39 22.03 -0.18 -17.72
C SER G 39 22.84 0.07 -16.46
N ALA G 40 22.20 0.53 -15.40
CA ALA G 40 22.89 0.70 -14.11
C ALA G 40 23.44 -0.64 -13.61
N HIS G 41 22.74 -1.74 -13.91
CA HIS G 41 23.11 -3.03 -13.34
C HIS G 41 23.92 -3.92 -14.28
N ARG G 42 23.62 -3.86 -15.57
CA ARG G 42 24.31 -4.72 -16.53
C ARG G 42 25.56 -4.06 -17.09
N THR G 43 25.56 -2.73 -17.14
CA THR G 43 26.72 -1.96 -17.62
C THR G 43 27.08 -0.85 -16.64
N PRO G 44 27.38 -1.19 -15.37
CA PRO G 44 27.62 -0.13 -14.39
C PRO G 44 28.79 0.78 -14.74
N LYS G 45 29.87 0.23 -15.29
CA LYS G 45 31.02 1.07 -15.61
C LYS G 45 30.73 2.00 -16.79
N MET G 46 29.96 1.53 -17.77
N MET G 46 29.97 1.53 -17.77
N MET G 46 29.99 1.51 -17.78
CA MET G 46 29.53 2.37 -18.88
CA MET G 46 29.57 2.37 -18.90
CA MET G 46 29.57 2.31 -18.94
C MET G 46 28.62 3.49 -18.38
C MET G 46 28.57 3.44 -18.47
C MET G 46 28.59 3.41 -18.56
N MET G 47 27.75 3.17 -17.42
N MET G 47 27.83 3.16 -17.39
CA MET G 47 26.91 4.18 -16.81
CA MET G 47 26.93 4.14 -16.80
C MET G 47 27.75 5.28 -16.17
C MET G 47 27.70 5.25 -16.11
N VAL G 48 28.73 4.88 -15.36
CA VAL G 48 29.62 5.82 -14.70
C VAL G 48 30.32 6.74 -15.71
N GLN G 49 30.84 6.16 -16.80
CA GLN G 49 31.51 6.91 -17.87
C GLN G 49 30.55 7.88 -18.54
N PHE G 50 29.37 7.39 -18.91
CA PHE G 50 28.36 8.23 -19.54
C PHE G 50 28.01 9.45 -18.67
N ALA G 51 27.71 9.20 -17.40
CA ALA G 51 27.32 10.27 -16.48
C ALA G 51 28.44 11.28 -16.27
N SER G 52 29.66 10.76 -16.07
CA SER G 52 30.82 11.61 -15.76
C SER G 52 31.18 12.52 -16.92
N GLU G 53 31.04 12.00 -18.14
CA GLU G 53 31.48 12.71 -19.35
C GLU G 53 30.38 13.54 -19.98
N ALA G 54 29.15 13.45 -19.48
CA ALA G 54 28.03 14.07 -20.17
C ALA G 54 28.14 15.58 -20.37
N ARG G 55 28.46 16.30 -19.30
CA ARG G 55 28.49 17.76 -19.37
C ARG G 55 29.56 18.28 -20.33
N GLU G 56 30.77 17.71 -20.24
CA GLU G 56 31.87 18.17 -21.10
C GLU G 56 31.63 17.81 -22.56
N ARG G 57 30.79 16.80 -22.81
CA ARG G 57 30.36 16.42 -24.14
C ARG G 57 29.28 17.35 -24.71
N GLY G 58 28.72 18.22 -23.88
CA GLY G 58 27.71 19.16 -24.35
C GLY G 58 26.26 18.82 -24.03
N ILE G 59 26.05 17.77 -23.23
N ILE G 59 26.07 17.77 -23.22
CA ILE G 59 24.70 17.45 -22.78
CA ILE G 59 24.74 17.42 -22.70
C ILE G 59 24.29 18.40 -21.65
C ILE G 59 24.31 18.46 -21.65
N ASN G 60 23.06 18.90 -21.75
CA ASN G 60 22.50 19.87 -20.78
C ASN G 60 21.63 19.24 -19.70
N ILE G 61 20.90 18.19 -20.08
CA ILE G 61 19.93 17.52 -19.22
C ILE G 61 19.97 16.04 -19.58
N ILE G 62 19.89 15.17 -18.57
CA ILE G 62 19.75 13.74 -18.80
C ILE G 62 18.36 13.32 -18.33
N ILE G 63 17.63 12.66 -19.23
CA ILE G 63 16.37 11.99 -18.90
C ILE G 63 16.72 10.50 -18.81
N ALA G 64 16.41 9.88 -17.68
CA ALA G 64 16.74 8.46 -17.47
C ALA G 64 15.52 7.69 -16.98
N GLY G 65 15.18 6.62 -17.68
CA GLY G 65 14.09 5.74 -17.27
C GLY G 65 14.61 4.45 -16.67
N ALA G 66 13.93 3.94 -15.64
CA ALA G 66 14.31 2.69 -15.00
C ALA G 66 13.13 2.07 -14.28
N GLY G 67 13.15 0.75 -14.16
CA GLY G 67 12.07 -0.01 -13.54
C GLY G 67 12.55 -0.92 -12.44
N GLY G 68 11.66 -1.20 -11.51
CA GLY G 68 11.93 -2.14 -10.43
C GLY G 68 12.75 -1.50 -9.34
N ALA G 69 13.86 -2.14 -8.99
CA ALA G 69 14.90 -1.53 -8.18
C ALA G 69 15.62 -0.55 -9.11
N ALA G 70 14.96 0.60 -9.30
CA ALA G 70 15.29 1.56 -10.34
C ALA G 70 16.40 2.48 -9.84
N HIS G 71 17.63 2.20 -10.26
CA HIS G 71 18.80 2.92 -9.75
C HIS G 71 19.44 3.87 -10.75
N LEU G 72 19.10 3.72 -12.03
CA LEU G 72 19.78 4.50 -13.07
C LEU G 72 19.70 6.03 -12.86
N PRO G 73 18.50 6.60 -12.65
CA PRO G 73 18.45 8.06 -12.48
C PRO G 73 19.30 8.56 -11.30
N GLY G 74 19.21 7.88 -10.16
CA GLY G 74 19.88 8.33 -8.94
C GLY G 74 21.37 8.23 -9.03
N MET G 75 21.83 7.13 -9.64
CA MET G 75 23.25 6.93 -9.82
C MET G 75 23.85 7.90 -10.82
N VAL G 76 23.16 8.11 -11.95
CA VAL G 76 23.59 9.12 -12.91
C VAL G 76 23.62 10.49 -12.26
N ALA G 77 22.59 10.83 -11.49
CA ALA G 77 22.58 12.12 -10.82
C ALA G 77 23.75 12.30 -9.85
N SER G 78 24.19 11.21 -9.23
CA SER G 78 25.32 11.28 -8.28
C SER G 78 26.66 11.54 -8.94
N LEU G 79 26.72 11.38 -10.26
CA LEU G 79 27.98 11.42 -10.99
C LEU G 79 28.04 12.55 -12.02
N THR G 80 27.10 13.49 -11.93
CA THR G 80 27.07 14.66 -12.80
C THR G 80 26.57 15.88 -12.04
N THR G 81 26.91 17.07 -12.52
CA THR G 81 26.32 18.32 -12.00
C THR G 81 25.09 18.72 -12.79
N LEU G 82 24.82 18.01 -13.88
CA LEU G 82 23.63 18.29 -14.70
C LEU G 82 22.35 17.87 -14.00
N PRO G 83 21.25 18.57 -14.33
CA PRO G 83 19.95 18.10 -13.83
C PRO G 83 19.56 16.78 -14.49
N VAL G 84 19.05 15.87 -13.67
CA VAL G 84 18.63 14.56 -14.14
C VAL G 84 17.14 14.40 -13.86
N ILE G 85 16.40 14.02 -14.90
CA ILE G 85 14.98 13.72 -14.80
C ILE G 85 14.80 12.20 -14.82
N GLY G 86 14.14 11.67 -13.79
CA GLY G 86 13.94 10.22 -13.65
C GLY G 86 12.51 9.79 -13.94
N VAL G 87 12.35 8.86 -14.87
CA VAL G 87 11.04 8.35 -15.27
C VAL G 87 10.88 6.92 -14.73
N PRO G 88 9.93 6.73 -13.80
CA PRO G 88 9.68 5.36 -13.29
C PRO G 88 8.94 4.54 -14.35
N ILE G 89 9.49 3.38 -14.68
CA ILE G 89 8.91 2.51 -15.68
C ILE G 89 8.04 1.46 -14.98
N GLU G 90 6.86 1.23 -15.55
CA GLU G 90 5.90 0.31 -14.96
C GLU G 90 6.43 -1.10 -15.01
N THR G 91 6.27 -1.80 -13.89
CA THR G 91 6.77 -3.15 -13.73
C THR G 91 5.63 -4.16 -13.79
N LYS G 92 5.93 -5.42 -14.08
CA LYS G 92 4.88 -6.45 -14.24
C LYS G 92 4.05 -6.65 -12.97
N SER G 93 4.71 -6.83 -11.83
CA SER G 93 3.98 -7.10 -10.59
C SER G 93 3.48 -5.87 -9.88
N LEU G 94 4.39 -4.93 -9.60
CA LEU G 94 4.04 -3.79 -8.76
C LEU G 94 3.62 -2.54 -9.53
N LYS G 95 3.52 -2.69 -10.85
CA LYS G 95 3.04 -1.63 -11.76
C LYS G 95 3.74 -0.29 -11.53
N GLY G 96 5.02 -0.35 -11.22
CA GLY G 96 5.83 0.85 -11.09
C GLY G 96 5.94 1.48 -9.72
N ILE G 97 5.29 0.90 -8.71
CA ILE G 97 5.41 1.44 -7.35
C ILE G 97 6.83 1.29 -6.82
N ASP G 98 7.45 0.14 -7.13
CA ASP G 98 8.85 -0.08 -6.81
C ASP G 98 9.72 0.93 -7.55
N SER G 99 9.45 1.12 -8.85
CA SER G 99 10.20 2.10 -9.65
C SER G 99 10.09 3.51 -9.07
N LEU G 100 8.88 3.91 -8.71
CA LEU G 100 8.64 5.24 -8.21
C LEU G 100 9.40 5.50 -6.92
N LEU G 101 9.27 4.59 -5.95
CA LEU G 101 9.91 4.82 -4.65
C LEU G 101 11.43 4.79 -4.73
N SER G 102 11.95 3.90 -5.57
N SER G 102 11.95 3.88 -5.56
CA SER G 102 13.41 3.78 -5.72
CA SER G 102 13.40 3.76 -5.78
C SER G 102 14.04 4.94 -6.49
C SER G 102 13.99 5.06 -6.33
N ILE G 103 13.22 5.72 -7.20
CA ILE G 103 13.68 6.94 -7.87
C ILE G 103 13.44 8.19 -7.02
N VAL G 104 12.24 8.33 -6.46
CA VAL G 104 11.87 9.63 -5.87
C VAL G 104 12.52 9.90 -4.51
N GLN G 105 12.76 8.85 -3.74
CA GLN G 105 13.16 8.99 -2.35
C GLN G 105 14.66 9.21 -2.15
N MET G 106 15.26 10.02 -3.01
CA MET G 106 16.69 10.32 -2.91
C MET G 106 17.02 11.03 -1.61
N PRO G 107 18.24 10.79 -1.09
CA PRO G 107 18.64 11.45 0.13
C PRO G 107 18.86 12.93 -0.11
N GLY G 108 18.72 13.74 0.93
CA GLY G 108 19.16 15.13 0.87
C GLY G 108 20.61 15.19 0.42
N GLY G 109 20.85 15.94 -0.65
CA GLY G 109 22.18 16.14 -1.21
C GLY G 109 22.29 15.82 -2.68
N ILE G 110 21.53 14.84 -3.16
CA ILE G 110 21.57 14.43 -4.57
C ILE G 110 20.16 14.32 -5.13
N PRO G 111 19.75 15.31 -5.95
CA PRO G 111 18.36 15.35 -6.41
C PRO G 111 18.10 14.61 -7.73
N VAL G 112 16.88 14.06 -7.86
CA VAL G 112 16.35 13.61 -9.13
C VAL G 112 14.96 14.26 -9.31
N ALA G 113 14.73 14.86 -10.47
CA ALA G 113 13.41 15.39 -10.80
C ALA G 113 12.57 14.22 -11.28
N THR G 114 11.68 13.74 -10.42
CA THR G 114 10.90 12.54 -10.72
C THR G 114 9.57 12.86 -11.42
N THR G 115 9.28 12.12 -12.48
CA THR G 115 8.08 12.25 -13.30
C THR G 115 7.06 11.18 -12.86
N ALA G 116 5.86 11.23 -13.46
CA ALA G 116 4.87 10.18 -13.25
C ALA G 116 5.35 8.83 -13.75
N ILE G 117 4.72 7.76 -13.26
CA ILE G 117 5.00 6.42 -13.74
C ILE G 117 4.59 6.28 -15.21
N GLY G 118 5.47 5.69 -16.01
CA GLY G 118 5.09 5.23 -17.34
C GLY G 118 5.09 6.30 -18.40
N ALA G 119 4.24 6.10 -19.42
CA ALA G 119 4.23 6.95 -20.60
C ALA G 119 3.99 8.42 -20.27
N ALA G 120 3.08 8.69 -19.34
CA ALA G 120 2.83 10.07 -18.92
C ALA G 120 4.11 10.71 -18.40
N GLY G 121 4.91 9.93 -17.66
CA GLY G 121 6.15 10.44 -17.09
C GLY G 121 7.21 10.70 -18.15
N ALA G 122 7.29 9.81 -19.14
CA ALA G 122 8.23 9.99 -20.25
C ALA G 122 7.85 11.23 -21.07
N LYS G 123 6.57 11.40 -21.36
CA LYS G 123 6.12 12.61 -22.04
C LYS G 123 6.48 13.84 -21.22
N ASN G 124 6.16 13.81 -19.93
CA ASN G 124 6.45 14.94 -19.08
C ASN G 124 7.94 15.26 -18.92
N ALA G 125 8.80 14.23 -19.00
CA ALA G 125 10.23 14.48 -18.96
C ALA G 125 10.69 15.36 -20.13
N GLY G 126 10.17 15.09 -21.33
CA GLY G 126 10.49 15.92 -22.49
C GLY G 126 10.01 17.36 -22.33
N ILE G 127 8.78 17.52 -21.85
CA ILE G 127 8.19 18.84 -21.63
C ILE G 127 8.95 19.58 -20.53
N LEU G 128 9.29 18.88 -19.46
CA LEU G 128 10.04 19.47 -18.35
C LEU G 128 11.41 19.95 -18.82
N ALA G 129 12.09 19.13 -19.63
CA ALA G 129 13.36 19.51 -20.24
C ALA G 129 13.23 20.79 -21.06
N ALA G 130 12.14 20.91 -21.83
CA ALA G 130 11.89 22.14 -22.61
C ALA G 130 11.72 23.35 -21.70
N ARG G 131 10.98 23.17 -20.60
CA ARG G 131 10.81 24.27 -19.64
C ARG G 131 12.15 24.65 -19.02
N MET G 132 12.96 23.68 -18.65
CA MET G 132 14.28 23.96 -18.08
C MET G 132 15.18 24.73 -19.05
N LEU G 133 15.17 24.29 -20.31
CA LEU G 133 16.03 24.88 -21.33
C LEU G 133 15.52 26.26 -21.72
N SER G 134 14.24 26.56 -21.48
CA SER G 134 13.70 27.87 -21.84
C SER G 134 14.26 29.04 -21.01
N ILE G 135 14.87 28.74 -19.87
CA ILE G 135 15.50 29.78 -19.06
C ILE G 135 16.66 30.46 -19.81
N GLN G 136 17.53 29.66 -20.43
CA GLN G 136 18.72 30.14 -21.18
C GLN G 136 18.46 30.30 -22.66
N ASN G 137 17.39 29.65 -23.12
CA ASN G 137 17.00 29.72 -24.51
C ASN G 137 15.60 30.32 -24.64
N PRO G 138 15.53 31.66 -24.80
CA PRO G 138 14.25 32.40 -24.89
C PRO G 138 13.34 32.06 -26.07
N SER G 139 13.87 31.49 -27.15
CA SER G 139 13.05 31.07 -28.30
C SER G 139 12.06 29.95 -27.94
N LEU G 140 12.37 29.22 -26.89
CA LEU G 140 11.51 28.16 -26.40
C LEU G 140 10.26 28.67 -25.70
N VAL G 141 10.33 29.87 -25.13
CA VAL G 141 9.19 30.41 -24.41
C VAL G 141 7.97 30.49 -25.33
N GLU G 142 8.15 31.00 -26.54
CA GLU G 142 7.03 31.06 -27.47
C GLU G 142 6.48 29.69 -27.83
N LYS G 143 7.37 28.70 -28.00
N LYS G 143 7.36 28.70 -28.01
CA LYS G 143 6.95 27.33 -28.27
CA LYS G 143 6.93 27.32 -28.26
C LYS G 143 6.16 26.75 -27.09
C LYS G 143 6.16 26.74 -27.09
N LEU G 144 6.57 27.09 -25.87
CA LEU G 144 5.86 26.65 -24.66
C LEU G 144 4.48 27.30 -24.55
N ASN G 145 4.39 28.58 -24.94
CA ASN G 145 3.10 29.24 -24.98
C ASN G 145 2.17 28.56 -25.98
N GLN G 146 2.71 28.22 -27.16
CA GLN G 146 1.89 27.57 -28.18
C GLN G 146 1.49 26.15 -27.79
N TYR G 147 2.35 25.45 -27.06
CA TYR G 147 2.01 24.14 -26.54
C TYR G 147 0.85 24.25 -25.55
N GLU G 148 0.92 25.23 -24.65
CA GLU G 148 -0.19 25.46 -23.73
C GLU G 148 -1.50 25.72 -24.50
N SER G 149 -1.45 26.52 -25.56
CA SER G 149 -2.63 26.76 -26.39
C SER G 149 -3.16 25.46 -27.00
N SER G 150 -2.26 24.56 -27.37
CA SER G 150 -2.65 23.28 -27.94
C SER G 150 -3.38 22.41 -26.92
N LEU G 151 -3.02 22.52 -25.65
CA LEU G 151 -3.70 21.77 -24.58
C LEU G 151 -5.13 22.28 -24.41
N ILE G 152 -5.31 23.59 -24.45
CA ILE G 152 -6.64 24.20 -24.39
C ILE G 152 -7.48 23.71 -25.59
N GLN G 153 -6.85 23.67 -26.76
CA GLN G 153 -7.53 23.25 -27.98
C GLN G 153 -7.98 21.80 -27.87
N LYS G 154 -7.11 20.94 -27.32
CA LYS G 154 -7.42 19.53 -27.14
C LYS G 154 -8.69 19.37 -26.28
N VAL G 155 -8.78 20.11 -25.19
CA VAL G 155 -9.99 20.03 -24.35
C VAL G 155 -11.24 20.51 -25.10
N GLU G 156 -11.11 21.60 -25.84
CA GLU G 156 -12.23 22.07 -26.67
C GLU G 156 -12.65 20.98 -27.67
N ASP G 157 -11.67 20.31 -28.28
CA ASP G 157 -11.94 19.24 -29.25
C ASP G 157 -12.69 18.06 -28.60
N MET G 158 -12.45 17.83 -27.31
CA MET G 158 -13.08 16.72 -26.59
C MET G 158 -14.52 16.99 -26.17
N GLN G 159 -14.98 18.24 -26.25
CA GLN G 159 -16.31 18.59 -25.74
C GLN G 159 -17.47 17.81 -26.36
N ASN G 160 -17.33 17.46 -27.64
CA ASN G 160 -18.41 16.73 -28.30
C ASN G 160 -18.24 15.20 -28.22
N GLU G 161 -17.33 14.75 -27.34
CA GLU G 161 -17.08 13.31 -27.19
C GLU G 161 -17.70 12.72 -25.93
N LEU G 162 -18.68 13.41 -25.36
CA LEU G 162 -19.42 12.89 -24.23
C LEU G 162 -20.79 12.42 -24.73
N GLN G 163 -20.81 11.94 -25.97
CA GLN G 163 -21.99 11.28 -26.52
C GLN G 163 -22.02 9.91 -25.90
N ALA H 3 -37.37 24.06 9.06
CA ALA H 3 -36.13 24.14 9.87
C ALA H 3 -35.13 23.06 9.45
N MET H 4 -33.86 23.41 9.46
CA MET H 4 -32.77 22.50 9.12
C MET H 4 -32.37 21.68 10.34
N LYS H 5 -31.91 20.45 10.10
CA LYS H 5 -31.38 19.64 11.19
C LYS H 5 -30.41 18.59 10.70
N VAL H 6 -29.28 18.50 11.37
CA VAL H 6 -28.24 17.53 11.06
C VAL H 6 -28.05 16.61 12.27
N ALA H 7 -27.84 15.32 12.02
CA ALA H 7 -27.46 14.40 13.09
C ALA H 7 -26.00 14.07 12.95
N VAL H 8 -25.26 14.18 14.04
CA VAL H 8 -23.84 13.83 14.10
C VAL H 8 -23.72 12.61 15.00
N ILE H 9 -23.33 11.49 14.41
CA ILE H 9 -23.31 10.23 15.15
C ILE H 9 -21.94 9.55 15.10
N MET H 10 -21.72 8.64 16.04
CA MET H 10 -20.42 7.95 16.18
C MET H 10 -20.63 6.76 17.11
N GLY H 11 -19.79 5.73 16.98
CA GLY H 11 -19.97 4.49 17.71
C GLY H 11 -19.48 4.49 19.14
N SER H 12 -18.67 5.50 19.49
CA SER H 12 -18.03 5.54 20.80
C SER H 12 -17.86 6.98 21.27
N SER H 13 -17.89 7.16 22.59
CA SER H 13 -17.51 8.45 23.18
C SER H 13 -16.04 8.79 22.92
N SER H 14 -15.21 7.80 22.62
CA SER H 14 -13.82 8.07 22.25
C SER H 14 -13.69 8.89 20.95
N ASP H 15 -14.76 8.90 20.14
CA ASP H 15 -14.81 9.65 18.88
C ASP H 15 -15.26 11.11 19.05
N TRP H 16 -15.66 11.48 20.27
CA TRP H 16 -16.25 12.80 20.49
CA TRP H 16 -16.25 12.80 20.59
C TRP H 16 -15.31 13.97 20.23
N LYS H 17 -14.05 13.87 20.65
CA LYS H 17 -13.13 15.00 20.41
C LYS H 17 -12.99 15.31 18.91
N ILE H 18 -12.96 14.26 18.09
N ILE H 18 -12.95 14.26 18.09
CA ILE H 18 -12.89 14.41 16.65
CA ILE H 18 -12.87 14.43 16.65
C ILE H 18 -14.20 14.92 16.07
C ILE H 18 -14.19 14.91 16.05
N MET H 19 -15.29 14.26 16.42
CA MET H 19 -16.60 14.61 15.86
C MET H 19 -17.12 15.98 16.29
N GLN H 20 -16.64 16.51 17.41
N GLN H 20 -16.61 16.50 17.40
CA GLN H 20 -17.03 17.87 17.83
CA GLN H 20 -16.97 17.85 17.85
C GLN H 20 -16.64 18.91 16.79
C GLN H 20 -16.63 18.89 16.80
N GLU H 21 -15.63 18.60 15.97
CA GLU H 21 -15.23 19.50 14.88
C GLU H 21 -16.38 19.69 13.89
N SER H 22 -17.16 18.64 13.65
CA SER H 22 -18.34 18.76 12.80
C SER H 22 -19.34 19.73 13.45
N CYS H 23 -19.59 19.49 14.72
CA CYS H 23 -20.55 20.27 15.49
C CYS H 23 -20.15 21.73 15.58
N ASN H 24 -18.85 21.97 15.73
CA ASN H 24 -18.34 23.35 15.77
C ASN H 24 -18.64 24.12 14.50
N MET H 25 -18.50 23.48 13.34
CA MET H 25 -18.82 24.16 12.10
C MET H 25 -20.33 24.34 11.92
N LEU H 26 -21.11 23.36 12.38
CA LEU H 26 -22.55 23.52 12.32
C LEU H 26 -23.01 24.71 13.15
N ASP H 27 -22.40 24.89 14.33
CA ASP H 27 -22.68 26.05 15.15
C ASP H 27 -22.27 27.36 14.49
N TYR H 28 -21.10 27.35 13.87
CA TYR H 28 -20.63 28.50 13.12
C TYR H 28 -21.65 28.97 12.06
N PHE H 29 -22.25 28.02 11.34
CA PHE H 29 -23.25 28.32 10.33
C PHE H 29 -24.69 28.39 10.86
N GLU H 30 -24.83 28.26 12.20
CA GLU H 30 -26.13 28.30 12.89
CA GLU H 30 -26.11 28.27 12.92
C GLU H 30 -27.12 27.24 12.37
N ILE H 31 -26.60 26.05 12.10
CA ILE H 31 -27.41 24.91 11.63
C ILE H 31 -27.68 24.02 12.84
N PRO H 32 -28.96 23.77 13.17
CA PRO H 32 -29.26 22.93 14.33
C PRO H 32 -28.81 21.49 14.12
N TYR H 33 -28.39 20.87 15.22
CA TYR H 33 -27.98 19.48 15.17
C TYR H 33 -28.25 18.74 16.47
N GLU H 34 -28.27 17.42 16.36
CA GLU H 34 -28.20 16.55 17.52
C GLU H 34 -26.95 15.69 17.38
N LYS H 35 -26.30 15.38 18.50
CA LYS H 35 -25.18 14.45 18.48
C LYS H 35 -25.54 13.25 19.32
N GLN H 36 -25.19 12.06 18.84
CA GLN H 36 -25.43 10.85 19.65
C GLN H 36 -24.42 9.76 19.38
N VAL H 37 -24.27 8.88 20.36
CA VAL H 37 -23.52 7.66 20.20
C VAL H 37 -24.46 6.56 19.69
N VAL H 38 -24.12 6.02 18.52
CA VAL H 38 -24.88 4.98 17.83
C VAL H 38 -23.81 4.02 17.29
N SER H 39 -23.79 2.78 17.77
CA SER H 39 -22.76 1.81 17.37
C SER H 39 -23.31 0.78 16.39
N ALA H 40 -22.68 0.66 15.23
CA ALA H 40 -23.08 -0.33 14.24
C ALA H 40 -22.92 -1.76 14.76
N HIS H 41 -21.88 -2.00 15.54
CA HIS H 41 -21.56 -3.38 15.95
C HIS H 41 -22.04 -3.76 17.33
N ARG H 42 -22.06 -2.78 18.24
CA ARG H 42 -22.51 -3.05 19.62
C ARG H 42 -24.01 -2.80 19.80
N THR H 43 -24.58 -1.91 19.01
CA THR H 43 -26.02 -1.67 19.08
C THR H 43 -26.65 -1.69 17.68
N PRO H 44 -26.53 -2.83 16.98
CA PRO H 44 -27.02 -2.86 15.59
C PRO H 44 -28.52 -2.56 15.42
N LYS H 45 -29.36 -3.08 16.30
CA LYS H 45 -30.80 -2.78 16.22
C LYS H 45 -31.12 -1.30 16.50
N MET H 46 -30.41 -0.69 17.44
N MET H 46 -30.39 -0.69 17.44
CA MET H 46 -30.61 0.74 17.69
CA MET H 46 -30.53 0.75 17.71
C MET H 46 -30.17 1.54 16.47
C MET H 46 -30.08 1.56 16.50
N MET H 47 -29.06 1.13 15.86
N MET H 47 -29.02 1.11 15.83
CA MET H 47 -28.59 1.78 14.65
CA MET H 47 -28.59 1.79 14.61
C MET H 47 -29.64 1.72 13.53
C MET H 47 -29.67 1.74 13.54
N VAL H 48 -30.26 0.56 13.36
CA VAL H 48 -31.29 0.38 12.34
C VAL H 48 -32.47 1.32 12.60
N GLN H 49 -32.92 1.39 13.85
CA GLN H 49 -34.01 2.28 14.23
C GLN H 49 -33.66 3.75 14.01
N PHE H 50 -32.46 4.14 14.44
CA PHE H 50 -32.02 5.52 14.23
C PHE H 50 -32.06 5.91 12.76
N ALA H 51 -31.46 5.07 11.91
CA ALA H 51 -31.38 5.41 10.49
C ALA H 51 -32.75 5.39 9.83
N SER H 52 -33.56 4.39 10.14
N SER H 52 -33.56 4.40 10.14
CA SER H 52 -34.89 4.24 9.53
CA SER H 52 -34.87 4.25 9.51
C SER H 52 -35.80 5.42 9.85
C SER H 52 -35.84 5.38 9.87
N GLU H 53 -35.72 5.89 11.09
CA GLU H 53 -36.59 6.97 11.59
C GLU H 53 -36.07 8.38 11.40
N ALA H 54 -34.83 8.53 10.96
CA ALA H 54 -34.20 9.85 10.89
C ALA H 54 -35.00 10.86 10.09
N ARG H 55 -35.41 10.48 8.88
CA ARG H 55 -36.10 11.42 8.00
C ARG H 55 -37.43 11.87 8.58
N GLU H 56 -38.21 10.91 9.09
N GLU H 56 -38.22 10.92 9.08
CA GLU H 56 -39.52 11.22 9.68
CA GLU H 56 -39.52 11.24 9.68
C GLU H 56 -39.39 12.11 10.93
C GLU H 56 -39.39 12.12 10.92
N ARG H 57 -38.23 12.03 11.60
CA ARG H 57 -37.94 12.86 12.77
C ARG H 57 -37.36 14.24 12.42
N GLY H 58 -37.31 14.57 11.13
CA GLY H 58 -36.89 15.89 10.70
C GLY H 58 -35.39 16.08 10.44
N ILE H 59 -34.63 15.00 10.50
CA ILE H 59 -33.22 15.08 10.13
C ILE H 59 -33.10 15.22 8.60
N ASN H 60 -32.19 16.10 8.16
CA ASN H 60 -31.97 16.35 6.73
C ASN H 60 -30.69 15.69 6.22
N ILE H 61 -29.69 15.62 7.09
CA ILE H 61 -28.35 15.09 6.73
C ILE H 61 -27.83 14.34 7.94
N ILE H 62 -27.17 13.20 7.71
CA ILE H 62 -26.49 12.49 8.78
C ILE H 62 -25.00 12.50 8.53
N ILE H 63 -24.24 12.95 9.53
CA ILE H 63 -22.78 12.85 9.54
C ILE H 63 -22.43 11.71 10.48
N ALA H 64 -21.71 10.70 9.99
CA ALA H 64 -21.39 9.52 10.79
C ALA H 64 -19.89 9.30 10.78
N GLY H 65 -19.27 9.27 11.96
CA GLY H 65 -17.85 8.94 12.12
C GLY H 65 -17.66 7.51 12.57
N ALA H 66 -16.63 6.86 12.02
CA ALA H 66 -16.30 5.47 12.39
C ALA H 66 -14.86 5.14 12.06
N GLY H 67 -14.27 4.22 12.83
CA GLY H 67 -12.88 3.81 12.62
C GLY H 67 -12.73 2.30 12.48
N GLY H 68 -11.62 1.88 11.90
CA GLY H 68 -11.30 0.45 11.77
C GLY H 68 -12.15 -0.18 10.70
N ALA H 69 -12.85 -1.25 11.07
CA ALA H 69 -13.91 -1.82 10.26
C ALA H 69 -15.12 -0.89 10.38
N ALA H 70 -15.08 0.18 9.60
CA ALA H 70 -15.96 1.33 9.78
C ALA H 70 -17.21 1.15 8.95
N HIS H 71 -18.22 0.57 9.59
CA HIS H 71 -19.44 0.18 8.90
C HIS H 71 -20.60 1.13 9.14
N LEU H 72 -20.48 1.98 10.16
CA LEU H 72 -21.62 2.82 10.53
C LEU H 72 -22.17 3.72 9.41
N PRO H 73 -21.30 4.46 8.69
CA PRO H 73 -21.85 5.35 7.66
C PRO H 73 -22.56 4.58 6.57
N GLY H 74 -21.96 3.49 6.09
CA GLY H 74 -22.53 2.74 4.98
C GLY H 74 -23.83 2.05 5.35
N MET H 75 -23.92 1.53 6.59
CA MET H 75 -25.14 0.89 7.05
C MET H 75 -26.26 1.88 7.29
N VAL H 76 -25.93 3.02 7.87
CA VAL H 76 -26.93 4.10 8.01
C VAL H 76 -27.42 4.55 6.63
N ALA H 77 -26.48 4.75 5.70
CA ALA H 77 -26.88 5.14 4.35
C ALA H 77 -27.84 4.15 3.68
N SER H 78 -27.68 2.87 3.98
CA SER H 78 -28.49 1.81 3.36
C SER H 78 -29.93 1.81 3.88
N LEU H 79 -30.16 2.54 4.98
CA LEU H 79 -31.41 2.49 5.72
C LEU H 79 -32.15 3.81 5.76
N THR H 80 -31.67 4.79 4.99
CA THR H 80 -32.30 6.11 4.89
C THR H 80 -32.24 6.63 3.45
N THR H 81 -33.16 7.53 3.09
CA THR H 81 -33.07 8.22 1.80
C THR H 81 -32.32 9.55 1.93
N LEU H 82 -31.90 9.87 3.15
CA LEU H 82 -31.12 11.08 3.40
C LEU H 82 -29.67 10.91 2.96
N PRO H 83 -29.03 12.02 2.59
CA PRO H 83 -27.59 11.97 2.34
C PRO H 83 -26.79 11.71 3.62
N VAL H 84 -25.80 10.84 3.51
CA VAL H 84 -24.96 10.48 4.64
C VAL H 84 -23.51 10.84 4.32
N ILE H 85 -22.88 11.57 5.24
CA ILE H 85 -21.48 11.96 5.14
C ILE H 85 -20.69 11.10 6.11
N GLY H 86 -19.66 10.40 5.61
CA GLY H 86 -18.88 9.51 6.44
C GLY H 86 -17.51 10.06 6.74
N VAL H 87 -17.15 10.09 8.01
CA VAL H 87 -15.84 10.59 8.48
C VAL H 87 -15.00 9.42 8.95
N PRO H 88 -13.91 9.11 8.25
CA PRO H 88 -13.02 8.05 8.73
C PRO H 88 -12.21 8.50 9.94
N ILE H 89 -12.32 7.76 11.03
CA ILE H 89 -11.58 8.08 12.27
C ILE H 89 -10.22 7.39 12.23
N GLU H 90 -9.18 8.13 12.62
CA GLU H 90 -7.82 7.60 12.56
C GLU H 90 -7.69 6.42 13.49
N THR H 91 -6.97 5.39 13.05
N THR H 91 -6.95 5.41 13.04
CA THR H 91 -6.73 4.26 13.92
CA THR H 91 -6.70 4.20 13.82
C THR H 91 -5.26 4.25 14.29
C THR H 91 -5.22 4.03 14.15
N LYS H 92 -4.92 3.45 15.31
CA LYS H 92 -3.56 3.37 15.81
C LYS H 92 -2.61 2.58 14.91
N SER H 93 -3.04 1.39 14.46
CA SER H 93 -2.18 0.59 13.59
C SER H 93 -2.11 1.16 12.19
N LEU H 94 -3.28 1.35 11.57
CA LEU H 94 -3.33 1.60 10.14
C LEU H 94 -3.63 3.05 9.75
N LYS H 95 -3.55 3.94 10.73
CA LYS H 95 -3.56 5.39 10.47
C LYS H 95 -4.85 5.84 9.76
N GLY H 96 -5.93 5.11 10.00
CA GLY H 96 -7.21 5.40 9.38
C GLY H 96 -7.37 4.91 7.95
N ILE H 97 -6.39 4.17 7.42
CA ILE H 97 -6.53 3.62 6.07
C ILE H 97 -7.64 2.56 6.01
N ASP H 98 -7.73 1.73 7.06
CA ASP H 98 -8.83 0.79 7.18
C ASP H 98 -10.16 1.54 7.25
N SER H 99 -10.21 2.59 8.07
CA SER H 99 -11.40 3.42 8.20
C SER H 99 -11.82 3.99 6.87
N LEU H 100 -10.85 4.53 6.13
CA LEU H 100 -11.13 5.18 4.85
C LEU H 100 -11.70 4.21 3.83
N LEU H 101 -11.04 3.06 3.66
CA LEU H 101 -11.48 2.11 2.63
C LEU H 101 -12.82 1.48 2.96
N SER H 102 -13.04 1.21 4.25
N SER H 102 -13.06 1.22 4.24
CA SER H 102 -14.30 0.64 4.73
CA SER H 102 -14.32 0.60 4.66
C SER H 102 -15.50 1.57 4.50
C SER H 102 -15.51 1.58 4.63
N ILE H 103 -15.23 2.86 4.45
CA ILE H 103 -16.28 3.88 4.26
C ILE H 103 -16.45 4.26 2.79
N VAL H 104 -15.36 4.60 2.11
CA VAL H 104 -15.49 5.19 0.77
C VAL H 104 -15.89 4.21 -0.32
N GLN H 105 -15.44 2.95 -0.19
CA GLN H 105 -15.57 1.97 -1.27
C GLN H 105 -16.94 1.31 -1.40
N MET H 106 -18.00 2.06 -1.14
CA MET H 106 -19.36 1.55 -1.34
C MET H 106 -19.61 1.11 -2.78
N PRO H 107 -20.04 -0.14 -2.96
CA PRO H 107 -20.48 -0.55 -4.31
C PRO H 107 -21.64 0.30 -4.84
N GLY H 108 -21.79 0.33 -6.17
CA GLY H 108 -22.86 1.10 -6.79
C GLY H 108 -24.22 0.72 -6.22
N GLY H 109 -25.01 1.74 -5.88
CA GLY H 109 -26.34 1.56 -5.34
C GLY H 109 -26.63 2.37 -4.09
N ILE H 110 -25.69 2.38 -3.15
CA ILE H 110 -25.87 3.11 -1.88
C ILE H 110 -24.63 4.00 -1.68
N PRO H 111 -24.80 5.34 -1.72
CA PRO H 111 -23.65 6.24 -1.63
C PRO H 111 -23.33 6.65 -0.19
N VAL H 112 -22.06 6.89 0.07
CA VAL H 112 -21.64 7.66 1.24
C VAL H 112 -20.70 8.77 0.77
N ALA H 113 -20.95 10.00 1.21
CA ALA H 113 -20.08 11.13 0.90
C ALA H 113 -18.93 11.10 1.89
N THR H 114 -17.74 10.76 1.44
CA THR H 114 -16.62 10.55 2.38
C THR H 114 -15.70 11.75 2.43
N THR H 115 -15.29 12.13 3.63
CA THR H 115 -14.31 13.19 3.77
C THR H 115 -12.98 12.63 4.26
N ALA H 116 -12.03 13.54 4.52
CA ALA H 116 -10.67 13.17 4.92
C ALA H 116 -10.62 12.42 6.23
N ILE H 117 -9.53 11.70 6.44
CA ILE H 117 -9.26 11.02 7.70
CA ILE H 117 -9.29 11.02 7.71
C ILE H 117 -9.16 12.03 8.85
N GLY H 118 -9.85 11.75 9.94
CA GLY H 118 -9.69 12.51 11.18
C GLY H 118 -10.31 13.88 11.27
N ALA H 119 -9.67 14.75 12.04
CA ALA H 119 -10.22 16.05 12.40
C ALA H 119 -10.57 16.91 11.18
N ALA H 120 -9.71 16.88 10.17
CA ALA H 120 -9.96 17.62 8.93
C ALA H 120 -11.25 17.14 8.28
N GLY H 121 -11.45 15.83 8.27
CA GLY H 121 -12.68 15.25 7.71
C GLY H 121 -13.90 15.62 8.53
N ALA H 122 -13.76 15.61 9.86
CA ALA H 122 -14.86 16.00 10.73
C ALA H 122 -15.25 17.46 10.50
N LYS H 123 -14.25 18.34 10.46
CA LYS H 123 -14.52 19.74 10.17
C LYS H 123 -15.22 19.88 8.81
N ASN H 124 -14.70 19.17 7.81
CA ASN H 124 -15.28 19.24 6.48
C ASN H 124 -16.68 18.65 6.32
N ALA H 125 -17.01 17.66 7.15
CA ALA H 125 -18.38 17.14 7.14
C ALA H 125 -19.38 18.24 7.53
N GLY H 126 -19.05 19.03 8.54
CA GLY H 126 -19.92 20.13 8.96
C GLY H 126 -20.04 21.19 7.86
N ILE H 127 -18.91 21.53 7.25
CA ILE H 127 -18.92 22.50 6.16
C ILE H 127 -19.69 21.97 4.94
N LEU H 128 -19.48 20.70 4.61
CA LEU H 128 -20.20 20.09 3.51
C LEU H 128 -21.71 20.09 3.75
N ALA H 129 -22.12 19.80 4.99
CA ALA H 129 -23.53 19.89 5.34
C ALA H 129 -24.09 21.30 5.07
N ALA H 130 -23.32 22.32 5.47
CA ALA H 130 -23.71 23.71 5.18
C ALA H 130 -23.83 23.98 3.69
N ARG H 131 -22.86 23.50 2.89
CA ARG H 131 -22.97 23.67 1.44
C ARG H 131 -24.20 22.96 0.88
N MET H 132 -24.50 21.78 1.39
CA MET H 132 -25.68 21.06 0.94
C MET H 132 -26.96 21.83 1.23
N LEU H 133 -27.01 22.44 2.42
CA LEU H 133 -28.20 23.17 2.82
C LEU H 133 -28.29 24.55 2.18
N SER H 134 -27.20 24.99 1.55
CA SER H 134 -27.13 26.34 0.97
C SER H 134 -27.78 26.46 -0.40
N ILE H 135 -28.22 25.34 -0.98
CA ILE H 135 -28.76 25.37 -2.33
C ILE H 135 -29.97 26.29 -2.37
N GLN H 136 -29.89 27.31 -3.23
CA GLN H 136 -30.89 28.37 -3.35
C GLN H 136 -31.28 28.97 -1.98
N ASN H 137 -30.29 29.14 -1.11
CA ASN H 137 -30.51 29.70 0.22
C ASN H 137 -29.55 30.85 0.48
N PRO H 138 -29.96 32.09 0.12
CA PRO H 138 -29.00 33.20 0.11
C PRO H 138 -28.35 33.46 1.48
N SER H 139 -29.08 33.26 2.57
CA SER H 139 -28.55 33.49 3.92
CA SER H 139 -28.52 33.52 3.91
C SER H 139 -27.34 32.60 4.19
N LEU H 140 -27.45 31.31 3.85
CA LEU H 140 -26.32 30.38 4.00
C LEU H 140 -25.22 30.68 3.00
N VAL H 141 -25.60 31.04 1.76
CA VAL H 141 -24.61 31.45 0.77
C VAL H 141 -23.78 32.64 1.27
N GLU H 142 -24.44 33.63 1.88
CA GLU H 142 -23.73 34.73 2.50
C GLU H 142 -22.76 34.26 3.57
N LYS H 143 -23.22 33.37 4.46
CA LYS H 143 -22.36 32.82 5.52
C LYS H 143 -21.17 32.05 4.93
N LEU H 144 -21.40 31.30 3.87
CA LEU H 144 -20.32 30.55 3.24
C LEU H 144 -19.31 31.49 2.57
N ASN H 145 -19.82 32.60 2.02
CA ASN H 145 -18.95 33.59 1.40
CA ASN H 145 -18.96 33.62 1.40
C ASN H 145 -18.10 34.29 2.45
N GLN H 146 -18.70 34.61 3.60
CA GLN H 146 -17.94 35.18 4.72
C GLN H 146 -16.88 34.21 5.23
N TYR H 147 -17.21 32.91 5.24
CA TYR H 147 -16.24 31.87 5.62
C TYR H 147 -15.06 31.82 4.65
N GLU H 148 -15.35 31.86 3.35
CA GLU H 148 -14.31 32.00 2.33
C GLU H 148 -13.36 33.20 2.67
N SER H 149 -13.95 34.33 2.99
CA SER H 149 -13.16 35.51 3.34
C SER H 149 -12.20 35.25 4.51
N SER H 150 -12.65 34.48 5.50
CA SER H 150 -11.79 34.13 6.64
CA SER H 150 -11.80 34.12 6.64
C SER H 150 -10.64 33.20 6.21
N LEU H 151 -10.91 32.32 5.25
CA LEU H 151 -9.87 31.42 4.72
C LEU H 151 -8.80 32.22 3.98
N ILE H 152 -9.23 33.19 3.18
CA ILE H 152 -8.29 34.07 2.46
C ILE H 152 -7.45 34.89 3.45
N GLN H 153 -8.11 35.41 4.48
CA GLN H 153 -7.43 36.22 5.51
C GLN H 153 -6.36 35.41 6.24
N LYS H 154 -6.70 34.15 6.56
CA LYS H 154 -5.80 33.22 7.24
C LYS H 154 -4.47 33.10 6.48
N VAL H 155 -4.55 32.94 5.17
CA VAL H 155 -3.35 32.83 4.33
C VAL H 155 -2.58 34.15 4.27
N GLU H 156 -3.29 35.25 4.09
CA GLU H 156 -2.66 36.58 4.01
CA GLU H 156 -2.65 36.57 4.01
C GLU H 156 -1.88 36.90 5.28
N ASP H 157 -2.40 36.44 6.42
CA ASP H 157 -1.76 36.64 7.71
C ASP H 157 -0.44 35.86 7.82
N MET H 158 -0.37 34.73 7.14
CA MET H 158 0.79 33.83 7.20
C MET H 158 2.00 34.34 6.42
N GLN H 159 1.79 35.39 5.62
CA GLN H 159 2.86 35.97 4.80
C GLN H 159 4.09 36.44 5.59
N ASN H 160 3.89 36.68 6.90
CA ASN H 160 4.95 37.18 7.77
C ASN H 160 5.49 36.14 8.76
N GLU H 161 4.93 34.93 8.71
CA GLU H 161 5.30 33.87 9.64
C GLU H 161 6.41 32.95 9.09
N LEU H 162 7.05 33.39 8.01
CA LEU H 162 8.15 32.64 7.41
C LEU H 162 9.49 33.05 8.00
S SO4 I . -5.78 16.56 -17.05
O1 SO4 I . -4.67 17.09 -17.84
O2 SO4 I . -6.97 16.61 -17.91
O3 SO4 I . -5.55 15.20 -16.62
O4 SO4 I . -6.02 17.44 -15.90
S SO4 J . -27.65 -2.77 -10.85
O1 SO4 J . -26.38 -2.67 -11.56
O2 SO4 J . -28.76 -2.59 -11.78
O3 SO4 J . -27.74 -4.09 -10.21
O4 SO4 J . -27.72 -1.73 -9.82
S SO4 K . -6.58 12.48 -23.22
O1 SO4 K . -5.58 13.25 -23.96
O2 SO4 K . -7.34 11.64 -24.15
O3 SO4 K . -5.94 11.63 -22.22
O4 SO4 K . -7.49 13.42 -22.57
S SO4 L . -25.28 26.87 -17.99
O1 SO4 L . -24.02 27.58 -17.78
O2 SO4 L . -25.17 26.01 -19.17
O3 SO4 L . -25.58 26.06 -16.79
O4 SO4 L . -26.38 27.83 -18.19
S SO4 M . -40.98 19.50 -5.58
O1 SO4 M . -41.05 19.72 -7.02
O2 SO4 M . -42.27 19.02 -5.10
O3 SO4 M . -39.94 18.53 -5.31
O4 SO4 M . -40.65 20.76 -4.91
S SO4 N . 9.94 -16.35 16.03
O1 SO4 N . 11.39 -16.55 15.93
O2 SO4 N . 9.25 -17.23 15.10
O3 SO4 N . 9.55 -16.72 17.40
O4 SO4 N . 9.58 -14.97 15.78
S SO4 O . -23.20 -4.97 -1.97
O1 SO4 O . -21.84 -5.50 -1.99
O2 SO4 O . -23.76 -4.95 -3.32
O3 SO4 O . -24.05 -5.88 -1.18
O4 SO4 O . -23.16 -3.63 -1.42
S SO4 P . -6.97 -28.67 -5.37
O1 SO4 P . -5.64 -29.25 -5.45
O2 SO4 P . -7.96 -29.71 -5.69
O3 SO4 P . -7.18 -28.17 -4.01
O4 SO4 P . -7.09 -27.57 -6.33
S SO4 Q . 0.75 -23.78 -0.47
O1 SO4 Q . -0.04 -23.35 0.67
O2 SO4 Q . -0.06 -24.51 -1.45
O3 SO4 Q . 1.29 -22.60 -1.14
O4 SO4 Q . 1.87 -24.58 0.03
S SO4 R . 18.33 -12.05 -20.27
O1 SO4 R . 19.76 -11.85 -20.46
O2 SO4 R . 18.00 -13.45 -20.47
O3 SO4 R . 17.96 -11.65 -18.91
O4 SO4 R . 17.60 -11.22 -21.23
S SO4 S . 36.53 -26.16 -8.02
O1 SO4 S . 37.71 -26.13 -8.88
O2 SO4 S . 35.70 -27.28 -8.39
O3 SO4 S . 36.96 -26.29 -6.63
O4 SO4 S . 35.78 -24.92 -8.17
S SO4 T . 19.02 -36.28 -2.33
O1 SO4 T . 19.99 -37.39 -2.37
O2 SO4 T . 18.13 -36.39 -3.48
O3 SO4 T . 18.23 -36.33 -1.10
O4 SO4 T . 19.76 -35.02 -2.38
S SO4 U . 23.44 8.31 0.64
O1 SO4 U . 23.69 7.44 -0.50
O2 SO4 U . 22.12 8.02 1.20
O3 SO4 U . 24.45 8.02 1.67
O4 SO4 U . 23.56 9.71 0.25
S SO4 V . -4.62 24.34 1.91
O1 SO4 V . -4.55 24.10 0.47
O2 SO4 V . -5.97 24.74 2.28
O3 SO4 V . -4.21 23.13 2.64
O4 SO4 V . -3.66 25.39 2.19
S SO4 W . -2.88 25.73 8.69
O1 SO4 W . -2.28 26.26 7.47
O2 SO4 W . -4.17 26.38 8.89
O3 SO4 W . -3.07 24.29 8.57
O4 SO4 W . -2.02 26.02 9.84
S SO4 X . 18.26 -3.13 -15.26
O1 SO4 X . 19.33 -2.18 -15.54
O2 SO4 X . 16.98 -2.41 -15.14
O3 SO4 X . 18.13 -4.08 -16.37
O4 SO4 X . 18.57 -3.82 -14.02
S SO4 Y . 30.34 17.63 -14.37
O1 SO4 Y . 30.66 16.39 -15.07
O2 SO4 Y . 28.89 17.79 -14.34
O3 SO4 Y . 30.85 17.55 -13.00
O4 SO4 Y . 30.95 18.76 -15.06
S SO4 Z . -18.00 -0.38 17.21
O1 SO4 Z . -16.65 -0.13 16.77
O2 SO4 Z . -18.89 -0.54 16.06
O3 SO4 Z . -18.05 -1.58 18.04
O4 SO4 Z . -18.49 0.75 18.00
#